data_2CRG
#
_entry.id   2CRG
#
_entity_poly.entity_id   1
_entity_poly.type   'polypeptide(L)'
_entity_poly.pdbx_seq_one_letter_code
;GSSGSSGMEEWSASEACLFEEALEKYGKDFNDIRQDFLPWKSLTSIIEYYYMWKTTDRYVQQKRSGPSSG
;
_entity_poly.pdbx_strand_id   A
#
# COMPACT_ATOMS: atom_id res chain seq x y z
N GLY A 1 20.10 11.69 -10.22
CA GLY A 1 19.05 11.07 -9.44
C GLY A 1 19.05 9.56 -9.56
N SER A 2 19.29 8.87 -8.44
CA SER A 2 19.32 7.41 -8.43
C SER A 2 18.64 6.87 -7.18
N SER A 3 18.41 5.56 -7.16
CA SER A 3 17.77 4.91 -6.02
C SER A 3 18.46 3.58 -5.70
N GLY A 4 18.30 3.13 -4.46
CA GLY A 4 18.91 1.87 -4.05
C GLY A 4 18.26 1.31 -2.81
N SER A 5 17.78 0.07 -2.90
CA SER A 5 17.14 -0.59 -1.78
C SER A 5 18.02 -0.53 -0.53
N SER A 6 17.67 0.35 0.40
CA SER A 6 18.43 0.51 1.63
C SER A 6 17.59 1.19 2.71
N GLY A 7 17.94 0.94 3.96
CA GLY A 7 17.20 1.53 5.06
C GLY A 7 15.80 0.99 5.19
N MET A 8 14.81 1.87 5.04
CA MET A 8 13.41 1.46 5.14
C MET A 8 12.59 2.07 4.00
N GLU A 9 11.82 1.23 3.32
CA GLU A 9 10.98 1.67 2.21
C GLU A 9 10.27 2.97 2.55
N GLU A 10 10.23 3.89 1.59
CA GLU A 10 9.57 5.18 1.80
C GLU A 10 8.73 5.56 0.58
N TRP A 11 7.42 5.46 0.71
CA TRP A 11 6.51 5.81 -0.37
C TRP A 11 6.09 7.27 -0.30
N SER A 12 5.35 7.71 -1.30
CA SER A 12 4.88 9.10 -1.36
C SER A 12 3.36 9.16 -1.30
N ALA A 13 2.85 10.23 -0.69
CA ALA A 13 1.41 10.42 -0.57
C ALA A 13 0.68 9.98 -1.84
N SER A 14 1.12 10.52 -2.98
CA SER A 14 0.50 10.18 -4.26
C SER A 14 0.58 8.68 -4.52
N GLU A 15 1.75 8.11 -4.30
CA GLU A 15 1.96 6.68 -4.51
C GLU A 15 0.99 5.86 -3.66
N ALA A 16 0.90 6.20 -2.38
CA ALA A 16 0.01 5.49 -1.47
C ALA A 16 -1.41 5.44 -2.02
N CYS A 17 -1.97 6.61 -2.31
CA CYS A 17 -3.32 6.69 -2.85
C CYS A 17 -3.48 5.82 -4.09
N LEU A 18 -2.50 5.88 -4.98
CA LEU A 18 -2.52 5.08 -6.20
C LEU A 18 -2.80 3.62 -5.90
N PHE A 19 -2.08 3.07 -4.92
CA PHE A 19 -2.25 1.68 -4.53
C PHE A 19 -3.69 1.41 -4.08
N GLU A 20 -4.10 2.08 -3.00
CA GLU A 20 -5.44 1.91 -2.47
C GLU A 20 -6.47 1.82 -3.60
N GLU A 21 -6.55 2.88 -4.42
CA GLU A 21 -7.49 2.92 -5.53
C GLU A 21 -7.24 1.76 -6.48
N ALA A 22 -6.00 1.29 -6.54
CA ALA A 22 -5.63 0.18 -7.41
C ALA A 22 -6.33 -1.10 -6.99
N LEU A 23 -6.50 -1.29 -5.68
CA LEU A 23 -7.15 -2.47 -5.15
C LEU A 23 -8.65 -2.45 -5.44
N GLU A 24 -9.29 -1.35 -5.10
CA GLU A 24 -10.73 -1.21 -5.33
C GLU A 24 -11.06 -1.34 -6.81
N LYS A 25 -10.15 -0.89 -7.66
CA LYS A 25 -10.34 -0.97 -9.10
C LYS A 25 -9.95 -2.34 -9.63
N TYR A 26 -8.68 -2.69 -9.49
CA TYR A 26 -8.17 -3.98 -9.96
C TYR A 26 -8.42 -5.07 -8.91
N GLY A 27 -7.77 -4.94 -7.77
CA GLY A 27 -7.94 -5.93 -6.71
C GLY A 27 -6.64 -6.60 -6.33
N LYS A 28 -6.72 -7.87 -5.93
CA LYS A 28 -5.53 -8.63 -5.54
C LYS A 28 -4.73 -9.05 -6.77
N ASP A 29 -4.47 -8.09 -7.66
CA ASP A 29 -3.70 -8.37 -8.87
C ASP A 29 -2.53 -7.40 -9.00
N PHE A 30 -1.54 -7.56 -8.12
CA PHE A 30 -0.37 -6.70 -8.14
C PHE A 30 0.17 -6.55 -9.56
N ASN A 31 0.04 -7.60 -10.35
CA ASN A 31 0.51 -7.58 -11.74
C ASN A 31 -0.19 -6.50 -12.54
N ASP A 32 -1.52 -6.62 -12.64
CA ASP A 32 -2.31 -5.65 -13.39
C ASP A 32 -1.95 -4.22 -12.98
N ILE A 33 -1.72 -4.01 -11.69
CA ILE A 33 -1.36 -2.69 -11.18
C ILE A 33 0.05 -2.31 -11.61
N ARG A 34 1.03 -3.03 -11.08
CA ARG A 34 2.43 -2.76 -11.40
C ARG A 34 2.62 -2.60 -12.91
N GLN A 35 1.69 -3.15 -13.68
CA GLN A 35 1.74 -3.07 -15.13
C GLN A 35 1.56 -1.63 -15.61
N ASP A 36 0.38 -1.08 -15.36
CA ASP A 36 0.08 0.29 -15.77
C ASP A 36 0.14 1.23 -14.57
N PHE A 37 -0.70 0.97 -13.58
CA PHE A 37 -0.74 1.80 -12.38
C PHE A 37 0.66 2.28 -12.00
N LEU A 38 1.54 1.35 -11.69
CA LEU A 38 2.91 1.68 -11.30
C LEU A 38 3.90 0.75 -12.01
N PRO A 39 4.40 1.21 -13.17
CA PRO A 39 5.38 0.45 -13.96
C PRO A 39 6.74 0.37 -13.28
N TRP A 40 7.21 1.50 -12.78
CA TRP A 40 8.50 1.56 -12.10
C TRP A 40 8.50 0.68 -10.86
N LYS A 41 7.48 0.81 -10.04
CA LYS A 41 7.35 0.03 -8.81
C LYS A 41 7.47 -1.46 -9.10
N SER A 42 7.86 -2.23 -8.09
CA SER A 42 8.01 -3.67 -8.24
C SER A 42 6.72 -4.39 -7.85
N LEU A 43 6.65 -5.68 -8.18
CA LEU A 43 5.48 -6.49 -7.87
C LEU A 43 5.30 -6.61 -6.35
N THR A 44 6.29 -7.20 -5.69
CA THR A 44 6.24 -7.38 -4.24
C THR A 44 6.29 -6.03 -3.52
N SER A 45 7.24 -5.19 -3.91
CA SER A 45 7.40 -3.88 -3.29
C SER A 45 6.05 -3.24 -3.03
N ILE A 46 5.14 -3.36 -3.99
CA ILE A 46 3.80 -2.79 -3.87
C ILE A 46 3.00 -3.53 -2.80
N ILE A 47 3.20 -4.83 -2.71
CA ILE A 47 2.49 -5.66 -1.74
C ILE A 47 2.86 -5.26 -0.31
N GLU A 48 4.16 -5.23 -0.03
CA GLU A 48 4.65 -4.86 1.29
C GLU A 48 3.75 -3.81 1.93
N TYR A 49 3.56 -2.70 1.22
CA TYR A 49 2.73 -1.61 1.73
C TYR A 49 1.40 -2.13 2.24
N TYR A 50 0.72 -2.93 1.41
CA TYR A 50 -0.58 -3.50 1.79
C TYR A 50 -0.62 -3.82 3.28
N TYR A 51 0.40 -4.53 3.75
CA TYR A 51 0.49 -4.90 5.16
C TYR A 51 0.44 -3.67 6.06
N MET A 52 1.33 -2.72 5.78
CA MET A 52 1.40 -1.48 6.56
C MET A 52 0.06 -0.76 6.55
N TRP A 53 -0.69 -0.93 5.46
CA TRP A 53 -2.00 -0.29 5.33
C TRP A 53 -3.04 -1.00 6.19
N LYS A 54 -3.02 -2.33 6.17
CA LYS A 54 -3.95 -3.12 6.95
C LYS A 54 -3.62 -3.06 8.43
N THR A 55 -2.35 -2.81 8.74
CA THR A 55 -1.90 -2.73 10.12
C THR A 55 -2.03 -1.31 10.66
N THR A 56 -2.79 -0.49 9.95
CA THR A 56 -3.00 0.90 10.35
C THR A 56 -3.80 0.98 11.65
N ASP A 57 -4.11 2.20 12.07
CA ASP A 57 -4.87 2.41 13.30
C ASP A 57 -4.06 2.01 14.52
N ARG A 58 -2.75 2.20 14.44
CA ARG A 58 -1.85 1.86 15.54
C ARG A 58 -1.55 3.08 16.39
N TYR A 59 -2.22 3.19 17.52
CA TYR A 59 -2.03 4.32 18.44
C TYR A 59 -1.72 5.60 17.65
N VAL A 60 -2.58 5.91 16.68
CA VAL A 60 -2.40 7.11 15.87
C VAL A 60 -2.92 8.35 16.59
N GLN A 61 -3.94 8.16 17.42
CA GLN A 61 -4.53 9.27 18.17
C GLN A 61 -3.92 9.36 19.56
N GLN A 62 -4.08 10.52 20.20
CA GLN A 62 -3.55 10.74 21.54
C GLN A 62 -4.53 10.25 22.60
N LYS A 63 -4.00 9.98 23.79
CA LYS A 63 -4.82 9.50 24.90
C LYS A 63 -5.78 10.58 25.36
N ARG A 64 -6.89 10.16 25.98
CA ARG A 64 -7.90 11.10 26.46
C ARG A 64 -8.66 10.50 27.64
N SER A 65 -9.11 11.37 28.55
CA SER A 65 -9.85 10.92 29.73
C SER A 65 -11.30 10.65 29.39
N GLY A 66 -11.94 9.81 30.20
CA GLY A 66 -13.33 9.47 29.97
C GLY A 66 -14.22 9.80 31.15
N PRO A 67 -15.39 9.15 31.22
CA PRO A 67 -16.35 9.37 32.31
C PRO A 67 -15.85 8.82 33.64
N SER A 68 -14.87 7.92 33.58
CA SER A 68 -14.32 7.33 34.78
C SER A 68 -15.42 6.85 35.72
N SER A 69 -16.44 6.21 35.15
CA SER A 69 -17.56 5.71 35.93
C SER A 69 -17.29 4.29 36.42
N GLY A 70 -17.38 4.09 37.74
CA GLY A 70 -17.14 2.78 38.31
C GLY A 70 -16.02 2.79 39.33
N GLY A 1 17.88 12.26 8.68
CA GLY A 1 18.00 10.82 8.80
C GLY A 1 16.99 10.23 9.76
N SER A 2 15.93 9.66 9.21
CA SER A 2 14.87 9.06 10.02
C SER A 2 15.12 7.57 10.24
N SER A 3 14.74 7.08 11.41
CA SER A 3 14.93 5.67 11.75
C SER A 3 13.64 4.89 11.57
N GLY A 4 13.53 4.20 10.45
CA GLY A 4 12.34 3.41 10.16
C GLY A 4 12.14 2.29 11.18
N SER A 5 11.61 1.17 10.70
CA SER A 5 11.36 0.02 11.58
C SER A 5 11.93 -1.25 10.97
N SER A 6 11.72 -1.44 9.67
CA SER A 6 12.21 -2.62 8.98
C SER A 6 12.39 -2.34 7.49
N GLY A 7 13.55 -2.69 6.96
CA GLY A 7 13.83 -2.47 5.56
C GLY A 7 13.76 -1.00 5.18
N MET A 8 14.24 -0.68 3.98
CA MET A 8 14.23 0.70 3.50
C MET A 8 13.21 0.87 2.38
N GLU A 9 11.99 1.30 2.74
CA GLU A 9 10.93 1.50 1.76
C GLU A 9 10.24 2.83 1.99
N GLU A 10 10.33 3.71 0.99
CA GLU A 10 9.71 5.04 1.09
C GLU A 10 8.57 5.18 0.08
N TRP A 11 7.36 5.38 0.59
CA TRP A 11 6.19 5.52 -0.27
C TRP A 11 5.64 6.94 -0.20
N SER A 12 5.64 7.64 -1.32
CA SER A 12 5.14 9.00 -1.38
C SER A 12 3.62 9.03 -1.47
N ALA A 13 3.01 10.08 -0.95
CA ALA A 13 1.56 10.22 -0.96
C ALA A 13 0.99 9.83 -2.32
N SER A 14 1.38 10.55 -3.35
CA SER A 14 0.90 10.27 -4.71
C SER A 14 0.79 8.76 -4.94
N GLU A 15 1.87 8.05 -4.65
CA GLU A 15 1.91 6.60 -4.84
C GLU A 15 0.95 5.92 -3.87
N ALA A 16 1.17 6.12 -2.58
CA ALA A 16 0.33 5.52 -1.55
C ALA A 16 -1.14 5.48 -2.00
N CYS A 17 -1.67 6.64 -2.37
CA CYS A 17 -3.05 6.73 -2.81
C CYS A 17 -3.32 5.79 -3.98
N LEU A 18 -2.53 5.93 -5.04
CA LEU A 18 -2.68 5.08 -6.22
C LEU A 18 -2.93 3.63 -5.82
N PHE A 19 -2.15 3.13 -4.87
CA PHE A 19 -2.28 1.76 -4.40
C PHE A 19 -3.68 1.52 -3.82
N GLU A 20 -4.05 2.33 -2.83
CA GLU A 20 -5.35 2.21 -2.20
C GLU A 20 -6.46 2.00 -3.24
N GLU A 21 -6.53 2.91 -4.21
CA GLU A 21 -7.52 2.83 -5.27
C GLU A 21 -7.31 1.58 -6.11
N ALA A 22 -6.06 1.27 -6.41
CA ALA A 22 -5.72 0.10 -7.21
C ALA A 22 -6.38 -1.15 -6.66
N LEU A 23 -6.08 -1.48 -5.41
CA LEU A 23 -6.64 -2.65 -4.76
C LEU A 23 -8.14 -2.77 -5.05
N GLU A 24 -8.81 -1.63 -5.08
CA GLU A 24 -10.25 -1.61 -5.35
C GLU A 24 -10.52 -1.63 -6.85
N LYS A 25 -9.60 -1.10 -7.62
CA LYS A 25 -9.74 -1.06 -9.07
C LYS A 25 -9.61 -2.46 -9.67
N TYR A 26 -8.42 -3.06 -9.51
CA TYR A 26 -8.17 -4.40 -10.03
C TYR A 26 -8.38 -5.45 -8.95
N GLY A 27 -7.55 -5.40 -7.91
CA GLY A 27 -7.66 -6.35 -6.82
C GLY A 27 -6.31 -6.90 -6.38
N LYS A 28 -6.32 -8.00 -5.65
CA LYS A 28 -5.10 -8.62 -5.17
C LYS A 28 -4.06 -8.73 -6.29
N ASP A 29 -4.54 -8.66 -7.53
CA ASP A 29 -3.65 -8.76 -8.69
C ASP A 29 -2.65 -7.60 -8.69
N PHE A 30 -1.44 -7.87 -8.22
CA PHE A 30 -0.39 -6.86 -8.17
C PHE A 30 0.18 -6.60 -9.57
N ASN A 31 0.08 -7.60 -10.44
CA ASN A 31 0.59 -7.48 -11.80
C ASN A 31 -0.14 -6.37 -12.55
N ASP A 32 -1.42 -6.59 -12.83
CA ASP A 32 -2.22 -5.61 -13.55
C ASP A 32 -1.86 -4.19 -13.11
N ILE A 33 -1.80 -3.97 -11.80
CA ILE A 33 -1.47 -2.67 -11.24
C ILE A 33 -0.06 -2.25 -11.63
N ARG A 34 0.93 -2.98 -11.12
CA ARG A 34 2.32 -2.69 -11.41
C ARG A 34 2.54 -2.48 -12.91
N GLN A 35 1.62 -3.00 -13.70
CA GLN A 35 1.70 -2.87 -15.15
C GLN A 35 1.45 -1.44 -15.59
N ASP A 36 0.24 -0.95 -15.35
CA ASP A 36 -0.12 0.42 -15.71
C ASP A 36 -0.03 1.34 -14.51
N PHE A 37 -0.84 1.07 -13.50
CA PHE A 37 -0.85 1.89 -12.28
C PHE A 37 0.56 2.37 -11.93
N LEU A 38 1.44 1.42 -11.63
CA LEU A 38 2.81 1.76 -11.28
C LEU A 38 3.80 0.86 -12.03
N PRO A 39 4.27 1.34 -13.19
CA PRO A 39 5.22 0.60 -14.02
C PRO A 39 6.60 0.50 -13.39
N TRP A 40 7.00 1.57 -12.71
CA TRP A 40 8.30 1.61 -12.05
C TRP A 40 8.31 0.74 -10.80
N LYS A 41 7.24 0.84 -10.01
CA LYS A 41 7.13 0.06 -8.78
C LYS A 41 7.32 -1.42 -9.06
N SER A 42 7.86 -2.14 -8.08
CA SER A 42 8.10 -3.58 -8.22
C SER A 42 6.83 -4.37 -7.98
N LEU A 43 6.93 -5.70 -8.07
CA LEU A 43 5.79 -6.57 -7.86
C LEU A 43 5.48 -6.71 -6.37
N THR A 44 6.47 -7.17 -5.62
CA THR A 44 6.31 -7.37 -4.17
C THR A 44 6.21 -6.02 -3.46
N SER A 45 7.13 -5.12 -3.77
CA SER A 45 7.15 -3.80 -3.15
C SER A 45 5.72 -3.28 -2.95
N ILE A 46 4.95 -3.26 -4.02
CA ILE A 46 3.56 -2.78 -3.96
C ILE A 46 2.76 -3.55 -2.92
N ILE A 47 3.05 -4.84 -2.79
CA ILE A 47 2.37 -5.69 -1.82
C ILE A 47 2.63 -5.22 -0.39
N GLU A 48 3.91 -5.06 -0.06
CA GLU A 48 4.29 -4.62 1.28
C GLU A 48 3.28 -3.60 1.83
N TYR A 49 2.98 -2.59 1.03
CA TYR A 49 2.04 -1.55 1.43
C TYR A 49 0.76 -2.18 2.00
N TYR A 50 0.23 -3.17 1.30
CA TYR A 50 -0.98 -3.84 1.73
C TYR A 50 -0.96 -4.10 3.22
N TYR A 51 0.05 -4.84 3.68
CA TYR A 51 0.19 -5.16 5.09
C TYR A 51 -0.04 -3.94 5.96
N MET A 52 0.85 -2.95 5.83
CA MET A 52 0.73 -1.72 6.60
C MET A 52 -0.68 -1.15 6.53
N TRP A 53 -1.10 -0.78 5.33
CA TRP A 53 -2.44 -0.23 5.12
C TRP A 53 -3.48 -1.00 5.93
N LYS A 54 -3.27 -2.31 6.06
CA LYS A 54 -4.19 -3.15 6.81
C LYS A 54 -4.03 -2.94 8.31
N THR A 55 -2.78 -2.77 8.75
CA THR A 55 -2.49 -2.55 10.16
C THR A 55 -3.09 -1.24 10.66
N THR A 56 -2.93 -0.19 9.86
CA THR A 56 -3.46 1.12 10.22
C THR A 56 -4.85 1.01 10.84
N ASP A 57 -5.27 2.05 11.55
CA ASP A 57 -6.58 2.07 12.19
C ASP A 57 -7.67 2.41 11.19
N ARG A 58 -7.63 1.78 10.02
CA ARG A 58 -8.61 2.03 8.97
C ARG A 58 -9.66 0.91 8.94
N TYR A 59 -9.22 -0.30 8.69
CA TYR A 59 -10.12 -1.45 8.63
C TYR A 59 -9.65 -2.57 9.55
N VAL A 60 -10.09 -2.52 10.81
CA VAL A 60 -9.71 -3.52 11.79
C VAL A 60 -10.80 -3.69 12.85
N GLN A 61 -11.13 -4.94 13.17
CA GLN A 61 -12.15 -5.24 14.16
C GLN A 61 -13.47 -4.59 13.79
N GLN A 62 -13.81 -4.65 12.51
CA GLN A 62 -15.06 -4.07 12.01
C GLN A 62 -16.26 -4.78 12.62
N LYS A 63 -16.98 -4.09 13.51
CA LYS A 63 -18.15 -4.65 14.16
C LYS A 63 -18.99 -5.44 13.16
N ARG A 64 -19.13 -6.74 13.43
CA ARG A 64 -19.92 -7.61 12.55
C ARG A 64 -20.97 -8.38 13.35
N SER A 65 -22.04 -8.79 12.67
CA SER A 65 -23.11 -9.54 13.32
C SER A 65 -22.62 -10.88 13.82
N GLY A 66 -22.45 -11.00 15.13
CA GLY A 66 -21.98 -12.25 15.71
C GLY A 66 -20.91 -12.03 16.76
N PRO A 67 -20.83 -12.94 17.74
CA PRO A 67 -19.85 -12.88 18.82
C PRO A 67 -18.43 -13.14 18.33
N SER A 68 -17.45 -12.82 19.17
CA SER A 68 -16.04 -13.01 18.81
C SER A 68 -15.37 -13.94 19.83
N SER A 69 -15.75 -13.82 21.09
CA SER A 69 -15.17 -14.63 22.15
C SER A 69 -15.27 -16.11 21.81
N GLY A 70 -14.12 -16.77 21.73
CA GLY A 70 -14.10 -18.19 21.41
C GLY A 70 -14.10 -18.45 19.92
N GLY A 1 10.04 -1.81 14.91
CA GLY A 1 10.70 -2.32 13.72
C GLY A 1 11.17 -3.76 13.88
N SER A 2 10.48 -4.67 13.21
CA SER A 2 10.83 -6.09 13.29
C SER A 2 12.16 -6.36 12.60
N SER A 3 12.71 -7.55 12.82
CA SER A 3 13.98 -7.93 12.23
C SER A 3 13.97 -7.70 10.72
N GLY A 4 15.12 -7.93 10.09
CA GLY A 4 15.22 -7.74 8.65
C GLY A 4 16.16 -6.61 8.28
N SER A 5 17.40 -6.96 7.95
CA SER A 5 18.40 -5.96 7.58
C SER A 5 18.23 -5.53 6.12
N SER A 6 16.98 -5.34 5.71
CA SER A 6 16.69 -4.93 4.34
C SER A 6 16.37 -3.44 4.27
N GLY A 7 16.64 -2.83 3.12
CA GLY A 7 16.37 -1.41 2.95
C GLY A 7 14.93 -1.06 3.22
N MET A 8 14.70 0.15 3.73
CA MET A 8 13.35 0.61 4.03
C MET A 8 12.84 1.54 2.94
N GLU A 9 12.33 0.96 1.86
CA GLU A 9 11.81 1.74 0.75
C GLU A 9 10.75 2.74 1.22
N GLU A 10 10.97 4.01 0.94
CA GLU A 10 10.05 5.06 1.34
C GLU A 10 9.07 5.39 0.21
N TRP A 11 7.78 5.30 0.51
CA TRP A 11 6.75 5.58 -0.48
C TRP A 11 6.37 7.06 -0.46
N SER A 12 5.65 7.50 -1.49
CA SER A 12 5.22 8.89 -1.59
C SER A 12 3.71 9.01 -1.46
N ALA A 13 3.24 10.20 -1.12
CA ALA A 13 1.80 10.44 -0.97
C ALA A 13 1.05 10.04 -2.22
N SER A 14 1.40 10.64 -3.34
CA SER A 14 0.75 10.34 -4.61
C SER A 14 0.65 8.84 -4.84
N GLU A 15 1.80 8.17 -4.84
CA GLU A 15 1.84 6.73 -5.05
C GLU A 15 0.95 6.01 -4.04
N ALA A 16 1.11 6.35 -2.77
CA ALA A 16 0.30 5.74 -1.71
C ALA A 16 -1.17 5.71 -2.09
N CYS A 17 -1.66 6.83 -2.60
CA CYS A 17 -3.06 6.95 -3.00
C CYS A 17 -3.38 5.99 -4.14
N LEU A 18 -2.58 6.05 -5.20
CA LEU A 18 -2.78 5.20 -6.36
C LEU A 18 -3.00 3.74 -5.94
N PHE A 19 -2.21 3.29 -4.96
CA PHE A 19 -2.32 1.93 -4.46
C PHE A 19 -3.73 1.64 -3.97
N GLU A 20 -4.13 2.30 -2.88
CA GLU A 20 -5.46 2.11 -2.32
C GLU A 20 -6.49 1.86 -3.41
N GLU A 21 -6.64 2.83 -4.31
CA GLU A 21 -7.59 2.70 -5.41
C GLU A 21 -7.26 1.49 -6.28
N ALA A 22 -5.98 1.22 -6.44
CA ALA A 22 -5.53 0.09 -7.24
C ALA A 22 -6.16 -1.21 -6.77
N LEU A 23 -6.14 -1.42 -5.45
CA LEU A 23 -6.71 -2.63 -4.86
C LEU A 23 -8.23 -2.64 -4.98
N GLU A 24 -8.82 -1.44 -5.04
CA GLU A 24 -10.26 -1.30 -5.15
C GLU A 24 -10.71 -1.47 -6.60
N LYS A 25 -9.85 -1.07 -7.53
CA LYS A 25 -10.16 -1.18 -8.95
C LYS A 25 -9.81 -2.57 -9.48
N TYR A 26 -8.53 -2.91 -9.44
CA TYR A 26 -8.07 -4.21 -9.91
C TYR A 26 -8.40 -5.31 -8.90
N GLY A 27 -7.75 -5.24 -7.74
CA GLY A 27 -7.97 -6.23 -6.70
C GLY A 27 -6.70 -6.94 -6.30
N LYS A 28 -6.82 -8.22 -5.96
CA LYS A 28 -5.67 -9.02 -5.55
C LYS A 28 -4.82 -9.41 -6.76
N ASP A 29 -4.50 -8.43 -7.59
CA ASP A 29 -3.70 -8.67 -8.78
C ASP A 29 -2.60 -7.62 -8.91
N PHE A 30 -1.58 -7.74 -8.07
CA PHE A 30 -0.46 -6.80 -8.09
C PHE A 30 0.05 -6.58 -9.52
N ASN A 31 0.19 -7.68 -10.25
CA ASN A 31 0.66 -7.59 -11.63
C ASN A 31 -0.02 -6.46 -12.38
N ASP A 32 -1.34 -6.56 -12.51
CA ASP A 32 -2.12 -5.54 -13.21
C ASP A 32 -1.66 -4.14 -12.80
N ILE A 33 -1.70 -3.85 -11.51
CA ILE A 33 -1.29 -2.56 -11.01
C ILE A 33 0.11 -2.18 -11.51
N ARG A 34 1.12 -2.85 -10.98
CA ARG A 34 2.50 -2.60 -11.38
C ARG A 34 2.61 -2.49 -12.89
N GLN A 35 1.65 -3.05 -13.60
CA GLN A 35 1.64 -3.02 -15.05
C GLN A 35 1.45 -1.59 -15.57
N ASP A 36 0.29 -1.01 -15.28
CA ASP A 36 -0.01 0.35 -15.71
C ASP A 36 0.06 1.32 -14.53
N PHE A 37 -0.73 1.04 -13.50
CA PHE A 37 -0.76 1.89 -12.31
C PHE A 37 0.63 2.42 -11.98
N LEU A 38 1.53 1.53 -11.60
CA LEU A 38 2.90 1.92 -11.27
C LEU A 38 3.91 0.99 -11.95
N PRO A 39 4.36 1.39 -13.14
CA PRO A 39 5.34 0.62 -13.92
C PRO A 39 6.72 0.63 -13.28
N TRP A 40 6.95 1.59 -12.41
CA TRP A 40 8.24 1.71 -11.73
C TRP A 40 8.25 0.91 -10.43
N LYS A 41 7.16 0.99 -9.69
CA LYS A 41 7.03 0.26 -8.43
C LYS A 41 7.12 -1.24 -8.66
N SER A 42 8.03 -1.90 -7.96
CA SER A 42 8.21 -3.34 -8.08
C SER A 42 6.92 -4.07 -7.73
N LEU A 43 6.81 -5.32 -8.18
CA LEU A 43 5.63 -6.14 -7.91
C LEU A 43 5.43 -6.32 -6.41
N THR A 44 6.36 -7.03 -5.78
CA THR A 44 6.28 -7.29 -4.35
C THR A 44 6.22 -5.98 -3.56
N SER A 45 7.12 -5.06 -3.87
CA SER A 45 7.16 -3.77 -3.20
C SER A 45 5.76 -3.25 -2.92
N ILE A 46 4.91 -3.29 -3.95
CA ILE A 46 3.54 -2.82 -3.81
C ILE A 46 2.76 -3.68 -2.81
N ILE A 47 3.02 -4.98 -2.83
CA ILE A 47 2.36 -5.90 -1.92
C ILE A 47 2.63 -5.54 -0.47
N GLU A 48 3.91 -5.45 -0.11
CA GLU A 48 4.31 -5.10 1.24
C GLU A 48 3.34 -4.09 1.86
N TYR A 49 3.13 -2.99 1.15
CA TYR A 49 2.24 -1.94 1.62
C TYR A 49 0.91 -2.53 2.09
N TYR A 50 0.37 -3.45 1.30
CA TYR A 50 -0.90 -4.09 1.63
C TYR A 50 -0.92 -4.54 3.09
N TYR A 51 0.12 -5.25 3.51
CA TYR A 51 0.22 -5.74 4.87
C TYR A 51 0.12 -4.59 5.87
N MET A 52 0.95 -3.58 5.68
CA MET A 52 0.97 -2.42 6.56
C MET A 52 -0.41 -1.77 6.61
N TRP A 53 -0.92 -1.36 5.45
CA TRP A 53 -2.22 -0.72 5.36
C TRP A 53 -3.29 -1.58 6.03
N LYS A 54 -3.09 -2.88 6.01
CA LYS A 54 -4.04 -3.81 6.62
C LYS A 54 -4.00 -3.71 8.15
N THR A 55 -2.79 -3.55 8.69
CA THR A 55 -2.61 -3.44 10.13
C THR A 55 -3.14 -2.11 10.65
N THR A 56 -2.81 -1.02 9.94
CA THR A 56 -3.25 0.30 10.33
C THR A 56 -4.68 0.29 10.84
N ASP A 57 -4.97 1.14 11.83
CA ASP A 57 -6.30 1.22 12.41
C ASP A 57 -7.10 2.36 11.79
N ARG A 58 -6.87 2.59 10.50
CA ARG A 58 -7.56 3.66 9.78
C ARG A 58 -8.61 3.08 8.84
N TYR A 59 -9.76 3.75 8.76
CA TYR A 59 -10.85 3.30 7.89
C TYR A 59 -11.43 1.99 8.40
N VAL A 60 -11.85 1.98 9.66
CA VAL A 60 -12.43 0.79 10.26
C VAL A 60 -13.56 1.15 11.24
N GLN A 61 -14.49 0.22 11.42
CA GLN A 61 -15.61 0.45 12.32
C GLN A 61 -15.12 0.85 13.72
N GLN A 62 -14.55 -0.11 14.44
CA GLN A 62 -14.05 0.13 15.78
C GLN A 62 -12.89 -0.80 16.11
N LYS A 63 -11.91 -0.29 16.84
CA LYS A 63 -10.75 -1.08 17.22
C LYS A 63 -10.07 -0.51 18.46
N ARG A 64 -9.71 -1.38 19.39
CA ARG A 64 -9.07 -0.95 20.63
C ARG A 64 -7.82 -1.79 20.91
N SER A 65 -6.71 -1.42 20.27
CA SER A 65 -5.46 -2.15 20.45
C SER A 65 -4.74 -1.68 21.72
N GLY A 66 -5.50 -1.50 22.79
CA GLY A 66 -4.92 -1.06 24.03
C GLY A 66 -4.23 0.28 23.92
N PRO A 67 -5.00 1.37 24.02
CA PRO A 67 -4.46 2.73 23.93
C PRO A 67 -3.61 3.11 25.13
N SER A 68 -3.76 2.36 26.22
CA SER A 68 -3.00 2.61 27.44
C SER A 68 -2.22 1.37 27.86
N SER A 69 -0.89 1.50 27.85
CA SER A 69 -0.03 0.38 28.22
C SER A 69 -0.09 0.12 29.72
N GLY A 70 0.21 -1.11 30.12
CA GLY A 70 0.18 -1.48 31.52
C GLY A 70 1.31 -0.86 32.30
N GLY A 1 10.10 12.29 -20.01
CA GLY A 1 11.44 12.81 -19.89
C GLY A 1 12.46 11.72 -19.59
N SER A 2 13.52 12.08 -18.88
CA SER A 2 14.58 11.13 -18.53
C SER A 2 14.14 10.24 -17.38
N SER A 3 14.49 8.96 -17.47
CA SER A 3 14.13 8.00 -16.42
C SER A 3 15.34 7.16 -16.01
N GLY A 4 15.35 6.72 -14.76
CA GLY A 4 16.45 5.92 -14.27
C GLY A 4 16.84 6.27 -12.84
N SER A 5 15.84 6.26 -11.95
CA SER A 5 16.08 6.58 -10.55
C SER A 5 15.71 5.40 -9.65
N SER A 6 16.72 4.66 -9.22
CA SER A 6 16.49 3.50 -8.36
C SER A 6 16.37 3.93 -6.89
N GLY A 7 15.35 3.42 -6.22
CA GLY A 7 15.14 3.76 -4.83
C GLY A 7 14.85 2.54 -3.97
N MET A 8 14.18 2.75 -2.84
CA MET A 8 13.84 1.66 -1.93
C MET A 8 12.59 1.99 -1.13
N GLU A 9 11.57 1.13 -1.23
CA GLU A 9 10.32 1.34 -0.51
C GLU A 9 9.93 2.81 -0.53
N GLU A 10 10.32 3.51 -1.58
CA GLU A 10 10.00 4.94 -1.72
C GLU A 10 8.55 5.13 -2.13
N TRP A 11 7.70 5.45 -1.16
CA TRP A 11 6.28 5.67 -1.43
C TRP A 11 5.88 7.10 -1.09
N SER A 12 5.47 7.86 -2.11
CA SER A 12 5.07 9.24 -1.91
C SER A 12 3.56 9.33 -1.69
N ALA A 13 3.10 10.51 -1.29
CA ALA A 13 1.68 10.74 -1.05
C ALA A 13 0.83 10.27 -2.24
N SER A 14 1.15 10.79 -3.43
CA SER A 14 0.43 10.43 -4.64
C SER A 14 0.44 8.92 -4.85
N GLU A 15 1.64 8.35 -4.88
CA GLU A 15 1.79 6.90 -5.08
C GLU A 15 0.91 6.13 -4.10
N ALA A 16 0.93 6.56 -2.85
CA ALA A 16 0.14 5.91 -1.80
C ALA A 16 -1.32 5.77 -2.22
N CYS A 17 -1.94 6.89 -2.55
CA CYS A 17 -3.34 6.90 -2.97
C CYS A 17 -3.55 5.97 -4.16
N LEU A 18 -2.68 6.07 -5.16
CA LEU A 18 -2.77 5.24 -6.36
C LEU A 18 -2.94 3.77 -5.98
N PHE A 19 -2.28 3.36 -4.89
CA PHE A 19 -2.36 1.98 -4.43
C PHE A 19 -3.75 1.67 -3.89
N GLU A 20 -4.13 2.37 -2.82
CA GLU A 20 -5.43 2.16 -2.21
C GLU A 20 -6.51 1.89 -3.26
N GLU A 21 -6.56 2.76 -4.27
CA GLU A 21 -7.53 2.63 -5.34
C GLU A 21 -7.20 1.43 -6.22
N ALA A 22 -5.91 1.15 -6.36
CA ALA A 22 -5.46 0.03 -7.18
C ALA A 22 -6.01 -1.29 -6.67
N LEU A 23 -6.21 -1.38 -5.35
CA LEU A 23 -6.74 -2.59 -4.73
C LEU A 23 -8.26 -2.64 -4.83
N GLU A 24 -8.88 -1.46 -4.97
CA GLU A 24 -10.33 -1.37 -5.07
C GLU A 24 -10.78 -1.52 -6.52
N LYS A 25 -9.94 -1.06 -7.45
CA LYS A 25 -10.25 -1.15 -8.87
C LYS A 25 -9.85 -2.50 -9.43
N TYR A 26 -8.55 -2.80 -9.41
CA TYR A 26 -8.04 -4.06 -9.92
C TYR A 26 -8.27 -5.18 -8.91
N GLY A 27 -7.71 -5.03 -7.72
CA GLY A 27 -7.87 -6.03 -6.68
C GLY A 27 -6.55 -6.66 -6.28
N LYS A 28 -6.60 -7.93 -5.91
CA LYS A 28 -5.40 -8.66 -5.50
C LYS A 28 -4.56 -9.06 -6.71
N ASP A 29 -4.34 -8.11 -7.62
CA ASP A 29 -3.56 -8.36 -8.82
C ASP A 29 -2.42 -7.35 -8.95
N PHE A 30 -1.42 -7.49 -8.09
CA PHE A 30 -0.28 -6.58 -8.11
C PHE A 30 0.31 -6.47 -9.50
N ASN A 31 0.21 -7.55 -10.27
CA ASN A 31 0.73 -7.58 -11.64
C ASN A 31 0.09 -6.48 -12.48
N ASP A 32 -1.23 -6.51 -12.58
CA ASP A 32 -1.97 -5.52 -13.36
C ASP A 32 -1.57 -4.10 -12.95
N ILE A 33 -1.60 -3.84 -11.65
CA ILE A 33 -1.25 -2.53 -11.13
C ILE A 33 0.13 -2.10 -11.61
N ARG A 34 1.17 -2.74 -11.08
CA ARG A 34 2.54 -2.44 -11.46
C ARG A 34 2.66 -2.27 -12.97
N GLN A 35 1.72 -2.86 -13.71
CA GLN A 35 1.72 -2.80 -15.16
C GLN A 35 1.51 -1.36 -15.64
N ASP A 36 0.34 -0.82 -15.34
CA ASP A 36 0.00 0.55 -15.73
C ASP A 36 0.04 1.48 -14.52
N PHE A 37 -0.76 1.17 -13.52
CA PHE A 37 -0.82 1.99 -12.30
C PHE A 37 0.55 2.58 -11.98
N LEU A 38 1.49 1.71 -11.62
CA LEU A 38 2.85 2.14 -11.28
C LEU A 38 3.88 1.25 -11.96
N PRO A 39 4.35 1.67 -13.15
CA PRO A 39 5.34 0.92 -13.91
C PRO A 39 6.72 0.95 -13.25
N TRP A 40 6.89 1.84 -12.29
CA TRP A 40 8.16 1.98 -11.58
C TRP A 40 8.09 1.31 -10.21
N LYS A 41 7.41 0.17 -10.15
CA LYS A 41 7.27 -0.57 -8.90
C LYS A 41 7.45 -2.06 -9.13
N SER A 42 7.81 -2.78 -8.07
CA SER A 42 8.01 -4.22 -8.16
C SER A 42 6.74 -4.98 -7.78
N LEU A 43 6.73 -6.28 -8.05
CA LEU A 43 5.58 -7.12 -7.74
C LEU A 43 5.35 -7.18 -6.23
N THR A 44 6.35 -7.64 -5.51
CA THR A 44 6.26 -7.76 -4.06
C THR A 44 6.23 -6.39 -3.40
N SER A 45 7.16 -5.52 -3.78
CA SER A 45 7.24 -4.18 -3.22
C SER A 45 5.84 -3.60 -3.01
N ILE A 46 5.05 -3.56 -4.07
CA ILE A 46 3.69 -3.03 -3.99
C ILE A 46 2.88 -3.76 -2.93
N ILE A 47 3.09 -5.07 -2.82
CA ILE A 47 2.39 -5.89 -1.84
C ILE A 47 2.68 -5.42 -0.42
N GLU A 48 3.97 -5.33 -0.09
CA GLU A 48 4.38 -4.89 1.23
C GLU A 48 3.44 -3.83 1.78
N TYR A 49 3.15 -2.82 0.97
CA TYR A 49 2.25 -1.74 1.38
C TYR A 49 0.95 -2.30 1.93
N TYR A 50 0.40 -3.28 1.24
CA TYR A 50 -0.86 -3.90 1.65
C TYR A 50 -0.83 -4.26 3.14
N TYR A 51 0.34 -4.70 3.61
CA TYR A 51 0.50 -5.08 5.01
C TYR A 51 0.77 -3.85 5.87
N MET A 52 1.65 -2.98 5.40
CA MET A 52 2.00 -1.77 6.13
C MET A 52 0.79 -0.85 6.26
N TRP A 53 -0.19 -1.05 5.39
CA TRP A 53 -1.41 -0.24 5.42
C TRP A 53 -2.46 -0.86 6.33
N LYS A 54 -2.52 -2.18 6.35
CA LYS A 54 -3.48 -2.89 7.19
C LYS A 54 -3.01 -2.91 8.64
N THR A 55 -1.71 -3.02 8.84
CA THR A 55 -1.13 -3.05 10.18
C THR A 55 -1.28 -1.70 10.86
N THR A 56 -1.12 -0.63 10.10
CA THR A 56 -1.24 0.72 10.64
C THR A 56 -2.60 0.94 11.30
N ASP A 57 -2.63 1.77 12.33
CA ASP A 57 -3.86 2.07 13.05
C ASP A 57 -4.69 3.11 12.30
N ARG A 58 -4.83 2.91 10.99
CA ARG A 58 -5.60 3.84 10.16
C ARG A 58 -6.92 4.21 10.83
N TYR A 59 -7.73 3.20 11.13
CA TYR A 59 -9.02 3.42 11.78
C TYR A 59 -9.06 2.76 13.15
N VAL A 60 -8.48 3.44 14.14
CA VAL A 60 -8.44 2.93 15.50
C VAL A 60 -9.63 3.45 16.31
N GLN A 61 -10.18 2.59 17.16
CA GLN A 61 -11.32 2.96 17.99
C GLN A 61 -10.96 2.92 19.47
N GLN A 62 -11.90 3.30 20.33
CA GLN A 62 -11.67 3.31 21.76
C GLN A 62 -10.94 2.05 22.21
N LYS A 63 -9.77 2.23 22.80
CA LYS A 63 -8.96 1.11 23.26
C LYS A 63 -8.43 1.38 24.67
N ARG A 64 -8.49 0.36 25.53
CA ARG A 64 -8.02 0.49 26.90
C ARG A 64 -6.57 0.96 26.93
N SER A 65 -6.22 1.70 27.98
CA SER A 65 -4.87 2.22 28.13
C SER A 65 -4.50 2.36 29.61
N GLY A 66 -3.34 1.85 29.98
CA GLY A 66 -2.88 1.94 31.36
C GLY A 66 -2.67 3.37 31.80
N PRO A 67 -2.49 3.56 33.11
CA PRO A 67 -2.26 4.89 33.70
C PRO A 67 -0.90 5.46 33.34
N SER A 68 -0.79 6.78 33.34
CA SER A 68 0.46 7.45 33.01
C SER A 68 1.04 8.17 34.23
N SER A 69 2.34 8.42 34.19
CA SER A 69 3.01 9.10 35.30
C SER A 69 2.75 10.60 35.25
N GLY A 70 2.86 11.19 34.06
CA GLY A 70 2.62 12.61 33.91
C GLY A 70 3.79 13.44 34.41
N GLY A 1 14.39 18.10 4.11
CA GLY A 1 15.27 16.98 4.41
C GLY A 1 14.67 15.65 4.00
N SER A 2 15.45 14.82 3.31
CA SER A 2 14.99 13.52 2.86
C SER A 2 15.07 12.49 3.98
N SER A 3 14.24 11.45 3.89
CA SER A 3 14.22 10.39 4.89
C SER A 3 15.08 9.20 4.45
N GLY A 4 15.23 8.24 5.35
CA GLY A 4 16.03 7.07 5.04
C GLY A 4 16.49 6.33 6.28
N SER A 5 15.64 5.44 6.79
CA SER A 5 15.96 4.66 7.98
C SER A 5 15.05 3.44 8.09
N SER A 6 15.60 2.37 8.67
CA SER A 6 14.85 1.13 8.84
C SER A 6 13.38 1.42 9.13
N GLY A 7 12.49 0.77 8.39
CA GLY A 7 11.07 0.97 8.60
C GLY A 7 10.32 1.19 7.30
N MET A 8 9.41 2.16 7.31
CA MET A 8 8.61 2.47 6.13
C MET A 8 9.51 2.54 4.89
N GLU A 9 8.94 2.19 3.74
CA GLU A 9 9.68 2.19 2.49
C GLU A 9 9.48 3.52 1.76
N GLU A 10 10.28 3.74 0.72
CA GLU A 10 10.19 4.97 -0.07
C GLU A 10 8.92 4.99 -0.91
N TRP A 11 7.91 5.69 -0.43
CA TRP A 11 6.64 5.79 -1.14
C TRP A 11 6.08 7.21 -1.07
N SER A 12 6.10 7.90 -2.21
CA SER A 12 5.60 9.27 -2.28
C SER A 12 4.15 9.34 -1.81
N ALA A 13 3.69 10.54 -1.52
CA ALA A 13 2.32 10.75 -1.07
C ALA A 13 1.32 10.33 -2.14
N SER A 14 1.52 10.83 -3.36
CA SER A 14 0.63 10.52 -4.47
C SER A 14 0.52 9.00 -4.66
N GLU A 15 1.66 8.33 -4.64
CA GLU A 15 1.69 6.88 -4.80
C GLU A 15 0.70 6.20 -3.85
N ALA A 16 0.80 6.54 -2.57
CA ALA A 16 -0.07 5.97 -1.56
C ALA A 16 -1.52 5.96 -2.02
N CYS A 17 -1.96 7.09 -2.56
CA CYS A 17 -3.33 7.22 -3.05
C CYS A 17 -3.59 6.24 -4.19
N LEU A 18 -2.66 6.18 -5.14
CA LEU A 18 -2.80 5.29 -6.28
C LEU A 18 -3.02 3.85 -5.82
N PHE A 19 -2.27 3.44 -4.80
CA PHE A 19 -2.39 2.08 -4.27
C PHE A 19 -3.82 1.78 -3.84
N GLU A 20 -4.33 2.57 -2.91
CA GLU A 20 -5.68 2.39 -2.41
C GLU A 20 -6.65 2.10 -3.56
N GLU A 21 -6.75 3.04 -4.50
CA GLU A 21 -7.64 2.89 -5.64
C GLU A 21 -7.25 1.66 -6.46
N ALA A 22 -5.96 1.36 -6.51
CA ALA A 22 -5.46 0.21 -7.25
C ALA A 22 -6.12 -1.08 -6.77
N LEU A 23 -6.25 -1.21 -5.46
CA LEU A 23 -6.86 -2.40 -4.87
C LEU A 23 -8.36 -2.45 -5.15
N GLU A 24 -9.00 -1.29 -5.07
CA GLU A 24 -10.44 -1.19 -5.32
C GLU A 24 -10.76 -1.59 -6.76
N LYS A 25 -9.92 -1.15 -7.69
CA LYS A 25 -10.12 -1.47 -9.11
C LYS A 25 -9.60 -2.86 -9.43
N TYR A 26 -8.29 -3.05 -9.29
CA TYR A 26 -7.67 -4.34 -9.56
C TYR A 26 -7.77 -5.27 -8.36
N GLY A 27 -7.15 -4.87 -7.25
CA GLY A 27 -7.19 -5.68 -6.05
C GLY A 27 -5.92 -6.48 -5.85
N LYS A 28 -6.03 -7.61 -5.16
CA LYS A 28 -4.88 -8.47 -4.91
C LYS A 28 -3.98 -8.56 -6.14
N ASP A 29 -4.59 -8.46 -7.31
CA ASP A 29 -3.84 -8.54 -8.57
C ASP A 29 -2.77 -7.44 -8.63
N PHE A 30 -1.59 -7.76 -8.15
CA PHE A 30 -0.48 -6.81 -8.14
C PHE A 30 0.05 -6.59 -9.56
N ASN A 31 0.06 -7.66 -10.35
CA ASN A 31 0.55 -7.58 -11.72
C ASN A 31 -0.18 -6.48 -12.49
N ASP A 32 -1.49 -6.63 -12.62
CA ASP A 32 -2.31 -5.65 -13.33
C ASP A 32 -1.92 -4.23 -12.93
N ILE A 33 -1.77 -4.00 -11.63
CA ILE A 33 -1.39 -2.69 -11.13
C ILE A 33 0.02 -2.32 -11.54
N ARG A 34 1.00 -3.03 -10.99
CA ARG A 34 2.40 -2.78 -11.30
C ARG A 34 2.59 -2.58 -12.80
N GLN A 35 1.67 -3.13 -13.59
CA GLN A 35 1.74 -3.02 -15.04
C GLN A 35 1.56 -1.58 -15.49
N ASP A 36 0.37 -1.03 -15.23
CA ASP A 36 0.06 0.34 -15.61
C ASP A 36 0.13 1.27 -14.40
N PHE A 37 -0.71 0.99 -13.41
CA PHE A 37 -0.75 1.80 -12.19
C PHE A 37 0.66 2.29 -11.82
N LEU A 38 1.54 1.34 -11.52
CA LEU A 38 2.90 1.66 -11.15
C LEU A 38 3.90 0.76 -11.87
N PRO A 39 4.40 1.22 -13.01
CA PRO A 39 5.36 0.48 -13.83
C PRO A 39 6.74 0.38 -13.16
N TRP A 40 7.25 1.51 -12.71
CA TRP A 40 8.55 1.55 -12.05
C TRP A 40 8.57 0.65 -10.82
N LYS A 41 7.53 0.76 -10.00
CA LYS A 41 7.41 -0.05 -8.79
C LYS A 41 7.49 -1.54 -9.12
N SER A 42 7.98 -2.33 -8.17
CA SER A 42 8.10 -3.77 -8.36
C SER A 42 6.81 -4.48 -8.00
N LEU A 43 6.79 -5.79 -8.17
CA LEU A 43 5.61 -6.59 -7.85
C LEU A 43 5.44 -6.75 -6.35
N THR A 44 6.46 -7.30 -5.69
CA THR A 44 6.41 -7.50 -4.24
C THR A 44 6.38 -6.17 -3.51
N SER A 45 7.29 -5.27 -3.88
CA SER A 45 7.37 -3.96 -3.25
C SER A 45 5.99 -3.42 -2.94
N ILE A 46 5.13 -3.37 -3.96
CA ILE A 46 3.78 -2.87 -3.80
C ILE A 46 3.00 -3.70 -2.78
N ILE A 47 3.29 -4.99 -2.75
CA ILE A 47 2.63 -5.90 -1.81
C ILE A 47 2.97 -5.54 -0.37
N GLU A 48 4.26 -5.45 -0.07
CA GLU A 48 4.71 -5.13 1.27
C GLU A 48 3.76 -4.13 1.94
N TYR A 49 3.40 -3.08 1.22
CA TYR A 49 2.50 -2.06 1.74
C TYR A 49 1.13 -2.66 2.06
N TYR A 50 0.62 -3.47 1.12
CA TYR A 50 -0.68 -4.11 1.30
C TYR A 50 -0.76 -4.82 2.64
N TYR A 51 0.27 -5.58 2.97
CA TYR A 51 0.31 -6.31 4.23
C TYR A 51 0.04 -5.39 5.42
N MET A 52 0.83 -4.32 5.51
CA MET A 52 0.68 -3.36 6.59
C MET A 52 -0.74 -2.77 6.60
N TRP A 53 -1.20 -2.34 5.43
CA TRP A 53 -2.53 -1.76 5.31
C TRP A 53 -3.60 -2.74 5.81
N LYS A 54 -3.39 -4.02 5.53
CA LYS A 54 -4.33 -5.05 5.95
C LYS A 54 -4.25 -5.29 7.45
N THR A 55 -3.04 -5.25 7.98
CA THR A 55 -2.82 -5.46 9.41
C THR A 55 -3.40 -4.31 10.23
N THR A 56 -3.20 -3.08 9.74
CA THR A 56 -3.69 -1.90 10.42
C THR A 56 -5.18 -1.68 10.15
N ASP A 57 -5.63 -2.13 8.99
CA ASP A 57 -7.04 -1.99 8.61
C ASP A 57 -7.48 -0.53 8.69
N ARG A 58 -6.59 0.37 8.30
CA ARG A 58 -6.88 1.80 8.33
C ARG A 58 -8.04 2.13 7.41
N TYR A 59 -9.26 1.99 7.91
CA TYR A 59 -10.46 2.28 7.13
C TYR A 59 -10.53 1.37 5.90
N VAL A 60 -10.39 0.07 6.13
CA VAL A 60 -10.44 -0.91 5.05
C VAL A 60 -11.78 -1.64 5.03
N GLN A 61 -12.16 -2.22 6.17
CA GLN A 61 -13.41 -2.94 6.28
C GLN A 61 -14.54 -2.18 5.61
N GLN A 62 -15.38 -2.90 4.86
CA GLN A 62 -16.50 -2.28 4.17
C GLN A 62 -17.54 -1.78 5.16
N LYS A 63 -18.38 -0.84 4.71
CA LYS A 63 -19.43 -0.28 5.56
C LYS A 63 -20.79 -0.45 4.91
N ARG A 64 -21.84 -0.06 5.64
CA ARG A 64 -23.21 -0.18 5.13
C ARG A 64 -23.34 0.48 3.77
N SER A 65 -22.81 1.69 3.65
CA SER A 65 -22.87 2.43 2.39
C SER A 65 -21.74 2.01 1.45
N GLY A 66 -21.51 0.70 1.37
CA GLY A 66 -20.47 0.19 0.51
C GLY A 66 -21.02 -0.49 -0.73
N PRO A 67 -21.33 0.32 -1.76
CA PRO A 67 -21.87 -0.18 -3.02
C PRO A 67 -20.84 -0.97 -3.83
N SER A 68 -21.21 -1.36 -5.04
CA SER A 68 -20.32 -2.13 -5.90
C SER A 68 -19.27 -1.21 -6.55
N SER A 69 -18.04 -1.70 -6.62
CA SER A 69 -16.95 -0.93 -7.21
C SER A 69 -16.71 -1.36 -8.65
N GLY A 70 -16.12 -0.45 -9.43
CA GLY A 70 -15.84 -0.75 -10.82
C GLY A 70 -17.10 -0.77 -11.68
N GLY A 1 14.79 -1.97 14.93
CA GLY A 1 15.95 -2.37 14.16
C GLY A 1 16.29 -3.83 14.37
N SER A 2 17.53 -4.11 14.78
CA SER A 2 17.97 -5.48 15.01
C SER A 2 17.69 -6.35 13.79
N SER A 3 17.95 -5.80 12.61
CA SER A 3 17.73 -6.53 11.37
C SER A 3 18.38 -5.81 10.19
N GLY A 4 19.32 -6.49 9.53
CA GLY A 4 20.00 -5.89 8.40
C GLY A 4 19.07 -5.65 7.22
N SER A 5 18.30 -6.67 6.85
CA SER A 5 17.37 -6.55 5.73
C SER A 5 16.35 -5.45 5.99
N SER A 6 16.38 -4.41 5.16
CA SER A 6 15.45 -3.29 5.30
C SER A 6 14.07 -3.78 5.71
N GLY A 7 13.71 -3.53 6.97
CA GLY A 7 12.42 -3.95 7.47
C GLY A 7 11.32 -2.95 7.14
N MET A 8 11.43 -1.75 7.72
CA MET A 8 10.44 -0.71 7.49
C MET A 8 10.28 -0.43 5.98
N GLU A 9 9.28 0.38 5.65
CA GLU A 9 9.02 0.73 4.25
C GLU A 9 8.70 2.21 4.10
N GLU A 10 9.25 2.83 3.06
CA GLU A 10 9.02 4.25 2.81
C GLU A 10 8.39 4.47 1.44
N TRP A 11 7.15 4.95 1.43
CA TRP A 11 6.43 5.19 0.19
C TRP A 11 6.07 6.67 0.06
N SER A 12 5.72 7.08 -1.15
CA SER A 12 5.36 8.48 -1.42
C SER A 12 3.86 8.69 -1.24
N ALA A 13 3.50 9.75 -0.54
CA ALA A 13 2.10 10.08 -0.30
C ALA A 13 1.28 9.96 -1.58
N SER A 14 1.79 10.53 -2.66
CA SER A 14 1.10 10.49 -3.95
C SER A 14 0.87 9.05 -4.40
N GLU A 15 1.95 8.29 -4.49
CA GLU A 15 1.86 6.90 -4.91
C GLU A 15 0.90 6.12 -4.02
N ALA A 16 0.96 6.38 -2.72
CA ALA A 16 0.09 5.71 -1.76
C ALA A 16 -1.36 5.70 -2.24
N CYS A 17 -1.90 6.90 -2.48
CA CYS A 17 -3.27 7.02 -2.94
C CYS A 17 -3.55 6.08 -4.11
N LEU A 18 -2.66 6.10 -5.09
CA LEU A 18 -2.81 5.24 -6.27
C LEU A 18 -3.02 3.79 -5.86
N PHE A 19 -2.12 3.27 -5.04
CA PHE A 19 -2.22 1.89 -4.57
C PHE A 19 -3.64 1.58 -4.11
N GLU A 20 -4.08 2.25 -3.05
CA GLU A 20 -5.41 2.04 -2.51
C GLU A 20 -6.43 1.87 -3.63
N GLU A 21 -6.60 2.93 -4.43
CA GLU A 21 -7.55 2.90 -5.53
C GLU A 21 -7.22 1.77 -6.51
N ALA A 22 -5.98 1.30 -6.46
CA ALA A 22 -5.53 0.23 -7.34
C ALA A 22 -6.06 -1.11 -6.87
N LEU A 23 -6.10 -1.30 -5.56
CA LEU A 23 -6.59 -2.56 -4.98
C LEU A 23 -8.10 -2.66 -5.10
N GLU A 24 -8.78 -1.53 -4.91
CA GLU A 24 -10.23 -1.49 -5.00
C GLU A 24 -10.70 -1.70 -6.43
N LYS A 25 -9.90 -1.23 -7.38
CA LYS A 25 -10.24 -1.36 -8.79
C LYS A 25 -9.82 -2.73 -9.33
N TYR A 26 -8.51 -2.98 -9.31
CA TYR A 26 -7.98 -4.26 -9.79
C TYR A 26 -8.28 -5.39 -8.81
N GLY A 27 -7.67 -5.31 -7.63
CA GLY A 27 -7.89 -6.33 -6.62
C GLY A 27 -6.61 -7.01 -6.20
N LYS A 28 -6.69 -8.33 -5.96
CA LYS A 28 -5.52 -9.10 -5.55
C LYS A 28 -4.64 -9.43 -6.75
N ASP A 29 -4.41 -8.44 -7.60
CA ASP A 29 -3.58 -8.63 -8.78
C ASP A 29 -2.48 -7.57 -8.86
N PHE A 30 -1.39 -7.80 -8.13
CA PHE A 30 -0.28 -6.86 -8.10
C PHE A 30 0.21 -6.57 -9.52
N ASN A 31 0.18 -7.58 -10.37
CA ASN A 31 0.62 -7.43 -11.75
C ASN A 31 -0.21 -6.37 -12.48
N ASP A 32 -1.52 -6.60 -12.53
CA ASP A 32 -2.42 -5.66 -13.20
C ASP A 32 -2.10 -4.22 -12.81
N ILE A 33 -1.72 -4.02 -11.55
CA ILE A 33 -1.38 -2.70 -11.06
C ILE A 33 0.01 -2.27 -11.52
N ARG A 34 1.03 -2.95 -11.00
CA ARG A 34 2.41 -2.65 -11.36
C ARG A 34 2.57 -2.55 -12.87
N GLN A 35 1.63 -3.13 -13.60
CA GLN A 35 1.66 -3.10 -15.06
C GLN A 35 1.47 -1.69 -15.58
N ASP A 36 0.29 -1.12 -15.31
CA ASP A 36 -0.02 0.23 -15.76
C ASP A 36 0.08 1.22 -14.59
N PHE A 37 -0.76 1.01 -13.59
CA PHE A 37 -0.77 1.89 -12.42
C PHE A 37 0.63 2.40 -12.10
N LEU A 38 1.51 1.46 -11.75
CA LEU A 38 2.89 1.81 -11.42
C LEU A 38 3.88 0.86 -12.10
N PRO A 39 4.37 1.26 -13.29
CA PRO A 39 5.32 0.46 -14.06
C PRO A 39 6.69 0.39 -13.39
N TRP A 40 7.10 1.50 -12.77
CA TRP A 40 8.39 1.55 -12.10
C TRP A 40 8.39 0.70 -10.84
N LYS A 41 7.33 0.84 -10.04
CA LYS A 41 7.21 0.09 -8.79
C LYS A 41 7.44 -1.40 -9.05
N SER A 42 7.89 -2.11 -8.01
CA SER A 42 8.14 -3.54 -8.12
C SER A 42 6.89 -4.35 -7.79
N LEU A 43 6.93 -5.64 -8.11
CA LEU A 43 5.79 -6.51 -7.85
C LEU A 43 5.52 -6.63 -6.35
N THR A 44 6.52 -7.10 -5.61
CA THR A 44 6.40 -7.26 -4.17
C THR A 44 6.32 -5.91 -3.47
N SER A 45 7.21 -5.00 -3.84
CA SER A 45 7.25 -3.67 -3.25
C SER A 45 5.84 -3.14 -3.02
N ILE A 46 4.98 -3.32 -4.02
CA ILE A 46 3.60 -2.86 -3.94
C ILE A 46 2.81 -3.69 -2.93
N ILE A 47 3.08 -4.99 -2.89
CA ILE A 47 2.40 -5.89 -1.97
C ILE A 47 2.62 -5.47 -0.52
N GLU A 48 3.89 -5.35 -0.13
CA GLU A 48 4.23 -4.96 1.23
C GLU A 48 3.21 -3.96 1.78
N TYR A 49 3.06 -2.85 1.08
CA TYR A 49 2.12 -1.81 1.50
C TYR A 49 0.82 -2.42 2.00
N TYR A 50 0.24 -3.32 1.21
CA TYR A 50 -1.00 -3.97 1.57
C TYR A 50 -1.00 -4.36 3.04
N TYR A 51 0.02 -5.12 3.45
CA TYR A 51 0.13 -5.56 4.83
C TYR A 51 -0.03 -4.39 5.80
N MET A 52 0.56 -3.25 5.44
CA MET A 52 0.48 -2.06 6.28
C MET A 52 -0.93 -1.46 6.23
N TRP A 53 -1.47 -1.34 5.03
CA TRP A 53 -2.80 -0.78 4.85
C TRP A 53 -3.82 -1.50 5.73
N LYS A 54 -3.96 -2.81 5.51
CA LYS A 54 -4.90 -3.61 6.28
C LYS A 54 -4.67 -3.42 7.78
N THR A 55 -3.40 -3.37 8.18
CA THR A 55 -3.04 -3.19 9.58
C THR A 55 -3.06 -1.72 9.97
N THR A 56 -3.66 -0.89 9.12
CA THR A 56 -3.73 0.55 9.37
C THR A 56 -4.95 0.88 10.23
N ASP A 57 -6.12 0.47 9.77
CA ASP A 57 -7.37 0.72 10.48
C ASP A 57 -7.40 2.16 11.01
N ARG A 58 -6.98 3.10 10.17
CA ARG A 58 -6.96 4.50 10.55
C ARG A 58 -8.10 5.26 9.89
N TYR A 59 -9.21 5.43 10.61
CA TYR A 59 -10.37 6.12 10.09
C TYR A 59 -10.75 5.60 8.71
N VAL A 60 -10.71 4.28 8.56
CA VAL A 60 -11.05 3.65 7.29
C VAL A 60 -11.64 2.26 7.49
N GLN A 61 -12.52 1.85 6.60
CA GLN A 61 -13.16 0.54 6.70
C GLN A 61 -13.98 0.43 7.98
N GLN A 62 -14.74 1.48 8.27
CA GLN A 62 -15.58 1.49 9.47
C GLN A 62 -16.88 0.72 9.23
N LYS A 63 -17.19 -0.19 10.15
CA LYS A 63 -18.40 -1.00 10.04
C LYS A 63 -19.62 -0.11 9.84
N ARG A 64 -19.70 0.96 10.64
CA ARG A 64 -20.83 1.89 10.55
C ARG A 64 -21.21 2.15 9.09
N SER A 65 -20.26 2.67 8.32
CA SER A 65 -20.50 2.97 6.91
C SER A 65 -20.90 1.71 6.16
N GLY A 66 -21.79 1.88 5.18
CA GLY A 66 -22.24 0.74 4.38
C GLY A 66 -23.73 0.80 4.07
N PRO A 67 -24.55 0.76 5.13
CA PRO A 67 -26.01 0.80 4.99
C PRO A 67 -26.51 2.18 4.53
N SER A 68 -25.57 3.10 4.35
CA SER A 68 -25.92 4.46 3.92
C SER A 68 -25.12 4.84 2.68
N SER A 69 -25.82 4.93 1.54
CA SER A 69 -25.18 5.28 0.28
C SER A 69 -25.99 6.34 -0.47
N GLY A 70 -25.29 7.28 -1.08
CA GLY A 70 -25.97 8.34 -1.82
C GLY A 70 -25.41 9.71 -1.50
N GLY A 1 16.52 -0.18 -11.97
CA GLY A 1 17.09 -1.02 -10.95
C GLY A 1 16.62 -0.66 -9.55
N SER A 2 17.14 -1.36 -8.55
CA SER A 2 16.75 -1.10 -7.16
C SER A 2 17.99 -1.03 -6.26
N SER A 3 17.91 -0.20 -5.24
CA SER A 3 19.03 -0.03 -4.31
C SER A 3 19.17 -1.26 -3.42
N GLY A 4 20.41 -1.66 -3.19
CA GLY A 4 20.67 -2.83 -2.35
C GLY A 4 21.14 -2.45 -0.97
N SER A 5 20.35 -1.66 -0.26
CA SER A 5 20.69 -1.22 1.08
C SER A 5 19.59 -1.58 2.07
N SER A 6 19.97 -2.22 3.18
CA SER A 6 19.02 -2.63 4.20
C SER A 6 18.17 -1.44 4.65
N GLY A 7 16.85 -1.63 4.67
CA GLY A 7 15.95 -0.58 5.09
C GLY A 7 14.68 -0.55 4.26
N MET A 8 13.57 -0.16 4.88
CA MET A 8 12.29 -0.09 4.20
C MET A 8 12.31 0.96 3.10
N GLU A 9 11.28 0.96 2.27
CA GLU A 9 11.18 1.92 1.17
C GLU A 9 10.23 3.05 1.53
N GLU A 10 10.35 4.17 0.81
CA GLU A 10 9.51 5.33 1.05
C GLU A 10 8.47 5.49 -0.07
N TRP A 11 7.23 5.74 0.32
CA TRP A 11 6.15 5.90 -0.65
C TRP A 11 5.65 7.34 -0.66
N SER A 12 5.72 7.99 -1.83
CA SER A 12 5.27 9.36 -1.96
C SER A 12 3.78 9.48 -1.71
N ALA A 13 3.35 10.63 -1.20
CA ALA A 13 1.95 10.87 -0.92
C ALA A 13 1.06 10.30 -2.01
N SER A 14 1.30 10.73 -3.25
CA SER A 14 0.52 10.26 -4.39
C SER A 14 0.63 8.75 -4.53
N GLU A 15 1.85 8.23 -4.44
CA GLU A 15 2.08 6.79 -4.56
C GLU A 15 1.14 6.01 -3.64
N ALA A 16 1.13 6.37 -2.36
CA ALA A 16 0.29 5.71 -1.39
C ALA A 16 -1.15 5.61 -1.89
N CYS A 17 -1.80 6.76 -2.03
CA CYS A 17 -3.19 6.80 -2.50
C CYS A 17 -3.39 5.80 -3.64
N LEU A 18 -2.66 6.01 -4.73
CA LEU A 18 -2.77 5.14 -5.91
C LEU A 18 -3.03 3.69 -5.48
N PHE A 19 -2.06 3.10 -4.80
CA PHE A 19 -2.19 1.72 -4.33
C PHE A 19 -3.61 1.42 -3.90
N GLU A 20 -4.07 2.14 -2.87
CA GLU A 20 -5.42 1.94 -2.35
C GLU A 20 -6.44 1.85 -3.49
N GLU A 21 -6.25 2.68 -4.51
CA GLU A 21 -7.15 2.69 -5.66
C GLU A 21 -6.91 1.46 -6.54
N ALA A 22 -5.64 1.13 -6.77
CA ALA A 22 -5.29 -0.02 -7.58
C ALA A 22 -6.01 -1.28 -7.12
N LEU A 23 -6.09 -1.45 -5.81
CA LEU A 23 -6.75 -2.62 -5.23
C LEU A 23 -8.26 -2.56 -5.47
N GLU A 24 -8.89 -1.51 -4.95
CA GLU A 24 -10.33 -1.34 -5.12
C GLU A 24 -10.73 -1.46 -6.58
N LYS A 25 -9.89 -0.94 -7.47
CA LYS A 25 -10.14 -1.00 -8.90
C LYS A 25 -9.87 -2.38 -9.46
N TYR A 26 -8.61 -2.81 -9.38
CA TYR A 26 -8.22 -4.13 -9.88
C TYR A 26 -8.49 -5.20 -8.83
N GLY A 27 -7.81 -5.09 -7.68
CA GLY A 27 -7.99 -6.06 -6.62
C GLY A 27 -6.71 -6.79 -6.28
N LYS A 28 -6.83 -8.08 -5.97
CA LYS A 28 -5.66 -8.89 -5.62
C LYS A 28 -4.85 -9.25 -6.87
N ASP A 29 -4.57 -8.25 -7.70
CA ASP A 29 -3.80 -8.46 -8.92
C ASP A 29 -2.66 -7.45 -9.03
N PHE A 30 -1.61 -7.68 -8.27
CA PHE A 30 -0.45 -6.78 -8.27
C PHE A 30 0.15 -6.69 -9.67
N ASN A 31 -0.14 -7.68 -10.50
CA ASN A 31 0.37 -7.71 -11.87
C ASN A 31 -0.26 -6.60 -12.71
N ASP A 32 -1.58 -6.66 -12.85
CA ASP A 32 -2.32 -5.67 -13.63
C ASP A 32 -1.97 -4.25 -13.17
N ILE A 33 -1.81 -4.09 -11.86
CA ILE A 33 -1.47 -2.80 -11.29
C ILE A 33 -0.06 -2.36 -11.68
N ARG A 34 0.93 -3.07 -11.14
CA ARG A 34 2.33 -2.76 -11.44
C ARG A 34 2.54 -2.58 -12.94
N GLN A 35 1.63 -3.14 -13.73
CA GLN A 35 1.72 -3.04 -15.18
C GLN A 35 1.48 -1.60 -15.64
N ASP A 36 0.28 -1.10 -15.41
CA ASP A 36 -0.08 0.26 -15.81
C ASP A 36 -0.01 1.20 -14.62
N PHE A 37 -0.83 0.96 -13.60
CA PHE A 37 -0.86 1.78 -12.41
C PHE A 37 0.54 2.28 -12.06
N LEU A 38 1.44 1.34 -11.76
CA LEU A 38 2.81 1.68 -11.41
C LEU A 38 3.80 0.77 -12.13
N PRO A 39 4.28 1.23 -13.29
CA PRO A 39 5.24 0.47 -14.10
C PRO A 39 6.62 0.38 -13.45
N TRP A 40 7.02 1.46 -12.79
CA TRP A 40 8.32 1.51 -12.12
C TRP A 40 8.31 0.65 -10.86
N LYS A 41 7.24 0.77 -10.07
CA LYS A 41 7.12 0.01 -8.84
C LYS A 41 7.33 -1.48 -9.11
N SER A 42 7.80 -2.19 -8.08
CA SER A 42 8.05 -3.63 -8.21
C SER A 42 6.77 -4.43 -7.93
N LEU A 43 6.87 -5.74 -8.05
CA LEU A 43 5.72 -6.62 -7.82
C LEU A 43 5.42 -6.73 -6.33
N THR A 44 6.41 -7.16 -5.56
CA THR A 44 6.26 -7.31 -4.11
C THR A 44 6.19 -5.96 -3.43
N SER A 45 7.12 -5.08 -3.77
CA SER A 45 7.18 -3.74 -3.18
C SER A 45 5.76 -3.19 -2.97
N ILE A 46 4.98 -3.18 -4.04
CA ILE A 46 3.60 -2.69 -3.98
C ILE A 46 2.80 -3.43 -2.91
N ILE A 47 3.08 -4.71 -2.75
CA ILE A 47 2.38 -5.54 -1.78
C ILE A 47 2.72 -5.09 -0.35
N GLU A 48 4.01 -4.97 -0.06
CA GLU A 48 4.46 -4.55 1.26
C GLU A 48 3.48 -3.55 1.88
N TYR A 49 3.10 -2.56 1.09
CA TYR A 49 2.17 -1.53 1.57
C TYR A 49 0.88 -2.16 2.08
N TYR A 50 0.35 -3.12 1.32
CA TYR A 50 -0.88 -3.80 1.70
C TYR A 50 -0.93 -4.03 3.21
N TYR A 51 0.14 -4.61 3.75
CA TYR A 51 0.21 -4.88 5.19
C TYR A 51 0.07 -3.60 5.99
N MET A 52 0.97 -2.65 5.76
CA MET A 52 0.94 -1.38 6.47
C MET A 52 -0.48 -0.82 6.53
N TRP A 53 -1.12 -0.75 5.37
CA TRP A 53 -2.49 -0.23 5.29
C TRP A 53 -3.46 -1.15 6.00
N LYS A 54 -3.27 -2.46 5.84
CA LYS A 54 -4.13 -3.45 6.48
C LYS A 54 -4.32 -3.13 7.96
N THR A 55 -3.23 -2.74 8.62
CA THR A 55 -3.27 -2.42 10.04
C THR A 55 -3.61 -0.94 10.25
N THR A 56 -3.01 -0.08 9.44
CA THR A 56 -3.25 1.35 9.53
C THR A 56 -4.71 1.69 9.27
N ASP A 57 -5.18 1.40 8.06
CA ASP A 57 -6.56 1.66 7.68
C ASP A 57 -6.92 3.12 7.94
N ARG A 58 -5.99 4.02 7.61
CA ARG A 58 -6.21 5.45 7.80
C ARG A 58 -7.52 5.89 7.17
N TYR A 59 -7.71 5.56 5.90
CA TYR A 59 -8.93 5.93 5.18
C TYR A 59 -9.53 4.71 4.48
N VAL A 60 -10.55 4.13 5.09
CA VAL A 60 -11.22 2.96 4.52
C VAL A 60 -12.71 2.97 4.83
N GLN A 61 -13.53 2.78 3.80
CA GLN A 61 -14.98 2.76 3.97
C GLN A 61 -15.37 2.08 5.28
N GLN A 62 -14.64 1.02 5.62
CA GLN A 62 -14.91 0.27 6.85
C GLN A 62 -14.72 1.15 8.08
N LYS A 63 -15.82 1.48 8.74
CA LYS A 63 -15.77 2.32 9.94
C LYS A 63 -15.86 1.47 11.20
N ARG A 64 -14.70 1.02 11.69
CA ARG A 64 -14.66 0.20 12.89
C ARG A 64 -13.93 0.94 14.02
N SER A 65 -14.66 1.79 14.73
CA SER A 65 -14.09 2.56 15.83
C SER A 65 -14.65 2.10 17.16
N GLY A 66 -13.77 1.72 18.08
CA GLY A 66 -14.20 1.26 19.39
C GLY A 66 -14.20 2.37 20.43
N PRO A 67 -13.01 2.66 20.99
CA PRO A 67 -12.84 3.70 22.00
C PRO A 67 -13.02 5.09 21.43
N SER A 68 -14.21 5.65 21.58
CA SER A 68 -14.51 6.99 21.08
C SER A 68 -14.95 7.91 22.20
N SER A 69 -15.00 9.20 21.91
CA SER A 69 -15.41 10.20 22.90
C SER A 69 -16.43 11.17 22.32
N GLY A 70 -16.06 11.82 21.22
CA GLY A 70 -16.95 12.77 20.59
C GLY A 70 -16.81 14.17 21.13
N GLY A 1 13.70 -7.55 -14.56
CA GLY A 1 14.94 -8.28 -14.78
C GLY A 1 15.98 -8.00 -13.70
N SER A 2 16.11 -6.73 -13.33
CA SER A 2 17.08 -6.33 -12.32
C SER A 2 16.39 -6.06 -10.99
N SER A 3 16.90 -6.68 -9.92
CA SER A 3 16.33 -6.50 -8.59
C SER A 3 17.38 -6.78 -7.52
N GLY A 4 17.74 -5.74 -6.77
CA GLY A 4 18.73 -5.89 -5.72
C GLY A 4 19.08 -4.56 -5.07
N SER A 5 18.38 -4.24 -3.98
CA SER A 5 18.63 -3.00 -3.26
C SER A 5 18.25 -3.14 -1.79
N SER A 6 19.26 -3.11 -0.92
CA SER A 6 19.03 -3.23 0.52
C SER A 6 18.82 -1.87 1.16
N GLY A 7 17.89 -1.80 2.10
CA GLY A 7 17.61 -0.55 2.77
C GLY A 7 16.15 -0.41 3.16
N MET A 8 15.46 0.55 2.54
CA MET A 8 14.05 0.77 2.83
C MET A 8 13.30 1.17 1.56
N GLU A 9 11.98 1.26 1.66
CA GLU A 9 11.14 1.63 0.53
C GLU A 9 10.79 3.11 0.56
N GLU A 10 10.19 3.59 -0.52
CA GLU A 10 9.80 5.00 -0.61
C GLU A 10 8.48 5.15 -1.36
N TRP A 11 7.47 5.64 -0.66
CA TRP A 11 6.15 5.85 -1.26
C TRP A 11 5.65 7.26 -1.02
N SER A 12 5.58 8.04 -2.10
CA SER A 12 5.12 9.42 -2.01
C SER A 12 3.59 9.49 -1.95
N ALA A 13 3.08 10.53 -1.31
CA ALA A 13 1.63 10.71 -1.18
C ALA A 13 0.92 10.24 -2.44
N SER A 14 1.24 10.86 -3.57
CA SER A 14 0.61 10.51 -4.84
C SER A 14 0.54 9.00 -5.01
N GLU A 15 1.67 8.33 -4.81
CA GLU A 15 1.74 6.88 -4.94
C GLU A 15 0.84 6.20 -3.90
N ALA A 16 1.03 6.57 -2.64
CA ALA A 16 0.23 5.99 -1.56
C ALA A 16 -1.23 5.89 -1.95
N CYS A 17 -1.77 6.99 -2.45
CA CYS A 17 -3.17 7.03 -2.86
C CYS A 17 -3.43 6.08 -4.04
N LEU A 18 -2.55 6.13 -5.03
CA LEU A 18 -2.67 5.27 -6.21
C LEU A 18 -2.91 3.82 -5.80
N PHE A 19 -2.20 3.37 -4.78
CA PHE A 19 -2.34 2.00 -4.30
C PHE A 19 -3.77 1.73 -3.83
N GLU A 20 -4.17 2.44 -2.78
CA GLU A 20 -5.52 2.28 -2.24
C GLU A 20 -6.54 2.01 -3.34
N GLU A 21 -6.59 2.93 -4.31
CA GLU A 21 -7.53 2.79 -5.43
C GLU A 21 -7.19 1.56 -6.27
N ALA A 22 -5.90 1.25 -6.36
CA ALA A 22 -5.44 0.10 -7.14
C ALA A 22 -6.12 -1.19 -6.65
N LEU A 23 -6.10 -1.41 -5.34
CA LEU A 23 -6.71 -2.60 -4.76
C LEU A 23 -8.21 -2.61 -4.99
N GLU A 24 -8.83 -1.44 -4.96
CA GLU A 24 -10.27 -1.32 -5.18
C GLU A 24 -10.62 -1.65 -6.62
N LYS A 25 -9.80 -1.18 -7.55
CA LYS A 25 -10.02 -1.42 -8.97
C LYS A 25 -9.59 -2.83 -9.36
N TYR A 26 -8.30 -3.09 -9.23
CA TYR A 26 -7.75 -4.41 -9.56
C TYR A 26 -7.83 -5.35 -8.38
N GLY A 27 -7.11 -5.02 -7.31
CA GLY A 27 -7.10 -5.86 -6.12
C GLY A 27 -5.82 -6.65 -5.96
N LYS A 28 -5.90 -7.76 -5.25
CA LYS A 28 -4.73 -8.61 -5.02
C LYS A 28 -3.87 -8.69 -6.27
N ASP A 29 -4.50 -8.50 -7.43
CA ASP A 29 -3.78 -8.56 -8.70
C ASP A 29 -2.73 -7.46 -8.78
N PHE A 30 -1.53 -7.76 -8.28
CA PHE A 30 -0.43 -6.80 -8.29
C PHE A 30 0.10 -6.60 -9.71
N ASN A 31 0.13 -7.68 -10.47
CA ASN A 31 0.61 -7.63 -11.86
C ASN A 31 -0.08 -6.51 -12.63
N ASP A 32 -1.40 -6.58 -12.69
CA ASP A 32 -2.17 -5.57 -13.41
C ASP A 32 -1.77 -4.16 -12.98
N ILE A 33 -1.71 -3.93 -11.68
CA ILE A 33 -1.34 -2.63 -11.15
C ILE A 33 0.07 -2.25 -11.57
N ARG A 34 1.07 -2.96 -11.04
CA ARG A 34 2.45 -2.69 -11.37
C ARG A 34 2.63 -2.51 -12.87
N GLN A 35 1.69 -3.05 -13.65
CA GLN A 35 1.74 -2.94 -15.10
C GLN A 35 1.51 -1.50 -15.56
N ASP A 36 0.32 -0.99 -15.28
CA ASP A 36 -0.04 0.37 -15.66
C ASP A 36 0.05 1.31 -14.46
N PHE A 37 -0.74 1.02 -13.44
CA PHE A 37 -0.77 1.83 -12.23
C PHE A 37 0.64 2.35 -11.90
N LEU A 38 1.53 1.43 -11.55
CA LEU A 38 2.91 1.79 -11.22
C LEU A 38 3.90 0.90 -11.95
N PRO A 39 4.35 1.36 -13.13
CA PRO A 39 5.31 0.61 -13.94
C PRO A 39 6.71 0.57 -13.31
N TRP A 40 7.03 1.60 -12.55
CA TRP A 40 8.34 1.68 -11.89
C TRP A 40 8.37 0.79 -10.65
N LYS A 41 7.30 0.86 -9.86
CA LYS A 41 7.21 0.06 -8.64
C LYS A 41 7.40 -1.42 -8.94
N SER A 42 7.91 -2.16 -7.97
CA SER A 42 8.14 -3.59 -8.12
C SER A 42 6.88 -4.39 -7.86
N LEU A 43 6.95 -5.69 -8.10
CA LEU A 43 5.80 -6.57 -7.88
C LEU A 43 5.51 -6.74 -6.39
N THR A 44 6.49 -7.27 -5.67
CA THR A 44 6.34 -7.48 -4.23
C THR A 44 6.24 -6.15 -3.48
N SER A 45 7.17 -5.25 -3.78
CA SER A 45 7.19 -3.94 -3.14
C SER A 45 5.78 -3.41 -2.92
N ILE A 46 4.99 -3.37 -3.99
CA ILE A 46 3.62 -2.90 -3.91
C ILE A 46 2.81 -3.70 -2.90
N ILE A 47 3.07 -5.01 -2.86
CA ILE A 47 2.37 -5.90 -1.94
C ILE A 47 2.63 -5.49 -0.49
N GLU A 48 3.90 -5.42 -0.12
CA GLU A 48 4.28 -5.04 1.24
C GLU A 48 3.33 -3.99 1.80
N TYR A 49 3.06 -2.96 1.01
CA TYR A 49 2.18 -1.88 1.42
C TYR A 49 0.86 -2.44 1.96
N TYR A 50 0.30 -3.41 1.24
CA TYR A 50 -0.96 -4.03 1.65
C TYR A 50 -0.94 -4.39 3.12
N TYR A 51 0.18 -4.94 3.57
CA TYR A 51 0.34 -5.34 4.97
C TYR A 51 0.65 -4.13 5.85
N MET A 52 1.54 -3.27 5.37
CA MET A 52 1.93 -2.08 6.12
C MET A 52 0.77 -1.09 6.20
N TRP A 53 -0.25 -1.32 5.38
CA TRP A 53 -1.42 -0.45 5.36
C TRP A 53 -2.48 -0.93 6.34
N LYS A 54 -2.63 -2.26 6.43
CA LYS A 54 -3.60 -2.85 7.32
C LYS A 54 -3.04 -2.99 8.73
N THR A 55 -1.74 -3.26 8.82
CA THR A 55 -1.08 -3.41 10.11
C THR A 55 -1.03 -2.09 10.87
N THR A 56 -0.85 -0.99 10.13
CA THR A 56 -0.79 0.33 10.73
C THR A 56 -1.99 0.59 11.63
N ASP A 57 -1.72 1.02 12.86
CA ASP A 57 -2.78 1.30 13.82
C ASP A 57 -4.01 1.87 13.12
N ARG A 58 -3.77 2.74 12.15
CA ARG A 58 -4.86 3.36 11.40
C ARG A 58 -6.02 2.39 11.23
N TYR A 59 -7.25 2.91 11.31
CA TYR A 59 -8.45 2.09 11.15
C TYR A 59 -8.35 0.84 12.01
N VAL A 60 -7.81 0.98 13.21
CA VAL A 60 -7.66 -0.15 14.13
C VAL A 60 -8.87 -1.07 14.06
N GLN A 61 -10.06 -0.49 13.99
CA GLN A 61 -11.29 -1.26 13.91
C GLN A 61 -11.12 -2.47 13.01
N GLN A 62 -11.04 -3.66 13.62
CA GLN A 62 -10.86 -4.89 12.86
C GLN A 62 -11.44 -6.08 13.62
N LYS A 63 -12.32 -6.83 12.97
CA LYS A 63 -12.94 -8.00 13.58
C LYS A 63 -11.92 -9.13 13.75
N ARG A 64 -11.73 -9.56 15.00
CA ARG A 64 -10.78 -10.63 15.29
C ARG A 64 -11.51 -11.82 15.91
N SER A 65 -12.21 -11.59 17.00
CA SER A 65 -12.95 -12.64 17.69
C SER A 65 -13.82 -13.43 16.70
N GLY A 66 -13.51 -14.72 16.56
CA GLY A 66 -14.27 -15.56 15.65
C GLY A 66 -14.13 -17.04 15.98
N PRO A 67 -13.19 -17.72 15.32
CA PRO A 67 -12.93 -19.14 15.53
C PRO A 67 -12.32 -19.43 16.89
N SER A 68 -13.17 -19.54 17.92
CA SER A 68 -12.70 -19.80 19.27
C SER A 68 -12.60 -21.29 19.53
N SER A 69 -12.01 -21.66 20.66
CA SER A 69 -11.85 -23.06 21.01
C SER A 69 -12.94 -23.52 21.98
N GLY A 70 -12.97 -24.81 22.27
CA GLY A 70 -13.97 -25.34 23.18
C GLY A 70 -14.31 -24.38 24.30
N GLY A 1 12.41 1.87 -6.95
CA GLY A 1 12.77 0.76 -7.81
C GLY A 1 14.18 0.27 -7.57
N SER A 2 14.86 -0.13 -8.64
CA SER A 2 16.22 -0.64 -8.54
C SER A 2 17.22 0.51 -8.60
N SER A 3 17.01 1.44 -9.52
CA SER A 3 17.90 2.59 -9.68
C SER A 3 17.17 3.88 -9.34
N GLY A 4 17.94 4.92 -9.01
CA GLY A 4 17.36 6.20 -8.67
C GLY A 4 18.23 7.02 -7.75
N SER A 5 17.90 8.29 -7.58
CA SER A 5 18.67 9.19 -6.72
C SER A 5 18.18 9.10 -5.28
N SER A 6 18.75 8.16 -4.52
CA SER A 6 18.37 7.97 -3.13
C SER A 6 16.87 7.69 -3.00
N GLY A 7 16.36 6.89 -3.91
CA GLY A 7 14.95 6.54 -3.90
C GLY A 7 14.69 5.12 -3.47
N MET A 8 14.29 4.94 -2.21
CA MET A 8 14.02 3.61 -1.68
C MET A 8 12.79 3.62 -0.77
N GLU A 9 11.79 2.82 -1.11
CA GLU A 9 10.57 2.74 -0.33
C GLU A 9 10.11 4.13 0.10
N GLU A 10 10.43 5.13 -0.73
CA GLU A 10 10.05 6.51 -0.43
C GLU A 10 8.66 6.82 -0.98
N TRP A 11 7.73 5.89 -0.78
CA TRP A 11 6.36 6.06 -1.26
C TRP A 11 5.90 7.51 -1.07
N SER A 12 5.38 8.10 -2.15
CA SER A 12 4.91 9.48 -2.10
C SER A 12 3.38 9.52 -2.05
N ALA A 13 2.84 10.71 -1.79
CA ALA A 13 1.40 10.89 -1.73
C ALA A 13 0.70 10.20 -2.89
N SER A 14 1.12 10.53 -4.11
CA SER A 14 0.53 9.94 -5.31
C SER A 14 0.58 8.42 -5.25
N GLU A 15 1.75 7.89 -4.90
CA GLU A 15 1.92 6.44 -4.80
C GLU A 15 0.98 5.85 -3.77
N ALA A 16 1.12 6.27 -2.52
CA ALA A 16 0.28 5.79 -1.44
C ALA A 16 -1.18 5.72 -1.88
N CYS A 17 -1.76 6.88 -2.19
CA CYS A 17 -3.15 6.94 -2.60
C CYS A 17 -3.43 5.97 -3.74
N LEU A 18 -2.65 6.09 -4.82
CA LEU A 18 -2.81 5.22 -5.98
C LEU A 18 -3.03 3.77 -5.54
N PHE A 19 -2.04 3.20 -4.85
CA PHE A 19 -2.13 1.83 -4.38
C PHE A 19 -3.55 1.49 -3.96
N GLU A 20 -4.00 2.12 -2.87
CA GLU A 20 -5.34 1.88 -2.35
C GLU A 20 -6.35 1.77 -3.49
N GLU A 21 -6.26 2.70 -4.43
CA GLU A 21 -7.17 2.71 -5.58
C GLU A 21 -6.90 1.52 -6.50
N ALA A 22 -5.64 1.15 -6.62
CA ALA A 22 -5.26 0.02 -7.47
C ALA A 22 -5.93 -1.26 -7.01
N LEU A 23 -5.96 -1.48 -5.71
CA LEU A 23 -6.59 -2.68 -5.14
C LEU A 23 -8.10 -2.64 -5.34
N GLU A 24 -8.73 -1.59 -4.86
CA GLU A 24 -10.18 -1.44 -4.99
C GLU A 24 -10.61 -1.58 -6.45
N LYS A 25 -9.80 -1.07 -7.35
CA LYS A 25 -10.09 -1.14 -8.78
C LYS A 25 -9.79 -2.52 -9.33
N TYR A 26 -8.51 -2.90 -9.28
CA TYR A 26 -8.08 -4.20 -9.79
C TYR A 26 -8.38 -5.30 -8.76
N GLY A 27 -7.71 -5.22 -7.61
CA GLY A 27 -7.92 -6.21 -6.57
C GLY A 27 -6.64 -6.97 -6.24
N LYS A 28 -6.78 -8.27 -5.98
CA LYS A 28 -5.64 -9.11 -5.66
C LYS A 28 -4.81 -9.43 -6.90
N ASP A 29 -4.50 -8.40 -7.68
CA ASP A 29 -3.72 -8.57 -8.90
C ASP A 29 -2.62 -7.51 -8.99
N PHE A 30 -1.54 -7.74 -8.26
CA PHE A 30 -0.42 -6.80 -8.26
C PHE A 30 0.09 -6.56 -9.68
N ASN A 31 -0.05 -7.57 -10.53
CA ASN A 31 0.39 -7.47 -11.92
C ASN A 31 -0.32 -6.32 -12.63
N ASP A 32 -1.64 -6.44 -12.75
CA ASP A 32 -2.44 -5.41 -13.41
C ASP A 32 -2.02 -4.01 -12.95
N ILE A 33 -1.82 -3.87 -11.64
CA ILE A 33 -1.42 -2.59 -11.07
C ILE A 33 -0.02 -2.19 -11.51
N ARG A 34 0.99 -2.90 -10.99
CA ARG A 34 2.37 -2.62 -11.34
C ARG A 34 2.53 -2.46 -12.84
N GLN A 35 1.59 -3.00 -13.59
CA GLN A 35 1.62 -2.91 -15.05
C GLN A 35 1.43 -1.47 -15.52
N ASP A 36 0.26 -0.91 -15.23
CA ASP A 36 -0.05 0.45 -15.62
C ASP A 36 0.04 1.40 -14.42
N PHE A 37 -0.79 1.15 -13.41
CA PHE A 37 -0.79 1.97 -12.21
C PHE A 37 0.61 2.44 -11.87
N LEU A 38 1.50 1.49 -11.57
CA LEU A 38 2.88 1.81 -11.22
C LEU A 38 3.86 0.89 -11.96
N PRO A 39 4.34 1.35 -13.12
CA PRO A 39 5.28 0.59 -13.94
C PRO A 39 6.66 0.47 -13.28
N TRP A 40 7.13 1.59 -12.72
CA TRP A 40 8.43 1.61 -12.07
C TRP A 40 8.43 0.75 -10.81
N LYS A 41 7.37 0.87 -10.02
CA LYS A 41 7.24 0.11 -8.79
C LYS A 41 7.51 -1.37 -9.04
N SER A 42 7.84 -2.10 -7.98
CA SER A 42 8.12 -3.53 -8.09
C SER A 42 6.85 -4.35 -7.82
N LEU A 43 6.95 -5.66 -8.00
CA LEU A 43 5.82 -6.55 -7.79
C LEU A 43 5.53 -6.69 -6.30
N THR A 44 6.51 -7.18 -5.54
CA THR A 44 6.35 -7.37 -4.11
C THR A 44 6.26 -6.04 -3.39
N SER A 45 7.18 -5.12 -3.70
CA SER A 45 7.21 -3.81 -3.08
C SER A 45 5.80 -3.28 -2.88
N ILE A 46 5.00 -3.31 -3.94
CA ILE A 46 3.62 -2.83 -3.89
C ILE A 46 2.81 -3.62 -2.86
N ILE A 47 3.10 -4.92 -2.77
CA ILE A 47 2.39 -5.79 -1.83
C ILE A 47 2.65 -5.35 -0.39
N GLU A 48 3.91 -5.08 -0.07
CA GLU A 48 4.27 -4.66 1.28
C GLU A 48 3.27 -3.65 1.83
N TYR A 49 2.92 -2.67 1.01
CA TYR A 49 1.96 -1.63 1.41
C TYR A 49 0.66 -2.26 1.90
N TYR A 50 0.19 -3.26 1.16
CA TYR A 50 -1.06 -3.94 1.52
C TYR A 50 -1.14 -4.16 3.02
N TYR A 51 -0.11 -4.78 3.58
CA TYR A 51 -0.07 -5.06 5.01
C TYR A 51 -0.11 -3.76 5.82
N MET A 52 0.86 -2.89 5.56
CA MET A 52 0.94 -1.61 6.26
C MET A 52 -0.43 -0.93 6.31
N TRP A 53 -0.98 -0.64 5.15
CA TRP A 53 -2.29 0.01 5.07
C TRP A 53 -3.35 -0.80 5.80
N LYS A 54 -3.31 -2.11 5.61
CA LYS A 54 -4.27 -3.01 6.26
C LYS A 54 -4.25 -2.82 7.78
N THR A 55 -3.05 -2.82 8.35
CA THR A 55 -2.89 -2.66 9.79
C THR A 55 -3.26 -1.24 10.22
N THR A 56 -3.04 -0.28 9.33
CA THR A 56 -3.35 1.11 9.62
C THR A 56 -4.70 1.25 10.30
N ASP A 57 -4.77 2.11 11.32
CA ASP A 57 -6.01 2.32 12.05
C ASP A 57 -6.52 3.75 11.85
N ARG A 58 -7.20 3.98 10.73
CA ARG A 58 -7.74 5.30 10.43
C ARG A 58 -9.21 5.39 10.81
N TYR A 59 -9.99 4.43 10.35
CA TYR A 59 -11.42 4.40 10.65
C TYR A 59 -11.84 3.05 11.21
N VAL A 60 -11.62 2.85 12.51
CA VAL A 60 -11.97 1.61 13.18
C VAL A 60 -12.82 1.86 14.42
N GLN A 61 -12.31 2.68 15.32
CA GLN A 61 -13.02 3.01 16.55
C GLN A 61 -14.45 3.43 16.24
N GLN A 62 -15.30 3.37 17.26
CA GLN A 62 -16.71 3.75 17.11
C GLN A 62 -17.15 4.69 18.22
N LYS A 63 -17.97 5.68 17.87
CA LYS A 63 -18.46 6.63 18.85
C LYS A 63 -19.28 5.94 19.94
N ARG A 64 -20.11 5.00 19.52
CA ARG A 64 -20.95 4.26 20.47
C ARG A 64 -20.18 3.92 21.74
N SER A 65 -19.07 3.19 21.57
CA SER A 65 -18.24 2.80 22.71
C SER A 65 -17.35 3.95 23.15
N GLY A 66 -17.81 4.70 24.15
CA GLY A 66 -17.05 5.82 24.65
C GLY A 66 -17.56 6.31 25.99
N PRO A 67 -17.23 7.57 26.33
CA PRO A 67 -17.65 8.19 27.60
C PRO A 67 -19.14 8.45 27.65
N SER A 68 -19.69 8.95 26.55
CA SER A 68 -21.12 9.25 26.47
C SER A 68 -21.94 8.15 27.14
N SER A 69 -21.80 6.93 26.64
CA SER A 69 -22.53 5.79 27.19
C SER A 69 -22.15 5.55 28.65
N GLY A 70 -22.96 4.76 29.34
CA GLY A 70 -22.69 4.46 30.73
C GLY A 70 -23.18 5.55 31.66
N GLY A 1 19.84 10.16 2.00
CA GLY A 1 18.82 9.34 2.64
C GLY A 1 19.31 8.71 3.92
N SER A 2 18.56 7.75 4.44
CA SER A 2 18.92 7.06 5.67
C SER A 2 18.72 5.56 5.54
N SER A 3 19.66 4.79 6.08
CA SER A 3 19.60 3.34 6.02
C SER A 3 18.24 2.84 6.54
N GLY A 4 17.89 1.61 6.15
CA GLY A 4 16.63 1.04 6.58
C GLY A 4 16.29 -0.24 5.83
N SER A 5 17.06 -1.29 6.07
CA SER A 5 16.84 -2.57 5.41
C SER A 5 15.45 -3.11 5.72
N SER A 6 14.58 -3.10 4.73
CA SER A 6 13.21 -3.58 4.90
C SER A 6 12.50 -2.82 6.01
N GLY A 7 12.70 -1.50 6.05
CA GLY A 7 12.07 -0.68 7.05
C GLY A 7 11.42 0.56 6.48
N MET A 8 12.13 1.68 6.55
CA MET A 8 11.61 2.94 6.03
C MET A 8 11.39 2.86 4.52
N GLU A 9 10.13 2.72 4.12
CA GLU A 9 9.79 2.63 2.71
C GLU A 9 9.52 4.01 2.11
N GLU A 10 9.76 4.15 0.82
CA GLU A 10 9.54 5.42 0.14
C GLU A 10 8.29 5.36 -0.75
N TRP A 11 7.30 6.17 -0.41
CA TRP A 11 6.05 6.21 -1.17
C TRP A 11 5.49 7.63 -1.22
N SER A 12 5.61 8.28 -2.37
CA SER A 12 5.12 9.63 -2.54
C SER A 12 3.62 9.70 -2.28
N ALA A 13 3.13 10.91 -2.01
CA ALA A 13 1.71 11.11 -1.73
C ALA A 13 0.84 10.36 -2.74
N SER A 14 0.95 10.74 -4.00
CA SER A 14 0.17 10.09 -5.06
C SER A 14 0.41 8.58 -5.07
N GLU A 15 1.68 8.20 -4.97
CA GLU A 15 2.05 6.78 -4.98
C GLU A 15 1.25 6.00 -3.93
N ALA A 16 1.22 6.52 -2.71
CA ALA A 16 0.49 5.89 -1.62
C ALA A 16 -0.98 5.72 -1.99
N CYS A 17 -1.68 6.83 -2.13
CA CYS A 17 -3.10 6.80 -2.47
C CYS A 17 -3.37 5.83 -3.62
N LEU A 18 -2.67 6.03 -4.73
CA LEU A 18 -2.83 5.17 -5.90
C LEU A 18 -3.06 3.72 -5.48
N PHE A 19 -2.14 3.19 -4.68
CA PHE A 19 -2.24 1.81 -4.20
C PHE A 19 -3.66 1.51 -3.73
N GLU A 20 -4.09 2.21 -2.68
CA GLU A 20 -5.42 2.01 -2.13
C GLU A 20 -6.46 1.87 -3.24
N GLU A 21 -6.31 2.69 -4.27
CA GLU A 21 -7.25 2.66 -5.39
C GLU A 21 -7.07 1.39 -6.21
N ALA A 22 -5.84 1.08 -6.57
CA ALA A 22 -5.54 -0.12 -7.35
C ALA A 22 -6.32 -1.32 -6.83
N LEU A 23 -6.19 -1.58 -5.53
CA LEU A 23 -6.89 -2.70 -4.91
C LEU A 23 -8.40 -2.58 -5.10
N GLU A 24 -8.88 -1.36 -5.27
CA GLU A 24 -10.30 -1.11 -5.46
C GLU A 24 -10.69 -1.34 -6.92
N LYS A 25 -9.86 -0.85 -7.84
CA LYS A 25 -10.12 -0.99 -9.26
C LYS A 25 -9.80 -2.41 -9.73
N TYR A 26 -8.54 -2.80 -9.63
CA TYR A 26 -8.11 -4.13 -10.05
C TYR A 26 -8.34 -5.14 -8.93
N GLY A 27 -7.59 -5.02 -7.84
CA GLY A 27 -7.72 -5.93 -6.72
C GLY A 27 -6.41 -6.58 -6.35
N LYS A 28 -6.47 -7.85 -5.95
CA LYS A 28 -5.28 -8.59 -5.56
C LYS A 28 -4.50 -9.05 -6.79
N ASP A 29 -4.32 -8.16 -7.75
CA ASP A 29 -3.59 -8.47 -8.97
C ASP A 29 -2.39 -7.55 -9.14
N PHE A 30 -1.52 -7.53 -8.13
CA PHE A 30 -0.33 -6.69 -8.17
C PHE A 30 0.21 -6.57 -9.60
N ASN A 31 0.06 -7.64 -10.37
CA ASN A 31 0.53 -7.66 -11.76
C ASN A 31 -0.18 -6.58 -12.58
N ASP A 32 -1.51 -6.64 -12.62
CA ASP A 32 -2.30 -5.67 -13.36
C ASP A 32 -1.95 -4.25 -12.94
N ILE A 33 -1.69 -4.06 -11.65
CA ILE A 33 -1.34 -2.74 -11.13
C ILE A 33 0.05 -2.33 -11.58
N ARG A 34 1.07 -3.00 -11.05
CA ARG A 34 2.45 -2.70 -11.40
C ARG A 34 2.62 -2.55 -12.90
N GLN A 35 1.68 -3.11 -13.65
CA GLN A 35 1.72 -3.04 -15.11
C GLN A 35 1.55 -1.59 -15.58
N ASP A 36 0.39 -1.02 -15.31
CA ASP A 36 0.11 0.35 -15.72
C ASP A 36 0.18 1.30 -14.52
N PHE A 37 -0.66 1.06 -13.53
CA PHE A 37 -0.68 1.89 -12.32
C PHE A 37 0.71 2.40 -11.99
N LEU A 38 1.60 1.47 -11.64
CA LEU A 38 2.98 1.82 -11.29
C LEU A 38 3.96 0.88 -11.97
N PRO A 39 4.47 1.29 -13.15
CA PRO A 39 5.44 0.50 -13.90
C PRO A 39 6.80 0.43 -13.22
N TRP A 40 7.33 1.59 -12.85
CA TRP A 40 8.63 1.66 -12.19
C TRP A 40 8.63 0.83 -10.91
N LYS A 41 7.61 1.03 -10.07
CA LYS A 41 7.51 0.29 -8.81
C LYS A 41 7.48 -1.21 -9.07
N SER A 42 8.09 -1.97 -8.17
CA SER A 42 8.13 -3.43 -8.29
C SER A 42 6.80 -4.05 -7.87
N LEU A 43 6.61 -5.32 -8.22
CA LEU A 43 5.38 -6.03 -7.89
C LEU A 43 5.27 -6.23 -6.38
N THR A 44 6.20 -7.00 -5.81
CA THR A 44 6.20 -7.26 -4.38
C THR A 44 6.19 -5.97 -3.58
N SER A 45 7.11 -5.07 -3.91
CA SER A 45 7.21 -3.80 -3.21
C SER A 45 5.83 -3.20 -2.96
N ILE A 46 4.95 -3.31 -3.95
CA ILE A 46 3.60 -2.79 -3.83
C ILE A 46 2.79 -3.59 -2.82
N ILE A 47 3.02 -4.90 -2.79
CA ILE A 47 2.31 -5.78 -1.87
C ILE A 47 2.62 -5.43 -0.42
N GLU A 48 3.91 -5.35 -0.11
CA GLU A 48 4.34 -5.02 1.25
C GLU A 48 3.39 -4.02 1.89
N TYR A 49 3.25 -2.85 1.26
CA TYR A 49 2.37 -1.81 1.77
C TYR A 49 1.04 -2.39 2.24
N TYR A 50 0.48 -3.28 1.43
CA TYR A 50 -0.80 -3.90 1.74
C TYR A 50 -0.86 -4.29 3.22
N TYR A 51 0.10 -5.11 3.65
CA TYR A 51 0.15 -5.56 5.03
C TYR A 51 0.16 -4.37 5.99
N MET A 52 1.00 -3.38 5.69
CA MET A 52 1.10 -2.19 6.53
C MET A 52 -0.25 -1.50 6.66
N TRP A 53 -0.83 -1.13 5.52
CA TRP A 53 -2.12 -0.45 5.51
C TRP A 53 -3.17 -1.28 6.26
N LYS A 54 -3.25 -2.56 5.92
CA LYS A 54 -4.21 -3.45 6.57
C LYS A 54 -4.17 -3.30 8.09
N THR A 55 -2.98 -3.40 8.65
CA THR A 55 -2.81 -3.26 10.10
C THR A 55 -3.12 -1.84 10.56
N THR A 56 -2.64 -0.86 9.80
CA THR A 56 -2.87 0.53 10.13
C THR A 56 -4.26 0.75 10.70
N ASP A 57 -4.37 1.65 11.68
CA ASP A 57 -5.65 1.95 12.31
C ASP A 57 -6.60 2.59 11.32
N ARG A 58 -7.29 1.76 10.54
CA ARG A 58 -8.25 2.25 9.55
C ARG A 58 -9.52 1.40 9.55
N TYR A 59 -10.63 2.01 9.95
CA TYR A 59 -11.91 1.31 10.00
C TYR A 59 -11.77 -0.03 10.70
N VAL A 60 -11.19 -0.01 11.89
CA VAL A 60 -11.00 -1.23 12.67
C VAL A 60 -12.33 -1.89 13.00
N GLN A 61 -12.35 -3.23 13.00
CA GLN A 61 -13.55 -3.97 13.30
C GLN A 61 -13.57 -4.44 14.75
N GLN A 62 -12.46 -5.07 15.16
CA GLN A 62 -12.34 -5.56 16.53
C GLN A 62 -12.21 -4.42 17.52
N LYS A 63 -13.35 -3.92 17.99
CA LYS A 63 -13.37 -2.81 18.94
C LYS A 63 -12.71 -3.22 20.26
N ARG A 64 -11.98 -2.30 20.87
CA ARG A 64 -11.30 -2.55 22.13
C ARG A 64 -12.03 -1.89 23.29
N SER A 65 -12.21 -2.63 24.37
CA SER A 65 -12.89 -2.11 25.56
C SER A 65 -11.94 -1.27 26.41
N GLY A 66 -12.50 -0.57 27.40
CA GLY A 66 -11.69 0.25 28.27
C GLY A 66 -12.46 1.42 28.84
N PRO A 67 -13.32 1.14 29.83
CA PRO A 67 -14.14 2.16 30.49
C PRO A 67 -13.32 3.11 31.35
N SER A 68 -13.90 4.25 31.70
CA SER A 68 -13.21 5.24 32.51
C SER A 68 -13.98 5.52 33.80
N SER A 69 -15.21 5.98 33.65
CA SER A 69 -16.07 6.29 34.80
C SER A 69 -16.02 5.15 35.81
N GLY A 70 -16.13 3.93 35.33
CA GLY A 70 -16.10 2.78 36.21
C GLY A 70 -17.43 2.04 36.25
N GLY A 1 22.66 18.10 6.65
CA GLY A 1 22.69 16.85 5.92
C GLY A 1 21.71 15.83 6.46
N SER A 2 21.99 14.56 6.23
CA SER A 2 21.12 13.48 6.70
C SER A 2 21.89 12.17 6.83
N SER A 3 21.57 11.40 7.86
CA SER A 3 22.23 10.12 8.11
C SER A 3 21.73 9.07 7.13
N GLY A 4 20.41 8.99 6.95
CA GLY A 4 19.84 8.03 6.05
C GLY A 4 18.71 7.24 6.67
N SER A 5 17.92 6.56 5.86
CA SER A 5 16.80 5.78 6.34
C SER A 5 17.12 4.27 6.28
N SER A 6 16.53 3.52 7.19
CA SER A 6 16.75 2.08 7.25
C SER A 6 15.67 1.39 8.08
N GLY A 7 14.80 0.66 7.40
CA GLY A 7 13.73 -0.03 8.09
C GLY A 7 12.36 0.31 7.55
N MET A 8 12.13 1.60 7.31
CA MET A 8 10.85 2.06 6.77
C MET A 8 10.88 2.09 5.25
N GLU A 9 9.71 1.96 4.63
CA GLU A 9 9.59 1.98 3.19
C GLU A 9 9.52 3.41 2.66
N GLU A 10 9.82 3.58 1.38
CA GLU A 10 9.78 4.91 0.76
C GLU A 10 8.63 5.01 -0.24
N TRP A 11 7.51 5.54 0.23
CA TRP A 11 6.33 5.70 -0.62
C TRP A 11 5.83 7.14 -0.60
N SER A 12 5.92 7.80 -1.75
CA SER A 12 5.48 9.19 -1.87
C SER A 12 4.00 9.31 -1.58
N ALA A 13 3.55 10.53 -1.27
CA ALA A 13 2.15 10.78 -0.98
C ALA A 13 1.28 10.46 -2.19
N SER A 14 1.56 11.12 -3.31
CA SER A 14 0.79 10.91 -4.53
C SER A 14 0.62 9.42 -4.82
N GLU A 15 1.73 8.69 -4.76
CA GLU A 15 1.71 7.25 -5.01
C GLU A 15 0.87 6.52 -3.95
N ALA A 16 1.00 6.94 -2.71
CA ALA A 16 0.26 6.34 -1.61
C ALA A 16 -1.21 6.17 -1.98
N CYS A 17 -1.83 7.25 -2.45
CA CYS A 17 -3.24 7.23 -2.82
C CYS A 17 -3.50 6.16 -3.89
N LEU A 18 -2.68 6.19 -4.95
CA LEU A 18 -2.82 5.22 -6.04
C LEU A 18 -3.03 3.82 -5.49
N PHE A 19 -2.01 3.29 -4.81
CA PHE A 19 -2.08 1.96 -4.23
C PHE A 19 -3.50 1.65 -3.76
N GLU A 20 -3.96 2.37 -2.75
CA GLU A 20 -5.29 2.17 -2.20
C GLU A 20 -6.31 1.96 -3.32
N GLU A 21 -6.25 2.81 -4.34
CA GLU A 21 -7.17 2.71 -5.47
C GLU A 21 -6.94 1.42 -6.25
N ALA A 22 -5.66 1.13 -6.54
CA ALA A 22 -5.31 -0.07 -7.28
C ALA A 22 -6.03 -1.30 -6.72
N LEU A 23 -5.82 -1.56 -5.44
CA LEU A 23 -6.45 -2.71 -4.78
C LEU A 23 -7.96 -2.67 -4.96
N GLU A 24 -8.52 -1.46 -4.93
CA GLU A 24 -9.97 -1.29 -5.10
C GLU A 24 -10.41 -1.70 -6.50
N LYS A 25 -9.67 -1.26 -7.50
CA LYS A 25 -9.99 -1.58 -8.89
C LYS A 25 -9.54 -2.99 -9.24
N TYR A 26 -8.22 -3.22 -9.18
CA TYR A 26 -7.67 -4.53 -9.50
C TYR A 26 -7.76 -5.47 -8.29
N GLY A 27 -7.02 -5.14 -7.24
CA GLY A 27 -7.03 -5.96 -6.04
C GLY A 27 -5.79 -6.81 -5.90
N LYS A 28 -5.92 -7.95 -5.25
CA LYS A 28 -4.79 -8.86 -5.04
C LYS A 28 -3.91 -8.92 -6.29
N ASP A 29 -4.51 -8.65 -7.45
CA ASP A 29 -3.78 -8.67 -8.71
C ASP A 29 -2.71 -7.58 -8.73
N PHE A 30 -1.51 -7.94 -8.29
CA PHE A 30 -0.39 -6.98 -8.26
C PHE A 30 0.12 -6.71 -9.67
N ASN A 31 0.09 -7.73 -10.51
CA ASN A 31 0.56 -7.59 -11.89
C ASN A 31 -0.19 -6.48 -12.61
N ASP A 32 -1.51 -6.63 -12.72
CA ASP A 32 -2.34 -5.64 -13.39
C ASP A 32 -1.97 -4.23 -12.93
N ILE A 33 -1.70 -4.07 -11.64
CA ILE A 33 -1.34 -2.78 -11.09
C ILE A 33 0.05 -2.35 -11.55
N ARG A 34 1.08 -3.00 -11.02
CA ARG A 34 2.45 -2.69 -11.38
C ARG A 34 2.59 -2.53 -12.88
N GLN A 35 1.70 -3.19 -13.63
CA GLN A 35 1.73 -3.13 -15.09
C GLN A 35 1.49 -1.70 -15.58
N ASP A 36 0.30 -1.18 -15.31
CA ASP A 36 -0.05 0.18 -15.72
C ASP A 36 0.02 1.14 -14.53
N PHE A 37 -0.81 0.90 -13.53
CA PHE A 37 -0.84 1.74 -12.33
C PHE A 37 0.55 2.29 -12.02
N LEU A 38 1.47 1.40 -11.70
CA LEU A 38 2.84 1.79 -11.37
C LEU A 38 3.84 0.88 -12.06
N PRO A 39 4.33 1.31 -13.23
CA PRO A 39 5.30 0.54 -14.02
C PRO A 39 6.67 0.51 -13.35
N TRP A 40 7.04 1.62 -12.72
CA TRP A 40 8.34 1.72 -12.05
C TRP A 40 8.34 0.93 -10.74
N LYS A 41 7.26 1.08 -9.98
CA LYS A 41 7.13 0.38 -8.70
C LYS A 41 7.42 -1.11 -8.87
N SER A 42 7.90 -1.74 -7.79
CA SER A 42 8.22 -3.16 -7.82
C SER A 42 6.97 -4.00 -7.58
N LEU A 43 6.94 -5.19 -8.16
CA LEU A 43 5.80 -6.09 -8.01
C LEU A 43 5.53 -6.37 -6.53
N THR A 44 6.48 -7.03 -5.87
CA THR A 44 6.34 -7.36 -4.46
C THR A 44 6.16 -6.10 -3.62
N SER A 45 7.07 -5.14 -3.80
CA SER A 45 7.01 -3.88 -3.06
C SER A 45 5.57 -3.43 -2.87
N ILE A 46 4.84 -3.35 -3.98
CA ILE A 46 3.44 -2.92 -3.93
C ILE A 46 2.62 -3.79 -2.97
N ILE A 47 2.95 -5.08 -2.93
CA ILE A 47 2.26 -6.01 -2.06
C ILE A 47 2.41 -5.62 -0.60
N GLU A 48 3.66 -5.54 -0.14
CA GLU A 48 3.95 -5.17 1.24
C GLU A 48 2.93 -4.15 1.76
N TYR A 49 2.89 -2.99 1.11
CA TYR A 49 1.96 -1.93 1.51
C TYR A 49 0.65 -2.52 1.99
N TYR A 50 0.10 -3.46 1.23
CA TYR A 50 -1.16 -4.10 1.57
C TYR A 50 -1.15 -4.58 3.03
N TYR A 51 -0.18 -5.41 3.37
CA TYR A 51 -0.07 -5.94 4.72
C TYR A 51 -0.14 -4.82 5.74
N MET A 52 0.61 -3.75 5.50
CA MET A 52 0.63 -2.61 6.40
C MET A 52 -0.75 -1.95 6.47
N TRP A 53 -1.43 -1.90 5.34
CA TRP A 53 -2.76 -1.30 5.27
C TRP A 53 -3.78 -2.14 6.02
N LYS A 54 -3.98 -3.37 5.57
CA LYS A 54 -4.93 -4.28 6.21
C LYS A 54 -4.66 -4.39 7.70
N THR A 55 -3.37 -4.38 8.07
CA THR A 55 -2.98 -4.49 9.47
C THR A 55 -3.47 -3.28 10.26
N THR A 56 -3.31 -2.09 9.69
CA THR A 56 -3.73 -0.86 10.35
C THR A 56 -5.25 -0.79 10.45
N ASP A 57 -5.74 0.09 11.32
CA ASP A 57 -7.18 0.26 11.51
C ASP A 57 -7.66 1.57 10.90
N ARG A 58 -7.13 1.90 9.73
CA ARG A 58 -7.50 3.14 9.04
C ARG A 58 -9.01 3.21 8.84
N TYR A 59 -9.67 4.10 9.58
CA TYR A 59 -11.11 4.27 9.47
C TYR A 59 -11.81 2.92 9.41
N VAL A 60 -11.33 1.97 10.20
CA VAL A 60 -11.92 0.64 10.24
C VAL A 60 -13.44 0.70 10.27
N GLN A 61 -14.07 -0.24 9.57
CA GLN A 61 -15.53 -0.29 9.52
C GLN A 61 -16.08 -1.28 10.53
N GLN A 62 -16.77 -0.76 11.54
CA GLN A 62 -17.34 -1.61 12.58
C GLN A 62 -18.18 -0.78 13.55
N LYS A 63 -19.13 -1.43 14.20
CA LYS A 63 -20.01 -0.76 15.17
C LYS A 63 -19.34 -0.67 16.54
N ARG A 64 -18.51 0.35 16.72
CA ARG A 64 -17.81 0.54 17.99
C ARG A 64 -18.20 1.88 18.62
N SER A 65 -17.87 2.04 19.90
CA SER A 65 -18.19 3.27 20.62
C SER A 65 -17.00 4.22 20.62
N GLY A 66 -15.88 3.77 21.18
CA GLY A 66 -14.68 4.59 21.24
C GLY A 66 -14.96 5.96 21.80
N PRO A 67 -14.98 6.06 23.14
CA PRO A 67 -15.23 7.33 23.83
C PRO A 67 -14.07 8.32 23.68
N SER A 68 -14.33 9.43 23.00
CA SER A 68 -13.31 10.44 22.78
C SER A 68 -13.94 11.78 22.42
N SER A 69 -13.64 12.81 23.21
CA SER A 69 -14.19 14.13 22.97
C SER A 69 -13.09 15.19 22.97
N GLY A 70 -12.75 15.68 21.78
CA GLY A 70 -11.70 16.68 21.66
C GLY A 70 -11.37 17.00 20.22
N GLY A 1 20.82 14.27 -7.75
CA GLY A 1 20.48 13.13 -8.58
C GLY A 1 20.65 11.80 -7.86
N SER A 2 19.53 11.21 -7.46
CA SER A 2 19.56 9.93 -6.75
C SER A 2 19.66 8.77 -7.73
N SER A 3 20.52 7.81 -7.40
CA SER A 3 20.73 6.64 -8.26
C SER A 3 21.47 5.54 -7.51
N GLY A 4 21.31 4.31 -7.98
CA GLY A 4 21.99 3.19 -7.33
C GLY A 4 22.01 3.30 -5.82
N SER A 5 20.83 3.22 -5.21
CA SER A 5 20.72 3.33 -3.77
C SER A 5 20.02 2.10 -3.18
N SER A 6 20.53 1.62 -2.05
CA SER A 6 19.96 0.45 -1.39
C SER A 6 19.72 0.72 0.09
N GLY A 7 18.75 0.03 0.66
CA GLY A 7 18.43 0.20 2.07
C GLY A 7 16.95 0.11 2.34
N MET A 8 16.41 1.10 3.06
CA MET A 8 14.99 1.12 3.39
C MET A 8 14.16 1.62 2.21
N GLU A 9 12.84 1.61 2.37
CA GLU A 9 11.94 2.07 1.33
C GLU A 9 11.00 3.14 1.85
N GLU A 10 10.58 4.04 0.96
CA GLU A 10 9.67 5.12 1.34
C GLU A 10 8.64 5.38 0.23
N TRP A 11 7.38 5.40 0.61
CA TRP A 11 6.30 5.63 -0.34
C TRP A 11 5.82 7.08 -0.28
N SER A 12 5.63 7.69 -1.46
CA SER A 12 5.18 9.07 -1.55
C SER A 12 3.66 9.16 -1.42
N ALA A 13 3.15 10.39 -1.40
CA ALA A 13 1.71 10.60 -1.28
C ALA A 13 0.98 10.11 -2.52
N SER A 14 1.32 10.67 -3.67
CA SER A 14 0.68 10.29 -4.93
C SER A 14 0.67 8.77 -5.08
N GLU A 15 1.79 8.14 -4.75
CA GLU A 15 1.91 6.69 -4.85
C GLU A 15 0.94 5.99 -3.89
N ALA A 16 0.97 6.40 -2.63
CA ALA A 16 0.11 5.83 -1.61
C ALA A 16 -1.33 5.71 -2.11
N CYS A 17 -1.92 6.85 -2.45
CA CYS A 17 -3.29 6.88 -2.95
C CYS A 17 -3.47 5.94 -4.13
N LEU A 18 -2.54 6.02 -5.09
CA LEU A 18 -2.59 5.17 -6.27
C LEU A 18 -2.81 3.71 -5.89
N PHE A 19 -2.18 3.28 -4.80
CA PHE A 19 -2.32 1.91 -4.33
C PHE A 19 -3.74 1.64 -3.85
N GLU A 20 -4.15 2.33 -2.79
CA GLU A 20 -5.48 2.16 -2.23
C GLU A 20 -6.51 1.95 -3.34
N GLU A 21 -6.47 2.81 -4.35
CA GLU A 21 -7.40 2.72 -5.47
C GLU A 21 -7.08 1.50 -6.34
N ALA A 22 -5.80 1.16 -6.43
CA ALA A 22 -5.36 0.03 -7.23
C ALA A 22 -6.01 -1.26 -6.74
N LEU A 23 -6.18 -1.38 -5.43
CA LEU A 23 -6.78 -2.57 -4.83
C LEU A 23 -8.29 -2.57 -5.04
N GLU A 24 -8.89 -1.38 -5.03
CA GLU A 24 -10.32 -1.24 -5.22
C GLU A 24 -10.69 -1.31 -6.71
N LYS A 25 -9.73 -0.96 -7.56
CA LYS A 25 -9.95 -0.99 -9.00
C LYS A 25 -9.74 -2.40 -9.56
N TYR A 26 -8.51 -2.90 -9.45
CA TYR A 26 -8.19 -4.23 -9.94
C TYR A 26 -8.42 -5.28 -8.86
N GLY A 27 -7.65 -5.16 -7.77
CA GLY A 27 -7.78 -6.12 -6.68
C GLY A 27 -6.46 -6.73 -6.29
N LYS A 28 -6.49 -7.99 -5.85
CA LYS A 28 -5.28 -8.68 -5.44
C LYS A 28 -4.48 -9.14 -6.66
N ASP A 29 -4.25 -8.22 -7.59
CA ASP A 29 -3.49 -8.53 -8.80
C ASP A 29 -2.36 -7.54 -8.99
N PHE A 30 -1.45 -7.49 -8.01
CA PHE A 30 -0.30 -6.58 -8.08
C PHE A 30 0.19 -6.42 -9.52
N ASN A 31 0.17 -7.52 -10.26
CA ASN A 31 0.61 -7.51 -11.65
C ASN A 31 -0.15 -6.45 -12.45
N ASP A 32 -1.44 -6.67 -12.63
CA ASP A 32 -2.28 -5.74 -13.37
C ASP A 32 -1.98 -4.30 -12.98
N ILE A 33 -1.72 -4.09 -11.69
CA ILE A 33 -1.40 -2.75 -11.19
C ILE A 33 -0.01 -2.32 -11.61
N ARG A 34 1.01 -2.91 -10.98
CA ARG A 34 2.39 -2.58 -11.29
C ARG A 34 2.59 -2.42 -12.80
N GLN A 35 1.72 -3.05 -13.57
CA GLN A 35 1.80 -2.98 -15.03
C GLN A 35 1.56 -1.56 -15.51
N ASP A 36 0.35 -1.06 -15.28
CA ASP A 36 -0.02 0.29 -15.70
C ASP A 36 0.00 1.25 -14.51
N PHE A 37 -0.86 0.98 -13.53
CA PHE A 37 -0.94 1.81 -12.33
C PHE A 37 0.44 2.38 -11.97
N LEU A 38 1.35 1.49 -11.63
CA LEU A 38 2.71 1.90 -11.25
C LEU A 38 3.75 1.00 -11.93
N PRO A 39 4.26 1.46 -13.08
CA PRO A 39 5.26 0.73 -13.85
C PRO A 39 6.62 0.71 -13.16
N TRP A 40 7.03 1.86 -12.64
CA TRP A 40 8.31 1.98 -11.95
C TRP A 40 8.33 1.10 -10.70
N LYS A 41 7.29 1.20 -9.89
CA LYS A 41 7.19 0.42 -8.67
C LYS A 41 7.37 -1.07 -8.96
N SER A 42 7.80 -1.82 -7.95
CA SER A 42 8.03 -3.25 -8.10
C SER A 42 6.78 -4.03 -7.71
N LEU A 43 6.72 -5.29 -8.15
CA LEU A 43 5.57 -6.14 -7.86
C LEU A 43 5.42 -6.35 -6.36
N THR A 44 6.40 -7.00 -5.75
CA THR A 44 6.38 -7.27 -4.31
C THR A 44 6.33 -5.96 -3.52
N SER A 45 7.16 -5.00 -3.92
CA SER A 45 7.22 -3.71 -3.23
C SER A 45 5.81 -3.19 -2.96
N ILE A 46 4.94 -3.28 -3.96
CA ILE A 46 3.57 -2.81 -3.82
C ILE A 46 2.79 -3.68 -2.85
N ILE A 47 3.12 -4.97 -2.81
CA ILE A 47 2.45 -5.90 -1.92
C ILE A 47 2.70 -5.54 -0.46
N GLU A 48 3.96 -5.51 -0.06
CA GLU A 48 4.33 -5.17 1.30
C GLU A 48 3.36 -4.13 1.89
N TYR A 49 3.13 -3.07 1.14
CA TYR A 49 2.23 -2.00 1.59
C TYR A 49 0.91 -2.59 2.09
N TYR A 50 0.33 -3.48 1.30
CA TYR A 50 -0.93 -4.12 1.67
C TYR A 50 -0.92 -4.58 3.12
N TYR A 51 0.21 -5.12 3.55
CA TYR A 51 0.36 -5.60 4.93
C TYR A 51 0.64 -4.44 5.88
N MET A 52 1.49 -3.51 5.44
CA MET A 52 1.85 -2.36 6.25
C MET A 52 0.67 -1.39 6.36
N TRP A 53 -0.34 -1.58 5.52
CA TRP A 53 -1.51 -0.74 5.53
C TRP A 53 -2.61 -1.32 6.41
N LYS A 54 -2.73 -2.65 6.40
CA LYS A 54 -3.72 -3.34 7.22
C LYS A 54 -3.28 -3.41 8.67
N THR A 55 -1.97 -3.41 8.89
CA THR A 55 -1.42 -3.47 10.24
C THR A 55 -1.73 -2.21 11.02
N THR A 56 -1.59 -1.06 10.37
CA THR A 56 -1.85 0.22 11.01
C THR A 56 -3.18 0.19 11.76
N ASP A 57 -3.32 1.09 12.73
CA ASP A 57 -4.54 1.18 13.53
C ASP A 57 -5.77 0.87 12.67
N ARG A 58 -5.82 1.48 11.49
CA ARG A 58 -6.95 1.27 10.57
C ARG A 58 -7.14 -0.22 10.29
N TYR A 59 -8.39 -0.67 10.37
CA TYR A 59 -8.71 -2.07 10.11
C TYR A 59 -8.14 -2.97 11.21
N VAL A 60 -8.27 -2.52 12.46
CA VAL A 60 -7.77 -3.28 13.59
C VAL A 60 -8.53 -2.94 14.86
N GLN A 61 -8.57 -3.88 15.80
CA GLN A 61 -9.27 -3.68 17.07
C GLN A 61 -8.36 -3.99 18.25
N GLN A 62 -7.63 -2.98 18.71
CA GLN A 62 -6.72 -3.15 19.83
C GLN A 62 -6.65 -1.88 20.67
N LYS A 63 -5.98 -1.96 21.82
CA LYS A 63 -5.84 -0.82 22.71
C LYS A 63 -5.33 0.41 21.95
N ARG A 64 -6.26 1.26 21.52
CA ARG A 64 -5.90 2.46 20.79
C ARG A 64 -7.12 3.36 20.60
N SER A 65 -6.89 4.68 20.64
CA SER A 65 -7.97 5.64 20.48
C SER A 65 -8.92 5.22 19.36
N GLY A 66 -10.09 5.84 19.32
CA GLY A 66 -11.06 5.52 18.30
C GLY A 66 -10.83 6.28 17.01
N PRO A 67 -11.12 5.62 15.87
CA PRO A 67 -10.93 6.23 14.55
C PRO A 67 -11.93 7.34 14.27
N SER A 68 -11.42 8.51 13.90
CA SER A 68 -12.27 9.67 13.62
C SER A 68 -12.95 9.52 12.26
N SER A 69 -14.17 9.00 12.27
CA SER A 69 -14.93 8.81 11.04
C SER A 69 -16.09 9.80 10.96
N GLY A 70 -16.69 9.90 9.77
CA GLY A 70 -17.81 10.80 9.57
C GLY A 70 -17.37 12.16 9.05
N GLY A 1 19.60 8.92 -12.14
CA GLY A 1 19.75 7.52 -12.45
C GLY A 1 19.27 6.61 -11.34
N SER A 2 19.16 5.32 -11.64
CA SER A 2 18.69 4.35 -10.67
C SER A 2 19.84 3.47 -10.17
N SER A 3 19.73 2.99 -8.94
CA SER A 3 20.76 2.14 -8.36
C SER A 3 20.25 0.72 -8.16
N GLY A 4 19.15 0.59 -7.43
CA GLY A 4 18.58 -0.72 -7.19
C GLY A 4 17.81 -0.79 -5.88
N SER A 5 17.97 -1.88 -5.15
CA SER A 5 17.29 -2.07 -3.88
C SER A 5 18.28 -2.40 -2.77
N SER A 6 18.45 -1.46 -1.83
CA SER A 6 19.38 -1.66 -0.73
C SER A 6 19.22 -0.55 0.32
N GLY A 7 18.85 -0.94 1.54
CA GLY A 7 18.67 0.04 2.60
C GLY A 7 17.24 0.07 3.10
N MET A 8 16.33 0.55 2.25
CA MET A 8 14.93 0.63 2.62
C MET A 8 14.07 1.03 1.41
N GLU A 9 12.75 1.03 1.61
CA GLU A 9 11.83 1.39 0.53
C GLU A 9 11.44 2.86 0.61
N GLU A 10 10.86 3.38 -0.46
CA GLU A 10 10.45 4.78 -0.52
C GLU A 10 9.14 4.93 -1.28
N TRP A 11 8.12 5.45 -0.60
CA TRP A 11 6.81 5.65 -1.22
C TRP A 11 6.38 7.11 -1.12
N SER A 12 6.03 7.69 -2.25
CA SER A 12 5.59 9.08 -2.29
C SER A 12 4.11 9.21 -1.95
N ALA A 13 3.74 10.33 -1.33
CA ALA A 13 2.36 10.56 -0.95
C ALA A 13 1.42 10.31 -2.13
N SER A 14 1.70 10.97 -3.25
CA SER A 14 0.86 10.82 -4.44
C SER A 14 0.70 9.35 -4.82
N GLU A 15 1.82 8.63 -4.83
CA GLU A 15 1.81 7.21 -5.18
C GLU A 15 0.90 6.43 -4.22
N ALA A 16 1.02 6.73 -2.94
CA ALA A 16 0.22 6.06 -1.92
C ALA A 16 -1.24 5.95 -2.36
N CYS A 17 -1.85 7.09 -2.68
CA CYS A 17 -3.24 7.12 -3.10
C CYS A 17 -3.49 6.12 -4.22
N LEU A 18 -2.65 6.17 -5.25
CA LEU A 18 -2.78 5.26 -6.39
C LEU A 18 -2.94 3.81 -5.91
N PHE A 19 -2.16 3.44 -4.90
CA PHE A 19 -2.22 2.09 -4.35
C PHE A 19 -3.62 1.76 -3.86
N GLU A 20 -4.09 2.51 -2.86
CA GLU A 20 -5.42 2.29 -2.30
C GLU A 20 -6.42 1.95 -3.39
N GLU A 21 -6.59 2.87 -4.35
CA GLU A 21 -7.51 2.68 -5.45
C GLU A 21 -7.11 1.47 -6.28
N ALA A 22 -5.81 1.22 -6.38
CA ALA A 22 -5.29 0.10 -7.15
C ALA A 22 -5.86 -1.22 -6.64
N LEU A 23 -6.24 -1.25 -5.37
CA LEU A 23 -6.79 -2.46 -4.76
C LEU A 23 -8.28 -2.56 -5.02
N GLU A 24 -9.00 -1.46 -4.80
CA GLU A 24 -10.44 -1.43 -5.02
C GLU A 24 -10.78 -1.71 -6.48
N LYS A 25 -9.93 -1.22 -7.38
CA LYS A 25 -10.14 -1.43 -8.81
C LYS A 25 -9.65 -2.79 -9.24
N TYR A 26 -8.35 -3.03 -9.11
CA TYR A 26 -7.75 -4.30 -9.49
C TYR A 26 -7.87 -5.32 -8.35
N GLY A 27 -7.20 -5.04 -7.25
CA GLY A 27 -7.24 -5.94 -6.10
C GLY A 27 -5.93 -6.67 -5.90
N LYS A 28 -5.99 -7.78 -5.15
CA LYS A 28 -4.80 -8.57 -4.87
C LYS A 28 -3.89 -8.63 -6.10
N ASP A 29 -4.49 -8.52 -7.28
CA ASP A 29 -3.73 -8.56 -8.52
C ASP A 29 -2.66 -7.47 -8.54
N PHE A 30 -1.45 -7.84 -8.13
CA PHE A 30 -0.33 -6.90 -8.09
C PHE A 30 0.19 -6.63 -9.50
N ASN A 31 0.19 -7.66 -10.33
CA ASN A 31 0.67 -7.54 -11.71
C ASN A 31 -0.09 -6.46 -12.46
N ASP A 32 -1.41 -6.66 -12.59
CA ASP A 32 -2.25 -5.69 -13.28
C ASP A 32 -1.88 -4.26 -12.90
N ILE A 33 -1.78 -4.02 -11.59
CA ILE A 33 -1.43 -2.70 -11.09
C ILE A 33 -0.02 -2.29 -11.54
N ARG A 34 0.98 -2.91 -10.95
CA ARG A 34 2.37 -2.62 -11.29
C ARG A 34 2.55 -2.47 -12.79
N GLN A 35 1.64 -3.09 -13.55
CA GLN A 35 1.70 -3.02 -15.01
C GLN A 35 1.48 -1.60 -15.50
N ASP A 36 0.30 -1.06 -15.25
CA ASP A 36 -0.04 0.30 -15.65
C ASP A 36 0.03 1.26 -14.46
N PHE A 37 -0.82 1.01 -13.47
CA PHE A 37 -0.86 1.86 -12.28
C PHE A 37 0.53 2.40 -11.96
N LEU A 38 1.43 1.51 -11.56
CA LEU A 38 2.79 1.91 -11.21
C LEU A 38 3.81 0.98 -11.87
N PRO A 39 4.31 1.40 -13.05
CA PRO A 39 5.30 0.64 -13.82
C PRO A 39 6.66 0.61 -13.13
N TRP A 40 7.07 1.75 -12.60
CA TRP A 40 8.36 1.87 -11.92
C TRP A 40 8.36 1.06 -10.63
N LYS A 41 7.29 1.20 -9.84
CA LYS A 41 7.17 0.48 -8.58
C LYS A 41 7.33 -1.02 -8.79
N SER A 42 8.04 -1.67 -7.87
CA SER A 42 8.27 -3.11 -7.96
C SER A 42 6.98 -3.88 -7.69
N LEU A 43 6.97 -5.16 -8.05
CA LEU A 43 5.81 -6.00 -7.84
C LEU A 43 5.58 -6.28 -6.35
N THR A 44 6.52 -6.97 -5.73
CA THR A 44 6.44 -7.29 -4.32
C THR A 44 6.36 -6.03 -3.47
N SER A 45 7.25 -5.08 -3.75
CA SER A 45 7.29 -3.82 -3.02
C SER A 45 5.88 -3.30 -2.76
N ILE A 46 5.03 -3.38 -3.78
CA ILE A 46 3.65 -2.92 -3.67
C ILE A 46 2.83 -3.85 -2.79
N ILE A 47 3.19 -5.13 -2.79
CA ILE A 47 2.49 -6.12 -1.99
C ILE A 47 2.63 -5.84 -0.50
N GLU A 48 3.87 -5.77 -0.03
CA GLU A 48 4.15 -5.49 1.37
C GLU A 48 3.25 -4.37 1.89
N TYR A 49 2.96 -3.41 1.03
CA TYR A 49 2.13 -2.28 1.41
C TYR A 49 0.70 -2.74 1.72
N TYR A 50 0.23 -3.72 0.97
CA TYR A 50 -1.11 -4.25 1.15
C TYR A 50 -1.27 -4.83 2.56
N TYR A 51 -0.24 -5.51 3.04
CA TYR A 51 -0.27 -6.11 4.36
C TYR A 51 -0.57 -5.07 5.43
N MET A 52 0.22 -3.99 5.45
CA MET A 52 0.04 -2.92 6.41
C MET A 52 -1.39 -2.38 6.37
N TRP A 53 -1.79 -1.89 5.19
CA TRP A 53 -3.12 -1.34 5.01
C TRP A 53 -4.19 -2.34 5.45
N LYS A 54 -4.03 -3.59 5.03
CA LYS A 54 -4.98 -4.64 5.38
C LYS A 54 -5.28 -4.63 6.87
N THR A 55 -4.23 -4.81 7.67
CA THR A 55 -4.38 -4.82 9.12
C THR A 55 -4.82 -3.46 9.65
N THR A 56 -4.27 -2.39 9.06
CA THR A 56 -4.61 -1.04 9.45
C THR A 56 -6.11 -0.87 9.62
N ASP A 57 -6.86 -1.24 8.59
CA ASP A 57 -8.32 -1.13 8.64
C ASP A 57 -8.74 0.23 9.16
N ARG A 58 -8.06 1.28 8.71
CA ARG A 58 -8.37 2.64 9.13
C ARG A 58 -9.40 3.28 8.19
N TYR A 59 -9.14 3.19 6.90
CA TYR A 59 -10.04 3.75 5.90
C TYR A 59 -10.45 2.71 4.86
N VAL A 60 -11.43 1.89 5.22
CA VAL A 60 -11.92 0.85 4.32
C VAL A 60 -13.17 1.30 3.57
N GLN A 61 -13.40 0.72 2.40
CA GLN A 61 -14.56 1.07 1.59
C GLN A 61 -15.83 1.07 2.43
N GLN A 62 -16.79 1.90 2.04
CA GLN A 62 -18.05 2.01 2.76
C GLN A 62 -18.95 0.81 2.46
N LYS A 63 -19.55 0.24 3.50
CA LYS A 63 -20.43 -0.91 3.34
C LYS A 63 -21.89 -0.49 3.47
N ARG A 64 -22.71 -0.89 2.50
CA ARG A 64 -24.13 -0.56 2.51
C ARG A 64 -24.93 -1.58 1.71
N SER A 65 -26.21 -1.69 2.02
CA SER A 65 -27.09 -2.63 1.34
C SER A 65 -27.35 -2.21 -0.10
N GLY A 66 -26.47 -2.63 -1.00
CA GLY A 66 -26.62 -2.27 -2.40
C GLY A 66 -26.21 -3.40 -3.33
N PRO A 67 -25.93 -3.05 -4.60
CA PRO A 67 -25.53 -4.03 -5.62
C PRO A 67 -24.13 -4.58 -5.35
N SER A 68 -24.06 -5.74 -4.70
CA SER A 68 -22.78 -6.36 -4.39
C SER A 68 -22.25 -7.13 -5.60
N SER A 69 -21.04 -7.67 -5.46
CA SER A 69 -20.41 -8.43 -6.53
C SER A 69 -20.63 -7.74 -7.88
N GLY A 70 -20.53 -6.42 -7.89
CA GLY A 70 -20.72 -5.67 -9.12
C GLY A 70 -20.18 -6.38 -10.33
N GLY A 1 29.18 -0.20 -5.84
CA GLY A 1 28.25 0.62 -6.59
C GLY A 1 26.85 0.60 -6.01
N SER A 2 26.11 1.68 -6.22
CA SER A 2 24.75 1.79 -5.69
C SER A 2 24.76 1.87 -4.18
N SER A 3 25.69 2.66 -3.64
CA SER A 3 25.81 2.82 -2.19
C SER A 3 24.45 3.13 -1.57
N GLY A 4 24.06 2.32 -0.59
CA GLY A 4 22.79 2.52 0.07
C GLY A 4 22.33 1.30 0.83
N SER A 5 21.91 1.49 2.08
CA SER A 5 21.44 0.39 2.92
C SER A 5 20.09 -0.13 2.43
N SER A 6 19.90 -1.44 2.55
CA SER A 6 18.66 -2.07 2.12
C SER A 6 17.72 -2.27 3.31
N GLY A 7 16.44 -1.97 3.10
CA GLY A 7 15.46 -2.12 4.17
C GLY A 7 14.24 -1.24 3.97
N MET A 8 14.38 0.04 4.33
CA MET A 8 13.27 0.98 4.19
C MET A 8 13.02 1.31 2.73
N GLU A 9 11.77 1.22 2.30
CA GLU A 9 11.39 1.51 0.92
C GLU A 9 10.99 2.97 0.76
N GLU A 10 10.78 3.38 -0.48
CA GLU A 10 10.40 4.76 -0.78
C GLU A 10 8.96 4.82 -1.30
N TRP A 11 8.14 5.67 -0.69
CA TRP A 11 6.76 5.83 -1.08
C TRP A 11 6.25 7.22 -0.77
N SER A 12 5.63 7.87 -1.76
CA SER A 12 5.10 9.21 -1.59
C SER A 12 3.59 9.20 -1.51
N ALA A 13 3.01 10.35 -1.19
CA ALA A 13 1.55 10.47 -1.07
C ALA A 13 0.86 9.97 -2.33
N SER A 14 1.25 10.51 -3.48
CA SER A 14 0.67 10.12 -4.76
C SER A 14 0.61 8.60 -4.89
N GLU A 15 1.78 7.97 -4.91
CA GLU A 15 1.88 6.53 -5.03
C GLU A 15 1.05 5.83 -3.96
N ALA A 16 1.14 6.35 -2.74
CA ALA A 16 0.39 5.79 -1.61
C ALA A 16 -1.09 5.71 -1.91
N CYS A 17 -1.66 6.84 -2.34
CA CYS A 17 -3.08 6.89 -2.67
C CYS A 17 -3.43 5.93 -3.80
N LEU A 18 -2.71 6.05 -4.91
CA LEU A 18 -2.93 5.20 -6.06
C LEU A 18 -3.22 3.76 -5.63
N PHE A 19 -2.32 3.21 -4.82
CA PHE A 19 -2.48 1.85 -4.32
C PHE A 19 -3.91 1.60 -3.83
N GLU A 20 -4.32 2.39 -2.84
CA GLU A 20 -5.66 2.26 -2.27
C GLU A 20 -6.70 2.17 -3.37
N GLU A 21 -6.57 3.01 -4.40
CA GLU A 21 -7.51 3.03 -5.51
C GLU A 21 -7.43 1.72 -6.30
N ALA A 22 -6.20 1.31 -6.63
CA ALA A 22 -5.98 0.09 -7.38
C ALA A 22 -6.80 -1.06 -6.82
N LEU A 23 -6.54 -1.39 -5.56
CA LEU A 23 -7.26 -2.48 -4.89
C LEU A 23 -8.74 -2.45 -5.24
N GLU A 24 -9.31 -1.25 -5.31
CA GLU A 24 -10.72 -1.09 -5.64
C GLU A 24 -10.97 -1.41 -7.11
N LYS A 25 -10.10 -0.91 -7.98
CA LYS A 25 -10.23 -1.13 -9.42
C LYS A 25 -9.83 -2.57 -9.78
N TYR A 26 -8.57 -2.90 -9.55
CA TYR A 26 -8.06 -4.23 -9.85
C TYR A 26 -8.23 -5.16 -8.65
N GLY A 27 -7.47 -4.90 -7.59
CA GLY A 27 -7.55 -5.72 -6.39
C GLY A 27 -6.23 -6.38 -6.06
N LYS A 28 -6.26 -7.34 -5.14
CA LYS A 28 -5.06 -8.05 -4.73
C LYS A 28 -4.11 -8.25 -5.91
N ASP A 29 -4.68 -8.39 -7.10
CA ASP A 29 -3.89 -8.58 -8.31
C ASP A 29 -2.97 -7.39 -8.56
N PHE A 30 -1.77 -7.44 -7.99
CA PHE A 30 -0.81 -6.37 -8.16
C PHE A 30 -0.20 -6.38 -9.56
N ASN A 31 -0.05 -7.57 -10.11
CA ASN A 31 0.51 -7.73 -11.45
C ASN A 31 -0.08 -6.72 -12.42
N ASP A 32 -1.41 -6.67 -12.48
CA ASP A 32 -2.10 -5.75 -13.37
C ASP A 32 -1.85 -4.30 -12.94
N ILE A 33 -1.67 -4.10 -11.64
CA ILE A 33 -1.43 -2.77 -11.10
C ILE A 33 -0.03 -2.27 -11.46
N ARG A 34 0.99 -2.92 -10.93
CA ARG A 34 2.37 -2.56 -11.21
C ARG A 34 2.59 -2.37 -12.70
N GLN A 35 1.71 -2.97 -13.50
CA GLN A 35 1.82 -2.88 -14.96
C GLN A 35 1.58 -1.44 -15.43
N ASP A 36 0.36 -0.95 -15.20
CA ASP A 36 0.01 0.41 -15.60
C ASP A 36 0.02 1.35 -14.40
N PHE A 37 -0.87 1.07 -13.44
CA PHE A 37 -0.97 1.89 -12.23
C PHE A 37 0.41 2.42 -11.82
N LEU A 38 1.31 1.50 -11.50
CA LEU A 38 2.67 1.88 -11.09
C LEU A 38 3.70 1.01 -11.77
N PRO A 39 4.23 1.49 -12.91
CA PRO A 39 5.25 0.78 -13.68
C PRO A 39 6.59 0.71 -12.97
N TRP A 40 7.03 1.86 -12.45
CA TRP A 40 8.30 1.93 -11.74
C TRP A 40 8.32 0.97 -10.55
N LYS A 41 7.25 0.99 -9.77
CA LYS A 41 7.14 0.11 -8.60
C LYS A 41 7.41 -1.33 -8.99
N SER A 42 7.86 -2.13 -8.02
CA SER A 42 8.16 -3.53 -8.24
C SER A 42 6.95 -4.41 -7.94
N LEU A 43 7.10 -5.71 -8.11
CA LEU A 43 6.03 -6.65 -7.85
C LEU A 43 5.77 -6.80 -6.35
N THR A 44 6.81 -7.18 -5.61
CA THR A 44 6.70 -7.35 -4.18
C THR A 44 6.68 -6.02 -3.46
N SER A 45 7.52 -5.09 -3.93
CA SER A 45 7.61 -3.77 -3.34
C SER A 45 6.22 -3.21 -3.03
N ILE A 46 5.26 -3.50 -3.90
CA ILE A 46 3.89 -3.03 -3.73
C ILE A 46 3.14 -3.92 -2.75
N ILE A 47 3.56 -5.18 -2.64
CA ILE A 47 2.92 -6.13 -1.74
C ILE A 47 3.06 -5.68 -0.28
N GLU A 48 4.29 -5.38 0.13
CA GLU A 48 4.55 -4.94 1.48
C GLU A 48 3.54 -3.88 1.92
N TYR A 49 3.35 -2.88 1.07
CA TYR A 49 2.41 -1.80 1.37
C TYR A 49 1.05 -2.35 1.77
N TYR A 50 0.55 -3.31 0.99
CA TYR A 50 -0.75 -3.92 1.26
C TYR A 50 -0.86 -4.32 2.73
N TYR A 51 0.24 -4.80 3.29
CA TYR A 51 0.27 -5.21 4.69
C TYR A 51 0.44 -4.02 5.61
N MET A 52 1.35 -3.13 5.25
CA MET A 52 1.62 -1.93 6.06
C MET A 52 0.39 -1.04 6.11
N TRP A 53 -0.51 -1.22 5.14
CA TRP A 53 -1.73 -0.41 5.09
C TRP A 53 -2.87 -1.11 5.81
N LYS A 54 -3.21 -2.31 5.36
CA LYS A 54 -4.29 -3.09 5.96
C LYS A 54 -4.31 -2.89 7.48
N THR A 55 -3.14 -2.96 8.10
CA THR A 55 -3.03 -2.79 9.54
C THR A 55 -3.25 -1.33 9.94
N THR A 56 -2.75 -0.42 9.12
CA THR A 56 -2.89 1.01 9.38
C THR A 56 -4.25 1.33 9.98
N ASP A 57 -4.30 2.36 10.80
CA ASP A 57 -5.55 2.78 11.44
C ASP A 57 -6.17 3.95 10.71
N ARG A 58 -6.17 3.88 9.38
CA ARG A 58 -6.75 4.93 8.56
C ARG A 58 -8.10 4.51 7.99
N TYR A 59 -9.10 5.36 8.16
CA TYR A 59 -10.44 5.08 7.67
C TYR A 59 -11.02 3.84 8.35
N VAL A 60 -10.83 3.76 9.66
CA VAL A 60 -11.34 2.62 10.43
C VAL A 60 -11.61 3.02 11.88
N GLN A 61 -12.59 2.35 12.49
CA GLN A 61 -12.95 2.64 13.88
C GLN A 61 -11.72 2.96 14.71
N GLN A 62 -11.85 3.92 15.62
CA GLN A 62 -10.75 4.32 16.49
C GLN A 62 -11.25 5.10 17.69
N LYS A 63 -10.44 5.14 18.75
CA LYS A 63 -10.81 5.85 19.97
C LYS A 63 -10.20 7.25 19.97
N ARG A 64 -10.24 7.92 18.83
CA ARG A 64 -9.70 9.26 18.70
C ARG A 64 -10.52 10.10 17.72
N SER A 65 -10.66 11.38 18.01
CA SER A 65 -11.42 12.28 17.16
C SER A 65 -10.62 12.64 15.91
N GLY A 66 -11.18 12.32 14.74
CA GLY A 66 -10.52 12.61 13.49
C GLY A 66 -11.47 12.67 12.31
N PRO A 67 -12.12 13.83 12.12
CA PRO A 67 -13.07 14.03 11.02
C PRO A 67 -12.40 14.05 9.67
N SER A 68 -13.20 13.90 8.61
CA SER A 68 -12.68 13.90 7.24
C SER A 68 -13.77 14.25 6.25
N SER A 69 -13.38 14.52 5.01
CA SER A 69 -14.33 14.86 3.96
C SER A 69 -14.96 16.22 4.22
N GLY A 70 -14.13 17.18 4.63
CA GLY A 70 -14.62 18.51 4.92
C GLY A 70 -14.02 19.56 4.00
N GLY A 1 22.30 2.96 6.75
CA GLY A 1 21.47 2.31 7.76
C GLY A 1 22.28 1.48 8.73
N SER A 2 21.59 0.62 9.49
CA SER A 2 22.26 -0.23 10.47
C SER A 2 22.56 -1.61 9.87
N SER A 3 23.76 -2.12 10.18
CA SER A 3 24.18 -3.41 9.68
C SER A 3 23.75 -3.60 8.22
N GLY A 4 23.90 -2.55 7.42
CA GLY A 4 23.52 -2.61 6.03
C GLY A 4 22.06 -3.00 5.84
N SER A 5 21.17 -2.03 6.03
CA SER A 5 19.74 -2.27 5.88
C SER A 5 18.98 -0.97 5.63
N SER A 6 17.76 -1.08 5.15
CA SER A 6 16.94 0.09 4.87
C SER A 6 16.01 0.39 6.05
N GLY A 7 15.34 -0.64 6.55
CA GLY A 7 14.43 -0.46 7.67
C GLY A 7 12.98 -0.40 7.24
N MET A 8 12.72 0.30 6.14
CA MET A 8 11.36 0.43 5.62
C MET A 8 11.37 0.99 4.20
N GLU A 9 10.25 0.85 3.51
CA GLU A 9 10.13 1.35 2.14
C GLU A 9 9.69 2.82 2.13
N GLU A 10 10.08 3.53 1.08
CA GLU A 10 9.73 4.94 0.95
C GLU A 10 8.61 5.12 -0.07
N TRP A 11 7.43 5.46 0.42
CA TRP A 11 6.27 5.68 -0.45
C TRP A 11 5.74 7.09 -0.30
N SER A 12 5.48 7.75 -1.44
CA SER A 12 4.97 9.11 -1.44
C SER A 12 3.44 9.12 -1.47
N ALA A 13 2.87 10.30 -1.33
CA ALA A 13 1.41 10.45 -1.34
C ALA A 13 0.83 9.95 -2.66
N SER A 14 1.34 10.45 -3.78
CA SER A 14 0.87 10.06 -5.10
C SER A 14 0.72 8.54 -5.18
N GLU A 15 1.81 7.82 -4.90
CA GLU A 15 1.80 6.37 -4.95
C GLU A 15 0.84 5.79 -3.90
N ALA A 16 0.99 6.25 -2.66
CA ALA A 16 0.14 5.77 -1.57
C ALA A 16 -1.32 5.72 -2.00
N CYS A 17 -1.84 6.84 -2.48
CA CYS A 17 -3.22 6.92 -2.93
C CYS A 17 -3.48 5.96 -4.09
N LEU A 18 -2.58 5.98 -5.07
CA LEU A 18 -2.71 5.11 -6.23
C LEU A 18 -2.98 3.67 -5.81
N PHE A 19 -2.27 3.22 -4.78
CA PHE A 19 -2.42 1.87 -4.28
C PHE A 19 -3.87 1.61 -3.82
N GLU A 20 -4.27 2.30 -2.76
CA GLU A 20 -5.62 2.14 -2.23
C GLU A 20 -6.63 1.93 -3.36
N GLU A 21 -6.72 2.91 -4.26
CA GLU A 21 -7.65 2.84 -5.38
C GLU A 21 -7.35 1.61 -6.23
N ALA A 22 -6.08 1.26 -6.34
CA ALA A 22 -5.67 0.10 -7.14
C ALA A 22 -6.37 -1.17 -6.66
N LEU A 23 -6.33 -1.40 -5.36
CA LEU A 23 -6.97 -2.59 -4.78
C LEU A 23 -8.48 -2.52 -4.95
N GLU A 24 -8.99 -1.32 -5.19
CA GLU A 24 -10.43 -1.14 -5.36
C GLU A 24 -10.84 -1.39 -6.82
N LYS A 25 -9.99 -0.96 -7.74
CA LYS A 25 -10.26 -1.15 -9.16
C LYS A 25 -9.86 -2.55 -9.62
N TYR A 26 -8.58 -2.86 -9.53
CA TYR A 26 -8.07 -4.17 -9.92
C TYR A 26 -8.30 -5.19 -8.82
N GLY A 27 -7.63 -4.99 -7.69
CA GLY A 27 -7.78 -5.91 -6.57
C GLY A 27 -6.48 -6.60 -6.22
N LYS A 28 -6.57 -7.86 -5.82
CA LYS A 28 -5.39 -8.64 -5.45
C LYS A 28 -4.63 -9.09 -6.69
N ASP A 29 -4.39 -8.16 -7.60
CA ASP A 29 -3.67 -8.46 -8.83
C ASP A 29 -2.51 -7.48 -9.04
N PHE A 30 -1.51 -7.55 -8.16
CA PHE A 30 -0.36 -6.68 -8.24
C PHE A 30 0.14 -6.56 -9.68
N ASN A 31 0.12 -7.68 -10.39
CA ASN A 31 0.56 -7.71 -11.79
C ASN A 31 -0.04 -6.56 -12.58
N ASP A 32 -1.36 -6.51 -12.62
CA ASP A 32 -2.07 -5.45 -13.33
C ASP A 32 -1.59 -4.07 -12.88
N ILE A 33 -1.71 -3.80 -11.59
CA ILE A 33 -1.29 -2.52 -11.03
C ILE A 33 0.12 -2.17 -11.48
N ARG A 34 1.09 -2.91 -10.99
CA ARG A 34 2.49 -2.67 -11.33
C ARG A 34 2.65 -2.49 -12.85
N GLN A 35 1.67 -2.98 -13.60
CA GLN A 35 1.71 -2.87 -15.05
C GLN A 35 1.50 -1.42 -15.50
N ASP A 36 0.32 -0.88 -15.21
CA ASP A 36 0.01 0.49 -15.56
C ASP A 36 0.07 1.41 -14.35
N PHE A 37 -0.71 1.07 -13.33
CA PHE A 37 -0.75 1.87 -12.10
C PHE A 37 0.64 2.34 -11.72
N LEU A 38 1.55 1.40 -11.46
CA LEU A 38 2.91 1.73 -11.09
C LEU A 38 3.91 0.85 -11.85
N PRO A 39 4.36 1.35 -13.01
CA PRO A 39 5.31 0.64 -13.87
C PRO A 39 6.71 0.58 -13.24
N TRP A 40 7.05 1.60 -12.45
CA TRP A 40 8.34 1.66 -11.80
C TRP A 40 8.37 0.77 -10.55
N LYS A 41 7.30 0.83 -9.78
CA LYS A 41 7.20 0.03 -8.55
C LYS A 41 7.40 -1.45 -8.86
N SER A 42 7.96 -2.17 -7.90
CA SER A 42 8.21 -3.60 -8.06
C SER A 42 6.96 -4.42 -7.71
N LEU A 43 6.96 -5.68 -8.11
CA LEU A 43 5.84 -6.58 -7.84
C LEU A 43 5.56 -6.68 -6.34
N THR A 44 6.53 -7.24 -5.61
CA THR A 44 6.39 -7.39 -4.17
C THR A 44 6.33 -6.03 -3.47
N SER A 45 7.24 -5.13 -3.84
CA SER A 45 7.28 -3.80 -3.25
C SER A 45 5.87 -3.27 -3.00
N ILE A 46 5.03 -3.36 -4.02
CA ILE A 46 3.65 -2.89 -3.91
C ILE A 46 2.88 -3.68 -2.85
N ILE A 47 3.14 -4.98 -2.80
CA ILE A 47 2.47 -5.85 -1.83
C ILE A 47 2.79 -5.43 -0.40
N GLU A 48 4.08 -5.36 -0.09
CA GLU A 48 4.52 -4.97 1.24
C GLU A 48 3.58 -3.93 1.84
N TYR A 49 3.29 -2.88 1.07
CA TYR A 49 2.41 -1.83 1.52
C TYR A 49 1.07 -2.39 2.00
N TYR A 50 0.47 -3.25 1.19
CA TYR A 50 -0.80 -3.87 1.52
C TYR A 50 -0.92 -4.10 3.03
N TYR A 51 0.13 -4.66 3.62
CA TYR A 51 0.15 -4.94 5.04
C TYR A 51 0.39 -3.67 5.84
N MET A 52 1.49 -2.99 5.54
CA MET A 52 1.84 -1.75 6.23
C MET A 52 0.69 -0.75 6.17
N TRP A 53 -0.27 -1.01 5.29
CA TRP A 53 -1.42 -0.13 5.13
C TRP A 53 -2.60 -0.62 5.97
N LYS A 54 -2.88 -1.91 5.90
CA LYS A 54 -3.97 -2.51 6.66
C LYS A 54 -3.48 -3.04 7.99
N THR A 55 -2.44 -3.86 7.95
CA THR A 55 -1.87 -4.44 9.16
C THR A 55 -1.30 -3.36 10.08
N THR A 56 -1.21 -2.14 9.55
CA THR A 56 -0.68 -1.03 10.33
C THR A 56 -1.22 -1.04 11.75
N ASP A 57 -0.41 -0.56 12.69
CA ASP A 57 -0.80 -0.52 14.09
C ASP A 57 -1.65 0.72 14.37
N ARG A 58 -2.52 1.07 13.44
CA ARG A 58 -3.38 2.23 13.59
C ARG A 58 -4.63 1.87 14.39
N TYR A 59 -5.28 0.78 14.01
CA TYR A 59 -6.49 0.34 14.68
C TYR A 59 -6.23 -0.91 15.51
N VAL A 60 -5.70 -0.72 16.72
CA VAL A 60 -5.39 -1.83 17.60
C VAL A 60 -6.23 -1.76 18.88
N GLN A 61 -6.60 -0.55 19.27
CA GLN A 61 -7.41 -0.34 20.47
C GLN A 61 -8.62 0.53 20.17
N GLN A 62 -9.23 0.31 19.02
CA GLN A 62 -10.41 1.07 18.61
C GLN A 62 -10.04 2.52 18.29
N LYS A 63 -8.90 2.70 17.63
CA LYS A 63 -8.43 4.03 17.26
C LYS A 63 -9.39 4.69 16.28
N ARG A 64 -9.81 3.95 15.27
CA ARG A 64 -10.73 4.47 14.26
C ARG A 64 -10.33 5.88 13.84
N SER A 65 -9.04 6.09 13.63
CA SER A 65 -8.53 7.39 13.22
C SER A 65 -9.46 8.04 12.21
N GLY A 66 -9.66 7.37 11.07
CA GLY A 66 -10.53 7.90 10.03
C GLY A 66 -9.95 7.72 8.65
N PRO A 67 -10.76 8.01 7.63
CA PRO A 67 -10.34 7.88 6.22
C PRO A 67 -9.31 8.92 5.82
N SER A 68 -8.89 9.73 6.79
CA SER A 68 -7.91 10.77 6.54
C SER A 68 -6.60 10.18 6.01
N SER A 69 -6.16 9.10 6.65
CA SER A 69 -4.92 8.44 6.25
C SER A 69 -4.98 8.02 4.78
N GLY A 70 -4.13 8.63 3.97
CA GLY A 70 -4.10 8.31 2.55
C GLY A 70 -5.09 9.13 1.76
N GLY A 1 27.33 17.36 0.11
CA GLY A 1 26.02 17.22 -0.49
C GLY A 1 24.98 16.71 0.50
N SER A 2 23.77 17.22 0.39
CA SER A 2 22.68 16.82 1.27
C SER A 2 21.92 15.62 0.71
N SER A 3 21.32 15.82 -0.46
CA SER A 3 20.56 14.76 -1.11
C SER A 3 21.36 13.46 -1.16
N GLY A 4 20.97 12.50 -0.32
CA GLY A 4 21.66 11.23 -0.28
C GLY A 4 20.79 10.11 0.27
N SER A 5 19.66 9.87 -0.39
CA SER A 5 18.74 8.83 0.04
C SER A 5 18.87 7.58 -0.84
N SER A 6 19.29 6.49 -0.22
CA SER A 6 19.46 5.23 -0.95
C SER A 6 19.38 4.03 -0.01
N GLY A 7 18.61 3.02 -0.40
CA GLY A 7 18.46 1.84 0.42
C GLY A 7 17.01 1.52 0.72
N MET A 8 16.46 2.19 1.72
CA MET A 8 15.06 1.99 2.11
C MET A 8 14.12 2.41 1.00
N GLU A 9 12.83 2.18 1.20
CA GLU A 9 11.82 2.54 0.20
C GLU A 9 11.24 3.92 0.50
N GLU A 10 10.66 4.54 -0.54
CA GLU A 10 10.08 5.87 -0.39
C GLU A 10 8.80 5.99 -1.22
N TRP A 11 7.67 6.03 -0.54
CA TRP A 11 6.38 6.15 -1.21
C TRP A 11 5.89 7.58 -1.20
N SER A 12 5.66 8.13 -2.40
CA SER A 12 5.19 9.50 -2.53
C SER A 12 3.69 9.60 -2.27
N ALA A 13 3.24 10.75 -1.80
CA ALA A 13 1.83 10.98 -1.51
C ALA A 13 0.95 10.39 -2.61
N SER A 14 1.23 10.78 -3.86
CA SER A 14 0.47 10.29 -4.99
C SER A 14 0.50 8.77 -5.07
N GLU A 15 1.70 8.21 -5.01
CA GLU A 15 1.88 6.76 -5.09
C GLU A 15 1.04 6.06 -4.02
N ALA A 16 1.23 6.46 -2.76
CA ALA A 16 0.49 5.87 -1.65
C ALA A 16 -1.00 5.82 -1.96
N CYS A 17 -1.52 6.90 -2.53
CA CYS A 17 -2.95 6.97 -2.88
C CYS A 17 -3.28 5.99 -3.98
N LEU A 18 -2.46 5.98 -5.03
CA LEU A 18 -2.68 5.09 -6.16
C LEU A 18 -2.93 3.66 -5.69
N PHE A 19 -2.14 3.21 -4.71
CA PHE A 19 -2.29 1.87 -4.17
C PHE A 19 -3.73 1.60 -3.75
N GLU A 20 -4.21 2.39 -2.78
CA GLU A 20 -5.57 2.25 -2.28
C GLU A 20 -6.54 1.97 -3.43
N GLU A 21 -6.63 2.91 -4.36
CA GLU A 21 -7.52 2.76 -5.51
C GLU A 21 -7.18 1.53 -6.32
N ALA A 22 -5.88 1.26 -6.46
CA ALA A 22 -5.41 0.10 -7.22
C ALA A 22 -6.10 -1.18 -6.74
N LEU A 23 -6.25 -1.29 -5.42
CA LEU A 23 -6.89 -2.46 -4.83
C LEU A 23 -8.39 -2.44 -5.07
N GLU A 24 -8.98 -1.26 -5.02
CA GLU A 24 -10.42 -1.11 -5.23
C GLU A 24 -10.79 -1.42 -6.68
N LYS A 25 -9.91 -1.04 -7.60
CA LYS A 25 -10.15 -1.29 -9.02
C LYS A 25 -9.71 -2.69 -9.41
N TYR A 26 -8.40 -2.95 -9.29
CA TYR A 26 -7.85 -4.26 -9.63
C TYR A 26 -8.06 -5.26 -8.49
N GLY A 27 -7.36 -5.03 -7.38
CA GLY A 27 -7.47 -5.92 -6.24
C GLY A 27 -6.16 -6.57 -5.89
N LYS A 28 -6.23 -7.64 -5.09
CA LYS A 28 -5.04 -8.36 -4.67
C LYS A 28 -4.05 -8.50 -5.84
N ASP A 29 -4.57 -8.44 -7.06
CA ASP A 29 -3.74 -8.56 -8.24
C ASP A 29 -2.73 -7.42 -8.30
N PHE A 30 -1.46 -7.74 -8.08
CA PHE A 30 -0.39 -6.74 -8.11
C PHE A 30 0.13 -6.55 -9.53
N ASN A 31 0.12 -7.62 -10.31
CA ASN A 31 0.59 -7.58 -11.69
C ASN A 31 -0.12 -6.47 -12.46
N ASP A 32 -1.41 -6.67 -12.71
CA ASP A 32 -2.21 -5.69 -13.45
C ASP A 32 -1.85 -4.27 -13.03
N ILE A 33 -1.82 -4.04 -11.72
CA ILE A 33 -1.49 -2.72 -11.19
C ILE A 33 -0.08 -2.30 -11.58
N ARG A 34 0.92 -2.96 -11.00
CA ARG A 34 2.31 -2.66 -11.28
C ARG A 34 2.53 -2.47 -12.79
N GLN A 35 1.64 -3.07 -13.58
CA GLN A 35 1.74 -2.97 -15.03
C GLN A 35 1.52 -1.53 -15.49
N ASP A 36 0.33 -1.02 -15.26
CA ASP A 36 0.00 0.36 -15.65
C ASP A 36 0.07 1.29 -14.44
N PHE A 37 -0.78 1.04 -13.45
CA PHE A 37 -0.81 1.87 -12.25
C PHE A 37 0.58 2.40 -11.92
N LEU A 38 1.49 1.49 -11.57
CA LEU A 38 2.85 1.87 -11.22
C LEU A 38 3.85 0.93 -11.88
N PRO A 39 4.37 1.35 -13.06
CA PRO A 39 5.34 0.56 -13.81
C PRO A 39 6.71 0.51 -13.13
N TRP A 40 7.22 1.69 -12.76
CA TRP A 40 8.52 1.77 -12.10
C TRP A 40 8.54 0.94 -10.83
N LYS A 41 7.51 1.09 -10.00
CA LYS A 41 7.41 0.35 -8.74
C LYS A 41 7.49 -1.15 -9.01
N SER A 42 8.10 -1.88 -8.08
CA SER A 42 8.24 -3.32 -8.20
C SER A 42 6.94 -4.03 -7.86
N LEU A 43 6.88 -5.33 -8.15
CA LEU A 43 5.69 -6.12 -7.87
C LEU A 43 5.50 -6.31 -6.37
N THR A 44 6.47 -6.95 -5.73
CA THR A 44 6.42 -7.20 -4.29
C THR A 44 6.39 -5.89 -3.51
N SER A 45 7.28 -4.97 -3.87
CA SER A 45 7.36 -3.68 -3.20
C SER A 45 5.97 -3.15 -2.89
N ILE A 46 5.08 -3.25 -3.86
CA ILE A 46 3.71 -2.77 -3.69
C ILE A 46 2.94 -3.64 -2.71
N ILE A 47 3.18 -4.95 -2.76
CA ILE A 47 2.51 -5.89 -1.88
C ILE A 47 2.76 -5.53 -0.41
N GLU A 48 4.03 -5.33 -0.08
CA GLU A 48 4.40 -4.98 1.29
C GLU A 48 3.33 -4.10 1.94
N TYR A 49 2.96 -3.03 1.25
CA TYR A 49 1.96 -2.11 1.77
C TYR A 49 0.66 -2.84 2.10
N TYR A 50 0.20 -3.66 1.16
CA TYR A 50 -1.03 -4.41 1.33
C TYR A 50 -1.08 -5.04 2.73
N TYR A 51 0.04 -5.61 3.15
CA TYR A 51 0.12 -6.25 4.46
C TYR A 51 -0.16 -5.25 5.58
N MET A 52 0.67 -4.20 5.64
CA MET A 52 0.51 -3.17 6.65
C MET A 52 -0.92 -2.61 6.65
N TRP A 53 -1.34 -2.09 5.50
CA TRP A 53 -2.68 -1.52 5.36
C TRP A 53 -3.74 -2.51 5.85
N LYS A 54 -3.40 -3.79 5.81
CA LYS A 54 -4.32 -4.84 6.25
C LYS A 54 -4.16 -5.12 7.74
N THR A 55 -2.94 -4.94 8.24
CA THR A 55 -2.67 -5.17 9.65
C THR A 55 -2.94 -3.92 10.49
N THR A 56 -3.54 -2.92 9.85
CA THR A 56 -3.87 -1.67 10.53
C THR A 56 -4.67 -1.93 11.80
N ASP A 57 -4.47 -1.07 12.80
CA ASP A 57 -5.17 -1.21 14.07
C ASP A 57 -6.52 -0.49 14.03
N ARG A 58 -7.25 -0.68 12.94
CA ARG A 58 -8.56 -0.06 12.78
C ARG A 58 -9.67 -1.08 12.92
N TYR A 59 -10.87 -0.60 13.22
CA TYR A 59 -12.02 -1.48 13.38
C TYR A 59 -11.61 -2.81 14.01
N VAL A 60 -10.76 -2.74 15.03
CA VAL A 60 -10.29 -3.95 15.71
C VAL A 60 -10.92 -4.08 17.09
N GLN A 61 -11.14 -5.32 17.52
CA GLN A 61 -11.74 -5.57 18.83
C GLN A 61 -11.01 -4.79 19.92
N GLN A 62 -9.68 -4.82 19.88
CA GLN A 62 -8.87 -4.11 20.87
C GLN A 62 -8.61 -2.68 20.44
N LYS A 63 -9.64 -2.02 19.91
CA LYS A 63 -9.51 -0.63 19.46
C LYS A 63 -8.70 0.19 20.44
N ARG A 64 -9.11 0.15 21.71
CA ARG A 64 -8.43 0.90 22.76
C ARG A 64 -7.83 -0.04 23.81
N SER A 65 -6.60 -0.49 23.56
CA SER A 65 -5.93 -1.40 24.48
C SER A 65 -5.15 -0.62 25.53
N GLY A 66 -4.53 -1.36 26.45
CA GLY A 66 -3.75 -0.72 27.51
C GLY A 66 -2.71 0.24 26.95
N PRO A 67 -1.94 0.88 27.86
CA PRO A 67 -0.90 1.83 27.50
C PRO A 67 0.29 1.15 26.82
N SER A 68 0.39 1.31 25.50
CA SER A 68 1.48 0.72 24.74
C SER A 68 2.58 1.74 24.47
N SER A 69 3.72 1.57 25.14
CA SER A 69 4.84 2.48 24.96
C SER A 69 5.12 2.72 23.48
N GLY A 70 4.61 3.83 22.96
CA GLY A 70 4.81 4.16 21.57
C GLY A 70 4.48 3.01 20.64
N GLY A 1 24.57 19.09 -1.98
CA GLY A 1 25.10 17.81 -2.41
C GLY A 1 24.35 16.64 -1.79
N SER A 2 24.15 15.59 -2.58
CA SER A 2 23.44 14.40 -2.10
C SER A 2 24.20 13.14 -2.47
N SER A 3 24.15 12.15 -1.57
CA SER A 3 24.85 10.89 -1.79
C SER A 3 24.51 9.88 -0.70
N GLY A 4 24.73 8.60 -0.98
CA GLY A 4 24.43 7.56 -0.02
C GLY A 4 23.33 6.63 -0.48
N SER A 5 23.73 5.48 -1.03
CA SER A 5 22.77 4.50 -1.51
C SER A 5 21.54 4.45 -0.61
N SER A 6 20.37 4.71 -1.20
CA SER A 6 19.12 4.70 -0.45
C SER A 6 18.86 3.33 0.16
N GLY A 7 18.51 3.31 1.44
CA GLY A 7 18.25 2.06 2.12
C GLY A 7 16.98 1.39 1.62
N MET A 8 15.89 1.53 2.37
CA MET A 8 14.61 0.94 2.00
C MET A 8 13.90 1.79 0.95
N GLU A 9 12.91 1.20 0.30
CA GLU A 9 12.15 1.91 -0.73
C GLU A 9 11.27 2.99 -0.10
N GLU A 10 11.23 4.16 -0.74
CA GLU A 10 10.44 5.27 -0.25
C GLU A 10 9.23 5.51 -1.13
N TRP A 11 8.05 5.51 -0.53
CA TRP A 11 6.80 5.73 -1.27
C TRP A 11 6.37 7.18 -1.20
N SER A 12 5.99 7.74 -2.34
CA SER A 12 5.55 9.13 -2.40
C SER A 12 4.07 9.26 -2.05
N ALA A 13 3.72 10.35 -1.39
CA ALA A 13 2.33 10.59 -1.01
C ALA A 13 1.38 10.30 -2.16
N SER A 14 1.61 10.95 -3.29
CA SER A 14 0.77 10.76 -4.47
C SER A 14 0.57 9.27 -4.76
N GLU A 15 1.67 8.58 -5.03
CA GLU A 15 1.61 7.15 -5.34
C GLU A 15 0.76 6.41 -4.29
N ALA A 16 1.01 6.71 -3.02
CA ALA A 16 0.27 6.08 -1.94
C ALA A 16 -1.21 5.96 -2.28
N CYS A 17 -1.79 7.04 -2.77
CA CYS A 17 -3.20 7.06 -3.13
C CYS A 17 -3.50 6.01 -4.20
N LEU A 18 -2.72 6.02 -5.27
CA LEU A 18 -2.90 5.08 -6.37
C LEU A 18 -3.05 3.65 -5.83
N PHE A 19 -2.32 3.35 -4.77
CA PHE A 19 -2.37 2.02 -4.17
C PHE A 19 -3.78 1.71 -3.67
N GLU A 20 -4.30 2.55 -2.79
CA GLU A 20 -5.64 2.36 -2.24
C GLU A 20 -6.64 2.04 -3.35
N GLU A 21 -6.72 2.92 -4.34
CA GLU A 21 -7.64 2.74 -5.46
C GLU A 21 -7.27 1.49 -6.26
N ALA A 22 -5.97 1.27 -6.46
CA ALA A 22 -5.49 0.11 -7.19
C ALA A 22 -6.13 -1.17 -6.68
N LEU A 23 -6.17 -1.31 -5.36
CA LEU A 23 -6.75 -2.50 -4.74
C LEU A 23 -8.25 -2.56 -4.98
N GLU A 24 -8.90 -1.40 -4.88
CA GLU A 24 -10.35 -1.31 -5.08
C GLU A 24 -10.71 -1.66 -6.52
N LYS A 25 -9.88 -1.23 -7.46
CA LYS A 25 -10.13 -1.48 -8.88
C LYS A 25 -9.59 -2.86 -9.27
N TYR A 26 -8.28 -3.04 -9.16
CA TYR A 26 -7.66 -4.31 -9.50
C TYR A 26 -7.75 -5.29 -8.35
N GLY A 27 -7.10 -4.97 -7.23
CA GLY A 27 -7.13 -5.84 -6.07
C GLY A 27 -5.85 -6.62 -5.90
N LYS A 28 -5.91 -7.72 -5.15
CA LYS A 28 -4.75 -8.56 -4.93
C LYS A 28 -3.88 -8.63 -6.16
N ASP A 29 -4.49 -8.53 -7.33
CA ASP A 29 -3.76 -8.57 -8.60
C ASP A 29 -2.72 -7.47 -8.66
N PHE A 30 -1.53 -7.76 -8.16
CA PHE A 30 -0.45 -6.78 -8.16
C PHE A 30 0.11 -6.57 -9.57
N ASN A 31 0.15 -7.66 -10.34
CA ASN A 31 0.65 -7.60 -11.71
C ASN A 31 0.01 -6.46 -12.48
N ASP A 32 -1.30 -6.54 -12.68
CA ASP A 32 -2.03 -5.52 -13.40
C ASP A 32 -1.63 -4.13 -12.92
N ILE A 33 -1.66 -3.92 -11.61
CA ILE A 33 -1.29 -2.64 -11.03
C ILE A 33 0.11 -2.22 -11.46
N ARG A 34 1.12 -2.89 -10.91
CA ARG A 34 2.50 -2.58 -11.24
C ARG A 34 2.68 -2.41 -12.73
N GLN A 35 1.79 -3.03 -13.50
CA GLN A 35 1.86 -2.94 -14.97
C GLN A 35 1.63 -1.51 -15.43
N ASP A 36 0.43 -0.99 -15.18
CA ASP A 36 0.09 0.37 -15.58
C ASP A 36 0.14 1.32 -14.38
N PHE A 37 -0.70 1.05 -13.39
CA PHE A 37 -0.76 1.88 -12.19
C PHE A 37 0.62 2.40 -11.83
N LEU A 38 1.53 1.50 -11.51
CA LEU A 38 2.90 1.87 -11.14
C LEU A 38 3.91 0.97 -11.84
N PRO A 39 4.40 1.43 -13.00
CA PRO A 39 5.40 0.69 -13.80
C PRO A 39 6.76 0.63 -13.11
N TRP A 40 7.21 1.78 -12.61
CA TRP A 40 8.50 1.86 -11.94
C TRP A 40 8.53 0.96 -10.71
N LYS A 41 7.45 0.96 -9.95
CA LYS A 41 7.34 0.14 -8.75
C LYS A 41 7.51 -1.34 -9.09
N SER A 42 7.89 -2.13 -8.08
CA SER A 42 8.08 -3.57 -8.27
C SER A 42 6.78 -4.33 -8.05
N LEU A 43 6.84 -5.65 -8.20
CA LEU A 43 5.67 -6.49 -8.02
C LEU A 43 5.39 -6.72 -6.52
N THR A 44 6.39 -7.23 -5.82
CA THR A 44 6.26 -7.50 -4.39
C THR A 44 6.22 -6.19 -3.60
N SER A 45 7.13 -5.28 -3.92
CA SER A 45 7.21 -3.99 -3.23
C SER A 45 5.82 -3.44 -2.96
N ILE A 46 4.97 -3.46 -3.98
CA ILE A 46 3.61 -2.96 -3.84
C ILE A 46 2.82 -3.80 -2.84
N ILE A 47 3.09 -5.09 -2.80
CA ILE A 47 2.41 -5.99 -1.88
C ILE A 47 2.71 -5.63 -0.43
N GLU A 48 4.00 -5.59 -0.09
CA GLU A 48 4.42 -5.25 1.26
C GLU A 48 3.50 -4.21 1.89
N TYR A 49 3.16 -3.20 1.10
CA TYR A 49 2.29 -2.13 1.57
C TYR A 49 0.94 -2.69 2.04
N TYR A 50 0.32 -3.50 1.19
CA TYR A 50 -0.96 -4.10 1.52
C TYR A 50 -0.98 -4.63 2.95
N TYR A 51 -0.06 -5.56 3.24
CA TYR A 51 0.04 -6.15 4.57
C TYR A 51 -0.06 -5.07 5.65
N MET A 52 0.92 -4.16 5.64
CA MET A 52 0.95 -3.08 6.63
C MET A 52 -0.40 -2.37 6.69
N TRP A 53 -0.86 -1.88 5.55
CA TRP A 53 -2.14 -1.18 5.48
C TRP A 53 -3.24 -1.97 6.16
N LYS A 54 -3.09 -3.30 6.17
CA LYS A 54 -4.07 -4.18 6.79
C LYS A 54 -3.82 -4.30 8.30
N THR A 55 -2.57 -4.56 8.67
CA THR A 55 -2.20 -4.69 10.07
C THR A 55 -2.00 -3.33 10.71
N THR A 56 -2.48 -2.28 10.04
CA THR A 56 -2.35 -0.92 10.55
C THR A 56 -2.88 -0.81 11.98
N ASP A 57 -2.90 0.40 12.51
CA ASP A 57 -3.38 0.64 13.86
C ASP A 57 -2.50 -0.08 14.88
N ARG A 58 -1.19 -0.11 14.63
CA ARG A 58 -0.26 -0.76 15.52
C ARG A 58 -0.37 -0.21 16.94
N TYR A 59 -0.44 -1.10 17.92
CA TYR A 59 -0.57 -0.71 19.31
C TYR A 59 -1.62 0.38 19.48
N VAL A 60 -2.74 0.23 18.78
CA VAL A 60 -3.83 1.20 18.85
C VAL A 60 -4.03 1.69 20.27
N GLN A 61 -4.26 2.99 20.41
CA GLN A 61 -4.47 3.60 21.72
C GLN A 61 -5.96 3.69 22.05
N GLN A 62 -6.27 3.86 23.33
CA GLN A 62 -7.66 3.95 23.77
C GLN A 62 -8.39 2.62 23.56
N LYS A 63 -7.72 1.52 23.87
CA LYS A 63 -8.30 0.20 23.71
C LYS A 63 -9.02 -0.24 24.98
N ARG A 64 -9.87 -1.25 24.86
CA ARG A 64 -10.62 -1.76 26.01
C ARG A 64 -10.16 -3.17 26.37
N SER A 65 -8.84 -3.39 26.33
CA SER A 65 -8.28 -4.69 26.64
C SER A 65 -7.59 -4.66 28.01
N GLY A 66 -7.42 -5.84 28.60
CA GLY A 66 -6.78 -5.93 29.89
C GLY A 66 -5.65 -4.93 30.07
N PRO A 67 -5.35 -4.58 31.32
CA PRO A 67 -4.29 -3.63 31.65
C PRO A 67 -2.90 -4.18 31.36
N SER A 68 -2.85 -5.40 30.84
CA SER A 68 -1.58 -6.05 30.52
C SER A 68 -0.73 -5.15 29.63
N SER A 69 0.52 -4.94 30.04
CA SER A 69 1.44 -4.09 29.28
C SER A 69 2.75 -4.84 28.99
N GLY A 70 3.44 -5.25 30.05
CA GLY A 70 4.70 -5.96 29.90
C GLY A 70 4.81 -7.14 30.83
N GLY A 1 26.94 -1.71 -6.17
CA GLY A 1 26.23 -1.74 -4.90
C GLY A 1 24.77 -1.38 -5.05
N SER A 2 24.38 -0.24 -4.49
CA SER A 2 23.00 0.21 -4.55
C SER A 2 22.03 -0.96 -4.39
N SER A 3 22.35 -1.85 -3.46
CA SER A 3 21.52 -3.02 -3.20
C SER A 3 21.91 -3.71 -1.90
N GLY A 4 20.95 -4.34 -1.25
CA GLY A 4 21.23 -5.03 0.00
C GLY A 4 19.96 -5.39 0.75
N SER A 5 19.97 -5.17 2.06
CA SER A 5 18.82 -5.49 2.90
C SER A 5 18.42 -4.28 3.75
N SER A 6 19.40 -3.70 4.45
CA SER A 6 19.15 -2.55 5.30
C SER A 6 18.33 -1.49 4.55
N GLY A 7 17.57 -0.71 5.31
CA GLY A 7 16.76 0.33 4.71
C GLY A 7 15.29 -0.05 4.63
N MET A 8 14.41 0.90 4.94
CA MET A 8 12.98 0.66 4.90
C MET A 8 12.37 1.16 3.60
N GLU A 9 11.08 0.91 3.42
CA GLU A 9 10.38 1.33 2.21
C GLU A 9 10.06 2.82 2.26
N GLU A 10 10.14 3.49 1.11
CA GLU A 10 9.86 4.91 1.02
C GLU A 10 8.87 5.20 -0.11
N TRP A 11 7.63 5.49 0.27
CA TRP A 11 6.59 5.78 -0.71
C TRP A 11 6.21 7.26 -0.66
N SER A 12 5.47 7.71 -1.68
CA SER A 12 5.05 9.10 -1.76
C SER A 12 3.53 9.20 -1.85
N ALA A 13 2.99 10.35 -1.44
CA ALA A 13 1.54 10.57 -1.48
C ALA A 13 0.93 9.95 -2.73
N SER A 14 1.35 10.43 -3.90
CA SER A 14 0.84 9.93 -5.17
C SER A 14 0.75 8.41 -5.14
N GLU A 15 1.85 7.75 -4.78
CA GLU A 15 1.88 6.30 -4.72
C GLU A 15 0.87 5.76 -3.71
N ALA A 16 0.98 6.25 -2.48
CA ALA A 16 0.08 5.81 -1.41
C ALA A 16 -1.37 5.81 -1.89
N CYS A 17 -1.87 6.98 -2.27
CA CYS A 17 -3.24 7.11 -2.75
C CYS A 17 -3.54 6.06 -3.83
N LEU A 18 -2.85 6.17 -4.95
CA LEU A 18 -3.06 5.23 -6.06
C LEU A 18 -3.28 3.82 -5.54
N PHE A 19 -2.27 3.29 -4.85
CA PHE A 19 -2.37 1.93 -4.30
C PHE A 19 -3.77 1.65 -3.80
N GLU A 20 -4.19 2.38 -2.78
CA GLU A 20 -5.52 2.20 -2.20
C GLU A 20 -6.57 2.01 -3.30
N GLU A 21 -6.51 2.87 -4.32
CA GLU A 21 -7.45 2.80 -5.43
C GLU A 21 -7.27 1.51 -6.22
N ALA A 22 -6.03 1.22 -6.59
CA ALA A 22 -5.72 0.02 -7.35
C ALA A 22 -6.47 -1.19 -6.78
N LEU A 23 -6.25 -1.48 -5.51
CA LEU A 23 -6.91 -2.61 -4.86
C LEU A 23 -8.42 -2.54 -5.05
N GLU A 24 -8.93 -1.33 -5.27
CA GLU A 24 -10.36 -1.14 -5.47
C GLU A 24 -10.73 -1.31 -6.94
N LYS A 25 -9.84 -0.87 -7.82
CA LYS A 25 -10.08 -0.98 -9.26
C LYS A 25 -9.81 -2.39 -9.75
N TYR A 26 -8.56 -2.83 -9.63
CA TYR A 26 -8.16 -4.16 -10.07
C TYR A 26 -8.51 -5.21 -9.01
N GLY A 27 -7.87 -5.09 -7.85
CA GLY A 27 -8.14 -6.03 -6.77
C GLY A 27 -6.87 -6.70 -6.27
N LYS A 28 -6.97 -7.96 -5.88
CA LYS A 28 -5.83 -8.71 -5.38
C LYS A 28 -4.91 -9.13 -6.52
N ASP A 29 -4.58 -8.18 -7.39
CA ASP A 29 -3.72 -8.46 -8.53
C ASP A 29 -2.65 -7.37 -8.67
N PHE A 30 -1.51 -7.58 -8.02
CA PHE A 30 -0.42 -6.62 -8.08
C PHE A 30 0.13 -6.50 -9.49
N ASN A 31 0.25 -7.63 -10.18
CA ASN A 31 0.76 -7.66 -11.54
C ASN A 31 0.12 -6.55 -12.38
N ASP A 32 -1.16 -6.70 -12.66
CA ASP A 32 -1.89 -5.71 -13.45
C ASP A 32 -1.53 -4.29 -13.01
N ILE A 33 -1.68 -4.02 -11.72
CA ILE A 33 -1.38 -2.70 -11.18
C ILE A 33 0.02 -2.26 -11.58
N ARG A 34 1.03 -2.97 -11.08
CA ARG A 34 2.42 -2.64 -11.39
C ARG A 34 2.60 -2.44 -12.89
N GLN A 35 1.68 -2.98 -13.68
CA GLN A 35 1.76 -2.86 -15.13
C GLN A 35 1.53 -1.42 -15.57
N ASP A 36 0.34 -0.91 -15.30
CA ASP A 36 -0.01 0.46 -15.66
C ASP A 36 0.03 1.38 -14.44
N PHE A 37 -0.81 1.07 -13.45
CA PHE A 37 -0.88 1.87 -12.24
C PHE A 37 0.51 2.37 -11.84
N LEU A 38 1.41 1.44 -11.55
CA LEU A 38 2.77 1.78 -11.16
C LEU A 38 3.79 0.92 -11.90
N PRO A 39 4.29 1.43 -13.03
CA PRO A 39 5.28 0.72 -13.85
C PRO A 39 6.63 0.64 -13.17
N TRP A 40 7.02 1.71 -12.48
CA TRP A 40 8.29 1.77 -11.78
C TRP A 40 8.30 0.84 -10.57
N LYS A 41 7.18 0.82 -9.85
CA LYS A 41 7.05 -0.01 -8.66
C LYS A 41 7.31 -1.48 -9.00
N SER A 42 7.60 -2.27 -7.98
CA SER A 42 7.87 -3.69 -8.17
C SER A 42 6.66 -4.54 -7.78
N LEU A 43 6.65 -5.79 -8.22
CA LEU A 43 5.56 -6.70 -7.92
C LEU A 43 5.34 -6.81 -6.41
N THR A 44 6.38 -7.21 -5.69
CA THR A 44 6.30 -7.35 -4.25
C THR A 44 6.25 -6.00 -3.55
N SER A 45 7.16 -5.10 -3.95
CA SER A 45 7.22 -3.77 -3.38
C SER A 45 5.83 -3.22 -3.09
N ILE A 46 4.94 -3.34 -4.08
CA ILE A 46 3.57 -2.86 -3.94
C ILE A 46 2.83 -3.65 -2.86
N ILE A 47 3.07 -4.95 -2.82
CA ILE A 47 2.44 -5.82 -1.83
C ILE A 47 2.78 -5.39 -0.41
N GLU A 48 4.08 -5.27 -0.14
CA GLU A 48 4.55 -4.87 1.18
C GLU A 48 3.59 -3.87 1.81
N TYR A 49 3.30 -2.78 1.09
CA TYR A 49 2.42 -1.75 1.59
C TYR A 49 1.14 -2.36 2.18
N TYR A 50 0.55 -3.29 1.45
CA TYR A 50 -0.67 -3.95 1.90
C TYR A 50 -0.53 -4.43 3.34
N TYR A 51 0.53 -5.20 3.61
CA TYR A 51 0.77 -5.72 4.95
C TYR A 51 0.54 -4.63 6.00
N MET A 52 1.04 -3.43 5.73
CA MET A 52 0.88 -2.31 6.65
C MET A 52 -0.53 -1.76 6.60
N TRP A 53 -1.15 -1.84 5.41
CA TRP A 53 -2.50 -1.34 5.23
C TRP A 53 -3.51 -2.16 6.02
N LYS A 54 -3.32 -3.48 6.01
CA LYS A 54 -4.21 -4.38 6.73
C LYS A 54 -3.94 -4.33 8.23
N THR A 55 -2.68 -4.09 8.59
CA THR A 55 -2.29 -4.01 10.00
C THR A 55 -2.92 -2.80 10.67
N THR A 56 -2.88 -1.65 10.00
CA THR A 56 -3.44 -0.42 10.53
C THR A 56 -4.84 -0.65 11.09
N ASP A 57 -5.13 -0.04 12.23
CA ASP A 57 -6.44 -0.17 12.87
C ASP A 57 -7.47 0.73 12.20
N ARG A 58 -7.47 0.73 10.87
CA ARG A 58 -8.41 1.55 10.12
C ARG A 58 -9.69 0.79 9.80
N TYR A 59 -10.65 0.86 10.73
CA TYR A 59 -11.93 0.17 10.56
C TYR A 59 -11.73 -1.34 10.57
N VAL A 60 -10.90 -1.82 11.49
CA VAL A 60 -10.63 -3.24 11.62
C VAL A 60 -11.90 -4.07 11.41
N GLN A 61 -13.01 -3.57 11.94
CA GLN A 61 -14.29 -4.26 11.81
C GLN A 61 -14.57 -4.61 10.35
N GLN A 62 -14.36 -5.88 10.00
CA GLN A 62 -14.58 -6.35 8.64
C GLN A 62 -15.82 -5.69 8.03
N LYS A 63 -15.83 -5.56 6.72
CA LYS A 63 -16.94 -4.94 6.01
C LYS A 63 -17.97 -6.00 5.61
N ARG A 64 -19.25 -5.63 5.66
CA ARG A 64 -20.32 -6.56 5.29
C ARG A 64 -20.11 -7.10 3.88
N SER A 65 -19.38 -8.20 3.78
CA SER A 65 -19.11 -8.82 2.49
C SER A 65 -19.83 -10.16 2.36
N GLY A 66 -19.99 -10.62 1.12
CA GLY A 66 -20.66 -11.89 0.89
C GLY A 66 -19.94 -12.75 -0.13
N PRO A 67 -18.92 -13.49 0.32
CA PRO A 67 -18.12 -14.36 -0.54
C PRO A 67 -18.91 -15.57 -1.02
N SER A 68 -18.89 -15.81 -2.33
CA SER A 68 -19.61 -16.93 -2.91
C SER A 68 -18.89 -18.24 -2.64
N SER A 69 -19.62 -19.35 -2.73
CA SER A 69 -19.04 -20.67 -2.49
C SER A 69 -17.72 -20.82 -3.22
N GLY A 70 -16.63 -20.91 -2.45
CA GLY A 70 -15.31 -21.07 -3.03
C GLY A 70 -15.23 -22.26 -3.97
N GLY A 1 33.61 -0.98 -1.01
CA GLY A 1 32.52 -0.04 -1.16
C GLY A 1 31.17 -0.70 -1.12
N SER A 2 30.11 0.11 -1.14
CA SER A 2 28.74 -0.42 -1.09
C SER A 2 28.37 -1.06 -2.42
N SER A 3 27.19 -1.68 -2.46
CA SER A 3 26.72 -2.34 -3.67
C SER A 3 25.84 -1.40 -4.50
N GLY A 4 24.77 -0.91 -3.89
CA GLY A 4 23.87 -0.01 -4.58
C GLY A 4 23.22 0.99 -3.64
N SER A 5 22.43 1.89 -4.21
CA SER A 5 21.74 2.92 -3.42
C SER A 5 20.29 2.54 -3.16
N SER A 6 20.07 1.27 -2.86
CA SER A 6 18.72 0.77 -2.59
C SER A 6 18.56 0.34 -1.14
N GLY A 7 17.45 0.72 -0.52
CA GLY A 7 17.21 0.36 0.86
C GLY A 7 15.91 0.93 1.38
N MET A 8 16.00 1.93 2.26
CA MET A 8 14.82 2.56 2.84
C MET A 8 13.94 3.16 1.74
N GLU A 9 12.77 2.54 1.53
CA GLU A 9 11.84 3.01 0.52
C GLU A 9 10.82 3.98 1.12
N GLU A 10 10.48 5.01 0.37
CA GLU A 10 9.51 6.01 0.82
C GLU A 10 8.40 6.19 -0.20
N TRP A 11 7.21 5.74 0.15
CA TRP A 11 6.05 5.85 -0.73
C TRP A 11 5.47 7.26 -0.69
N SER A 12 5.55 7.97 -1.81
CA SER A 12 5.04 9.33 -1.90
C SER A 12 3.52 9.34 -1.82
N ALA A 13 2.98 10.38 -1.19
CA ALA A 13 1.53 10.51 -1.05
C ALA A 13 0.82 10.09 -2.33
N SER A 14 1.21 10.69 -3.45
CA SER A 14 0.60 10.37 -4.74
C SER A 14 0.57 8.86 -4.96
N GLU A 15 1.73 8.22 -4.88
CA GLU A 15 1.83 6.79 -5.09
C GLU A 15 0.91 6.04 -4.11
N ALA A 16 1.06 6.33 -2.83
CA ALA A 16 0.25 5.69 -1.80
C ALA A 16 -1.23 5.71 -2.17
N CYS A 17 -1.72 6.88 -2.58
CA CYS A 17 -3.12 7.03 -2.97
C CYS A 17 -3.46 6.09 -4.12
N LEU A 18 -2.57 6.01 -5.11
CA LEU A 18 -2.79 5.16 -6.27
C LEU A 18 -3.00 3.71 -5.84
N PHE A 19 -2.17 3.24 -4.93
CA PHE A 19 -2.26 1.87 -4.43
C PHE A 19 -3.68 1.58 -3.92
N GLU A 20 -4.05 2.24 -2.84
CA GLU A 20 -5.37 2.05 -2.25
C GLU A 20 -6.42 1.79 -3.33
N GLU A 21 -6.60 2.77 -4.21
CA GLU A 21 -7.58 2.66 -5.29
C GLU A 21 -7.26 1.45 -6.18
N ALA A 22 -5.98 1.17 -6.35
CA ALA A 22 -5.55 0.04 -7.17
C ALA A 22 -6.18 -1.26 -6.69
N LEU A 23 -6.33 -1.39 -5.37
CA LEU A 23 -6.93 -2.59 -4.79
C LEU A 23 -8.44 -2.57 -4.94
N GLU A 24 -9.02 -1.38 -4.95
CA GLU A 24 -10.46 -1.23 -5.09
C GLU A 24 -10.90 -1.44 -6.55
N LYS A 25 -10.04 -1.01 -7.47
CA LYS A 25 -10.33 -1.15 -8.89
C LYS A 25 -9.87 -2.51 -9.41
N TYR A 26 -8.57 -2.74 -9.37
CA TYR A 26 -8.00 -4.00 -9.84
C TYR A 26 -8.20 -5.11 -8.81
N GLY A 27 -7.56 -4.95 -7.66
CA GLY A 27 -7.68 -5.94 -6.59
C GLY A 27 -6.36 -6.61 -6.29
N LYS A 28 -6.41 -7.87 -5.87
CA LYS A 28 -5.21 -8.63 -5.54
C LYS A 28 -4.48 -9.06 -6.80
N ASP A 29 -4.26 -8.12 -7.71
CA ASP A 29 -3.57 -8.40 -8.95
C ASP A 29 -2.36 -7.48 -9.13
N PHE A 30 -1.47 -7.48 -8.15
CA PHE A 30 -0.28 -6.65 -8.20
C PHE A 30 0.24 -6.49 -9.62
N ASN A 31 0.06 -7.54 -10.42
CA ASN A 31 0.50 -7.53 -11.81
C ASN A 31 -0.19 -6.41 -12.59
N ASP A 32 -1.51 -6.49 -12.69
CA ASP A 32 -2.29 -5.47 -13.40
C ASP A 32 -1.91 -4.07 -12.93
N ILE A 33 -1.58 -3.95 -11.65
CA ILE A 33 -1.20 -2.66 -11.07
C ILE A 33 0.20 -2.26 -11.52
N ARG A 34 1.21 -2.93 -10.96
CA ARG A 34 2.59 -2.63 -11.31
C ARG A 34 2.77 -2.47 -12.82
N GLN A 35 1.84 -3.06 -13.58
CA GLN A 35 1.90 -2.98 -15.03
C GLN A 35 1.65 -1.55 -15.51
N ASP A 36 0.45 -1.04 -15.25
CA ASP A 36 0.09 0.32 -15.64
C ASP A 36 0.15 1.27 -14.45
N PHE A 37 -0.66 0.98 -13.44
CA PHE A 37 -0.70 1.82 -12.24
C PHE A 37 0.69 2.34 -11.90
N LEU A 38 1.60 1.42 -11.59
CA LEU A 38 2.97 1.79 -11.24
C LEU A 38 3.98 0.90 -11.97
N PRO A 39 4.44 1.37 -13.13
CA PRO A 39 5.42 0.65 -13.95
C PRO A 39 6.80 0.60 -13.31
N TRP A 40 7.10 1.59 -12.50
CA TRP A 40 8.39 1.67 -11.82
C TRP A 40 8.38 0.82 -10.55
N LYS A 41 7.29 0.89 -9.80
CA LYS A 41 7.17 0.12 -8.57
C LYS A 41 7.41 -1.37 -8.82
N SER A 42 7.84 -2.08 -7.78
CA SER A 42 8.10 -3.51 -7.90
C SER A 42 6.88 -4.32 -7.52
N LEU A 43 6.72 -5.49 -8.14
CA LEU A 43 5.59 -6.36 -7.87
C LEU A 43 5.41 -6.57 -6.37
N THR A 44 6.42 -7.16 -5.73
CA THR A 44 6.37 -7.41 -4.29
C THR A 44 6.27 -6.11 -3.51
N SER A 45 7.20 -5.20 -3.77
CA SER A 45 7.23 -3.91 -3.08
C SER A 45 5.81 -3.39 -2.87
N ILE A 46 5.05 -3.30 -3.95
CA ILE A 46 3.67 -2.82 -3.89
C ILE A 46 2.85 -3.64 -2.90
N ILE A 47 3.13 -4.93 -2.82
CA ILE A 47 2.43 -5.81 -1.89
C ILE A 47 2.70 -5.44 -0.45
N GLU A 48 3.98 -5.35 -0.09
CA GLU A 48 4.38 -4.99 1.26
C GLU A 48 3.40 -3.99 1.86
N TYR A 49 3.13 -2.91 1.12
CA TYR A 49 2.21 -1.88 1.59
C TYR A 49 0.88 -2.48 2.01
N TYR A 50 0.35 -3.37 1.18
CA TYR A 50 -0.93 -4.02 1.47
C TYR A 50 -1.01 -4.44 2.94
N TYR A 51 -0.06 -5.26 3.36
CA TYR A 51 -0.02 -5.74 4.74
C TYR A 51 -0.24 -4.59 5.72
N MET A 52 0.54 -3.52 5.55
CA MET A 52 0.44 -2.35 6.42
C MET A 52 -0.93 -1.70 6.29
N TRP A 53 -1.57 -1.90 5.13
CA TRP A 53 -2.88 -1.32 4.88
C TRP A 53 -3.98 -2.14 5.54
N LYS A 54 -3.82 -3.46 5.51
CA LYS A 54 -4.80 -4.35 6.12
C LYS A 54 -4.58 -4.47 7.62
N THR A 55 -3.36 -4.17 8.06
CA THR A 55 -3.02 -4.24 9.48
C THR A 55 -3.48 -2.98 10.21
N THR A 56 -4.21 -2.13 9.51
CA THR A 56 -4.71 -0.89 10.08
C THR A 56 -5.91 -1.16 11.00
N ASP A 57 -6.02 -0.36 12.06
CA ASP A 57 -7.12 -0.51 13.01
C ASP A 57 -8.41 -0.89 12.30
N ARG A 58 -8.78 -0.08 11.30
CA ARG A 58 -10.00 -0.34 10.54
C ARG A 58 -10.07 -1.79 10.09
N TYR A 59 -11.29 -2.27 9.86
CA TYR A 59 -11.51 -3.65 9.43
C TYR A 59 -11.24 -4.63 10.57
N VAL A 60 -11.93 -4.41 11.70
CA VAL A 60 -11.77 -5.28 12.86
C VAL A 60 -13.11 -5.49 13.57
N GLN A 61 -13.29 -6.68 14.12
CA GLN A 61 -14.53 -7.00 14.83
C GLN A 61 -14.38 -6.77 16.32
N GLN A 62 -15.49 -6.45 16.98
CA GLN A 62 -15.48 -6.20 18.42
C GLN A 62 -15.24 -7.48 19.20
N LYS A 63 -15.20 -7.37 20.52
CA LYS A 63 -14.97 -8.51 21.38
C LYS A 63 -13.56 -9.07 21.20
N ARG A 64 -12.58 -8.18 21.16
CA ARG A 64 -11.19 -8.57 20.99
C ARG A 64 -10.41 -8.37 22.29
N SER A 65 -10.48 -7.16 22.84
CA SER A 65 -9.77 -6.84 24.07
C SER A 65 -10.74 -6.36 25.14
N GLY A 66 -11.14 -7.28 26.02
CA GLY A 66 -12.08 -6.93 27.08
C GLY A 66 -11.41 -6.10 28.17
N PRO A 67 -12.22 -5.66 29.15
CA PRO A 67 -11.74 -4.85 30.27
C PRO A 67 -10.85 -5.65 31.22
N SER A 68 -9.60 -5.20 31.37
CA SER A 68 -8.65 -5.87 32.25
C SER A 68 -8.76 -5.34 33.67
N SER A 69 -8.57 -4.04 33.83
CA SER A 69 -8.65 -3.40 35.14
C SER A 69 -9.81 -2.44 35.21
N GLY A 70 -10.13 -1.99 36.42
CA GLY A 70 -11.22 -1.05 36.61
C GLY A 70 -12.43 -1.68 37.28
N GLY A 1 20.21 10.82 2.26
CA GLY A 1 20.81 9.80 1.42
C GLY A 1 20.38 9.92 -0.03
N SER A 2 21.16 10.64 -0.82
CA SER A 2 20.85 10.83 -2.23
C SER A 2 21.46 9.72 -3.08
N SER A 3 20.61 8.99 -3.78
CA SER A 3 21.06 7.88 -4.63
C SER A 3 21.99 6.95 -3.86
N GLY A 4 21.63 6.66 -2.61
CA GLY A 4 22.44 5.79 -1.79
C GLY A 4 22.54 4.38 -2.36
N SER A 5 21.61 3.52 -1.95
CA SER A 5 21.60 2.14 -2.43
C SER A 5 20.31 1.44 -2.02
N SER A 6 19.96 0.38 -2.76
CA SER A 6 18.75 -0.37 -2.47
C SER A 6 18.82 -1.05 -1.11
N GLY A 7 18.21 -0.42 -0.11
CA GLY A 7 18.22 -0.97 1.23
C GLY A 7 16.84 -1.02 1.84
N MET A 8 16.23 0.15 2.03
CA MET A 8 14.90 0.24 2.62
C MET A 8 13.90 0.79 1.61
N GLU A 9 12.61 0.67 1.93
CA GLU A 9 11.56 1.16 1.05
C GLU A 9 11.03 2.51 1.53
N GLU A 10 10.29 3.19 0.66
CA GLU A 10 9.73 4.49 0.99
C GLU A 10 8.68 4.91 -0.03
N TRP A 11 7.46 5.14 0.45
CA TRP A 11 6.36 5.55 -0.42
C TRP A 11 6.01 7.01 -0.20
N SER A 12 5.16 7.54 -1.07
CA SER A 12 4.74 8.93 -0.98
C SER A 12 3.22 9.06 -1.01
N ALA A 13 2.72 10.27 -0.77
CA ALA A 13 1.28 10.51 -0.76
C ALA A 13 0.65 10.08 -2.08
N SER A 14 1.19 10.57 -3.19
CA SER A 14 0.67 10.23 -4.51
C SER A 14 0.69 8.72 -4.73
N GLU A 15 1.87 8.12 -4.56
CA GLU A 15 2.02 6.68 -4.74
C GLU A 15 1.02 5.91 -3.88
N ALA A 16 0.94 6.27 -2.60
CA ALA A 16 0.03 5.62 -1.68
C ALA A 16 -1.39 5.60 -2.24
N CYS A 17 -1.96 6.77 -2.45
CA CYS A 17 -3.31 6.88 -2.99
C CYS A 17 -3.50 5.95 -4.18
N LEU A 18 -2.54 5.96 -5.09
CA LEU A 18 -2.60 5.12 -6.29
C LEU A 18 -2.88 3.67 -5.92
N PHE A 19 -2.17 3.18 -4.89
CA PHE A 19 -2.34 1.81 -4.44
C PHE A 19 -3.75 1.58 -3.90
N GLU A 20 -4.08 2.29 -2.82
CA GLU A 20 -5.39 2.17 -2.20
C GLU A 20 -6.48 1.99 -3.26
N GLU A 21 -6.47 2.87 -4.25
CA GLU A 21 -7.46 2.81 -5.33
C GLU A 21 -7.23 1.59 -6.21
N ALA A 22 -5.97 1.20 -6.37
CA ALA A 22 -5.61 0.06 -7.19
C ALA A 22 -6.30 -1.21 -6.68
N LEU A 23 -6.21 -1.44 -5.37
CA LEU A 23 -6.83 -2.62 -4.75
C LEU A 23 -8.34 -2.58 -4.92
N GLU A 24 -8.89 -1.38 -5.10
CA GLU A 24 -10.32 -1.22 -5.28
C GLU A 24 -10.73 -1.40 -6.74
N LYS A 25 -9.90 -0.90 -7.63
CA LYS A 25 -10.16 -1.00 -9.06
C LYS A 25 -9.81 -2.40 -9.58
N TYR A 26 -8.53 -2.75 -9.50
CA TYR A 26 -8.08 -4.06 -9.96
C TYR A 26 -8.33 -5.13 -8.90
N GLY A 27 -7.66 -4.99 -7.76
CA GLY A 27 -7.83 -5.96 -6.69
C GLY A 27 -6.51 -6.61 -6.29
N LYS A 28 -6.59 -7.87 -5.87
CA LYS A 28 -5.40 -8.61 -5.45
C LYS A 28 -4.58 -9.05 -6.67
N ASP A 29 -4.36 -8.14 -7.60
CA ASP A 29 -3.59 -8.43 -8.80
C ASP A 29 -2.44 -7.46 -8.97
N PHE A 30 -1.40 -7.62 -8.16
CA PHE A 30 -0.23 -6.74 -8.22
C PHE A 30 0.25 -6.58 -9.66
N ASN A 31 0.21 -7.67 -10.42
CA ASN A 31 0.65 -7.64 -11.81
C ASN A 31 -0.08 -6.55 -12.59
N ASP A 32 -1.41 -6.62 -12.58
CA ASP A 32 -2.22 -5.64 -13.28
C ASP A 32 -1.80 -4.22 -12.92
N ILE A 33 -1.75 -3.94 -11.62
CA ILE A 33 -1.36 -2.62 -11.14
C ILE A 33 0.03 -2.25 -11.62
N ARG A 34 1.03 -2.95 -11.10
CA ARG A 34 2.42 -2.70 -11.47
C ARG A 34 2.56 -2.54 -12.98
N GLN A 35 1.59 -3.08 -13.72
CA GLN A 35 1.60 -3.00 -15.18
C GLN A 35 1.44 -1.56 -15.64
N ASP A 36 0.29 -0.96 -15.35
CA ASP A 36 0.01 0.41 -15.73
C ASP A 36 0.08 1.33 -14.53
N PHE A 37 -0.73 1.05 -13.51
CA PHE A 37 -0.76 1.87 -12.31
C PHE A 37 0.63 2.38 -11.96
N LEU A 38 1.54 1.46 -11.64
CA LEU A 38 2.91 1.82 -11.28
C LEU A 38 3.91 0.89 -11.97
N PRO A 39 4.38 1.31 -13.16
CA PRO A 39 5.35 0.54 -13.94
C PRO A 39 6.72 0.50 -13.28
N TRP A 40 7.02 1.50 -12.47
CA TRP A 40 8.30 1.59 -11.79
C TRP A 40 8.30 0.74 -10.52
N LYS A 41 7.18 0.77 -9.79
CA LYS A 41 7.05 0.00 -8.56
C LYS A 41 7.18 -1.49 -8.83
N SER A 42 8.05 -2.15 -8.08
CA SER A 42 8.28 -3.58 -8.25
C SER A 42 6.99 -4.36 -8.03
N LEU A 43 7.08 -5.69 -8.05
CA LEU A 43 5.93 -6.55 -7.87
C LEU A 43 5.62 -6.73 -6.38
N THR A 44 6.62 -7.15 -5.62
CA THR A 44 6.45 -7.37 -4.18
C THR A 44 6.26 -6.04 -3.46
N SER A 45 7.12 -5.07 -3.76
CA SER A 45 7.04 -3.76 -3.13
C SER A 45 5.59 -3.34 -2.93
N ILE A 46 4.85 -3.29 -4.03
CA ILE A 46 3.44 -2.90 -3.98
C ILE A 46 2.68 -3.71 -2.93
N ILE A 47 3.02 -4.98 -2.82
CA ILE A 47 2.37 -5.86 -1.85
C ILE A 47 2.65 -5.42 -0.43
N GLU A 48 3.93 -5.33 -0.08
CA GLU A 48 4.34 -4.91 1.25
C GLU A 48 3.40 -3.83 1.79
N TYR A 49 3.21 -2.78 1.01
CA TYR A 49 2.34 -1.67 1.41
C TYR A 49 1.02 -2.20 1.97
N TYR A 50 0.45 -3.18 1.29
CA TYR A 50 -0.82 -3.78 1.72
C TYR A 50 -0.79 -4.10 3.21
N TYR A 51 0.31 -4.68 3.66
CA TYR A 51 0.47 -5.04 5.06
C TYR A 51 0.81 -3.83 5.91
N MET A 52 1.74 -3.01 5.41
CA MET A 52 2.16 -1.80 6.12
C MET A 52 1.02 -0.79 6.20
N TRP A 53 0.01 -0.99 5.35
CA TRP A 53 -1.14 -0.08 5.32
C TRP A 53 -2.20 -0.52 6.34
N LYS A 54 -2.47 -1.81 6.39
CA LYS A 54 -3.45 -2.36 7.31
C LYS A 54 -2.92 -2.35 8.74
N THR A 55 -1.62 -2.59 8.88
CA THR A 55 -0.98 -2.62 10.19
C THR A 55 -0.98 -1.24 10.82
N THR A 56 -0.72 -0.21 10.01
CA THR A 56 -0.68 1.16 10.48
C THR A 56 -2.09 1.72 10.64
N ASP A 57 -2.26 2.66 11.57
CA ASP A 57 -3.55 3.27 11.80
C ASP A 57 -3.75 4.49 10.90
N ARG A 58 -3.40 4.34 9.62
CA ARG A 58 -3.53 5.42 8.65
C ARG A 58 -4.76 6.27 8.96
N TYR A 59 -4.65 7.57 8.71
CA TYR A 59 -5.74 8.49 8.96
C TYR A 59 -6.14 8.49 10.43
N VAL A 60 -5.16 8.71 11.30
CA VAL A 60 -5.39 8.74 12.74
C VAL A 60 -4.52 9.78 13.43
N GLN A 61 -5.07 10.41 14.46
CA GLN A 61 -4.34 11.44 15.20
C GLN A 61 -2.85 11.11 15.27
N GLN A 62 -2.02 12.00 14.73
CA GLN A 62 -0.58 11.80 14.73
C GLN A 62 0.14 13.02 14.16
N LYS A 63 1.41 13.16 14.49
CA LYS A 63 2.21 14.28 14.02
C LYS A 63 2.13 14.40 12.51
N ARG A 64 2.05 15.63 12.02
CA ARG A 64 1.97 15.89 10.58
C ARG A 64 0.72 15.24 9.98
N SER A 65 -0.43 15.49 10.61
CA SER A 65 -1.69 14.93 10.15
C SER A 65 -2.67 16.04 9.78
N GLY A 66 -2.57 16.54 8.56
CA GLY A 66 -3.45 17.59 8.10
C GLY A 66 -3.04 18.95 8.63
N PRO A 67 -3.76 20.00 8.18
CA PRO A 67 -3.48 21.37 8.61
C PRO A 67 -3.85 21.62 10.07
N SER A 68 -3.08 22.47 10.74
CA SER A 68 -3.32 22.78 12.14
C SER A 68 -3.35 24.30 12.36
N SER A 69 -4.33 24.76 13.13
CA SER A 69 -4.47 26.18 13.42
C SER A 69 -4.61 26.41 14.92
N GLY A 70 -4.28 27.63 15.35
CA GLY A 70 -4.38 27.97 16.76
C GLY A 70 -3.17 28.77 17.25
#